data_2IBM
#
_entry.id   2IBM
#
_cell.length_a   125.834
_cell.length_b   166.833
_cell.length_c   211.990
_cell.angle_alpha   90.00
_cell.angle_beta   90.00
_cell.angle_gamma   90.00
#
_symmetry.space_group_name_H-M   'I 21 21 21'
#
loop_
_entity.id
_entity.type
_entity.pdbx_description
1 polymer 'Preprotein translocase secA subunit'
2 non-polymer "ADENOSINE-5'-DIPHOSPHATE"
#
_entity_poly.entity_id   1
_entity_poly.type   'polypeptide(L)'
_entity_poly.pdbx_seq_one_letter_code
;MLGILNKMFDPTKRTLNRYEKIANDIDAIRGDYENLSDDALKHKTIEFKERLEKGATTDDLLVEAFAVVREASRRVTGMF
PFKVQLMGGVALHDGNIAEMKTGEGKTLTSTLPVYLNALTGKGVHVVTVNEYLASRDAEQMGKIFEFLGLTVGLNLNSMS
KDEKREAYAADITYSTNNELGFDYLRDNMVLYKEQMVQRPLHFAVIDEVDSILIDEARTPLIISGQAAKSTKLYVQANAF
VRTLKAEKDYTYDIKTKAVQLTEEGMTKAEKAFGIDNLFDVKHVALNHHINQALKAHVAMQKDVDYVVEDGQVVIVDSFT
GRLMKGRRYSEGLHQAIEAKEGLEIQNESMTLATITFQNYFRMYEKLAGMTGTAKTEEEEFRNIYNMQVVTIPTNRPVVR
DDRPDLIYRTMEGKFKAVAEDVAQRYMTGQPVLVGTVAVETSELISKLLKNKGIPHQVLNAKNHEREAQIIEEAGQKGAV
TIATNMAGRGTDIKLGEGVKELGGLAVVGTERHESRRIDNQLRGRSGRQGDPGITQFYLSMEDELMRRFGAERTMAMLDR
FGMDDSTPIQSKMVSRAVESSQKRVEGNNFDSRKQLLQYDDVLRQQREVIYKQRFEVIDSENLREIVENMIKSSLERAIA
AYTPREELPEEWKLDGLVDLINTTYLDEGALEKSDIFGKEPDEMLELIMDRIITKYNEKEEQFGKEQMREFEKVIVLRAV
DSKWMDHIDAMDQLRQGIHLRAYAQTNPLREYQMEGFAMFEHMIESIEDEVAKFVMKAEI
;
_entity_poly.pdbx_strand_id   A,B
#
loop_
_chem_comp.id
_chem_comp.type
_chem_comp.name
_chem_comp.formula
ADP non-polymer ADENOSINE-5'-DIPHOSPHATE 'C10 H15 N5 O10 P2'
#
# COMPACT_ATOMS: atom_id res chain seq x y z
N MET A 1 6.06 6.00 -21.65
CA MET A 1 4.68 6.58 -21.78
C MET A 1 3.83 5.86 -22.87
N LEU A 2 4.21 4.63 -23.26
CA LEU A 2 3.47 3.85 -24.27
C LEU A 2 2.19 3.28 -23.67
N GLY A 3 1.15 3.10 -24.50
CA GLY A 3 -0.14 2.62 -24.03
C GLY A 3 -0.40 3.01 -22.57
N ILE A 4 -0.92 2.06 -21.80
CA ILE A 4 -0.98 2.09 -20.33
C ILE A 4 -1.15 0.63 -19.90
N LEU A 5 -0.45 0.26 -18.83
CA LEU A 5 -0.49 -1.09 -18.30
C LEU A 5 -1.85 -1.46 -17.66
N ASN A 6 -2.15 -2.76 -17.68
CA ASN A 6 -3.37 -3.34 -17.08
C ASN A 6 -4.67 -3.22 -17.90
N LYS A 7 -4.60 -2.83 -19.19
CA LYS A 7 -5.85 -2.48 -19.89
C LYS A 7 -6.25 -3.64 -20.79
N MET A 8 -5.89 -3.74 -22.02
CA MET A 8 -6.33 -5.01 -22.56
C MET A 8 -5.47 -5.44 -23.70
N PHE A 9 -5.27 -6.73 -23.91
CA PHE A 9 -4.54 -7.14 -25.12
C PHE A 9 -5.14 -8.51 -25.58
N ASP A 10 -4.54 -9.18 -26.56
CA ASP A 10 -5.07 -10.42 -27.14
C ASP A 10 -5.27 -11.68 -26.22
N PRO A 11 -5.93 -12.60 -26.94
CA PRO A 11 -6.66 -13.89 -26.63
C PRO A 11 -6.17 -15.20 -25.96
N THR A 12 -7.21 -16.12 -25.90
CA THR A 12 -7.21 -17.55 -25.45
C THR A 12 -8.22 -18.39 -26.22
N LYS A 13 -7.94 -19.69 -26.26
CA LYS A 13 -8.76 -20.69 -26.91
C LYS A 13 -8.75 -20.68 -28.43
N ARG A 14 -7.63 -20.28 -28.95
CA ARG A 14 -7.39 -20.51 -30.33
C ARG A 14 -5.97 -20.98 -30.10
N THR A 15 -5.36 -20.37 -29.08
CA THR A 15 -4.01 -20.72 -28.72
C THR A 15 -3.98 -22.15 -28.14
N LEU A 16 -4.93 -22.47 -27.26
CA LEU A 16 -5.03 -23.76 -26.60
C LEU A 16 -5.36 -24.93 -27.52
N ASN A 17 -6.33 -24.74 -28.39
CA ASN A 17 -6.73 -25.78 -29.32
C ASN A 17 -5.60 -26.12 -30.26
N ARG A 18 -4.82 -25.09 -30.62
CA ARG A 18 -3.64 -25.26 -31.46
C ARG A 18 -2.64 -26.18 -30.78
N TYR A 19 -2.46 -25.96 -29.48
CA TYR A 19 -1.54 -26.75 -28.65
C TYR A 19 -2.00 -28.18 -28.54
N GLU A 20 -3.27 -28.34 -28.20
CA GLU A 20 -3.93 -29.65 -28.13
C GLU A 20 -3.57 -30.49 -29.33
N LYS A 21 -3.70 -29.88 -30.50
CA LYS A 21 -3.49 -30.53 -31.77
C LYS A 21 -2.06 -31.02 -31.85
N ILE A 22 -1.13 -30.11 -31.57
CA ILE A 22 0.31 -30.41 -31.48
C ILE A 22 0.61 -31.63 -30.60
N ALA A 23 0.03 -31.66 -29.40
CA ALA A 23 0.23 -32.75 -28.45
C ALA A 23 -0.22 -34.05 -29.05
N ASN A 24 -1.44 -34.06 -29.58
CA ASN A 24 -1.94 -35.21 -30.29
C ASN A 24 -1.06 -35.58 -31.50
N ASP A 25 -0.49 -34.61 -32.20
CA ASP A 25 0.47 -34.92 -33.26
C ASP A 25 1.69 -35.60 -32.68
N ILE A 26 2.09 -35.16 -31.48
CA ILE A 26 3.26 -35.71 -30.84
C ILE A 26 2.99 -37.21 -30.56
N ASP A 27 1.83 -37.49 -29.98
CA ASP A 27 1.40 -38.85 -29.66
C ASP A 27 1.30 -39.71 -30.92
N ALA A 28 1.19 -39.06 -32.08
CA ALA A 28 0.92 -39.77 -33.32
C ALA A 28 2.16 -40.48 -33.78
N ILE A 29 3.28 -39.77 -33.75
CA ILE A 29 4.56 -40.36 -34.07
C ILE A 29 5.20 -41.02 -32.84
N ARG A 30 4.39 -41.37 -31.82
CA ARG A 30 4.91 -41.92 -30.56
C ARG A 30 5.57 -43.27 -30.75
N GLY A 31 5.22 -43.92 -31.86
CA GLY A 31 5.73 -45.24 -32.13
C GLY A 31 7.01 -45.16 -32.90
N ASP A 32 7.30 -44.01 -33.50
CA ASP A 32 8.49 -43.85 -34.39
C ASP A 32 9.85 -43.89 -33.65
N TYR A 33 9.79 -43.87 -32.31
CA TYR A 33 10.98 -43.76 -31.47
C TYR A 33 11.00 -44.82 -30.37
N GLU A 34 9.84 -45.44 -30.16
CA GLU A 34 9.58 -46.31 -29.02
C GLU A 34 10.41 -47.58 -29.06
N ASN A 35 10.66 -48.12 -30.25
CA ASN A 35 11.46 -49.32 -30.34
C ASN A 35 12.81 -49.08 -31.04
N LEU A 36 13.10 -47.80 -31.30
CA LEU A 36 14.39 -47.37 -31.78
C LEU A 36 15.48 -47.73 -30.77
N SER A 37 16.69 -47.99 -31.25
CA SER A 37 17.82 -48.23 -30.36
C SER A 37 18.20 -46.94 -29.64
N ASP A 38 19.20 -47.01 -28.75
CA ASP A 38 19.59 -45.85 -27.97
C ASP A 38 20.46 -44.95 -28.81
N ASP A 39 21.25 -45.55 -29.69
CA ASP A 39 22.14 -44.81 -30.54
C ASP A 39 21.32 -44.00 -31.54
N ALA A 40 20.51 -44.70 -32.32
CA ALA A 40 19.63 -44.05 -33.31
C ALA A 40 18.89 -42.83 -32.74
N LEU A 41 18.45 -42.95 -31.48
CA LEU A 41 17.82 -41.82 -30.80
C LEU A 41 18.81 -40.66 -30.71
N LYS A 42 19.95 -40.88 -30.07
CA LYS A 42 20.91 -39.79 -29.82
C LYS A 42 21.22 -39.07 -31.14
N HIS A 43 21.36 -39.84 -32.21
CA HIS A 43 21.54 -39.30 -33.53
C HIS A 43 20.52 -38.22 -33.94
N LYS A 44 19.34 -38.26 -33.33
CA LYS A 44 18.30 -37.31 -33.67
C LYS A 44 18.76 -35.91 -33.33
N THR A 45 19.44 -35.76 -32.19
CA THR A 45 19.98 -34.46 -31.81
C THR A 45 20.84 -33.87 -32.95
N ILE A 46 21.74 -34.67 -33.50
CA ILE A 46 22.57 -34.23 -34.63
C ILE A 46 21.69 -33.91 -35.82
N GLU A 47 20.84 -34.87 -36.18
CA GLU A 47 19.96 -34.73 -37.32
C GLU A 47 19.21 -33.39 -37.27
N PHE A 48 18.68 -33.07 -36.09
CA PHE A 48 18.04 -31.78 -35.83
C PHE A 48 18.96 -30.60 -36.04
N LYS A 49 20.22 -30.72 -35.58
CA LYS A 49 21.23 -29.66 -35.70
C LYS A 49 21.56 -29.40 -37.16
N GLU A 50 21.62 -30.48 -37.93
CA GLU A 50 21.88 -30.42 -39.37
C GLU A 50 20.73 -29.78 -40.09
N ARG A 51 19.52 -30.14 -39.71
CA ARG A 51 18.32 -29.62 -40.35
C ARG A 51 18.10 -28.14 -40.08
N LEU A 52 18.34 -27.73 -38.85
CA LEU A 52 18.17 -26.33 -38.45
C LEU A 52 19.06 -25.37 -39.24
N GLU A 53 20.31 -25.77 -39.42
CA GLU A 53 21.26 -24.87 -40.05
C GLU A 53 21.08 -24.84 -41.56
N LYS A 54 20.66 -25.97 -42.12
CA LYS A 54 20.44 -26.08 -43.56
C LYS A 54 19.30 -25.17 -44.00
N GLY A 55 18.35 -24.92 -43.10
CA GLY A 55 17.29 -23.96 -43.38
C GLY A 55 16.01 -24.11 -42.58
N ALA A 56 15.89 -25.22 -41.86
CA ALA A 56 14.66 -25.46 -41.10
C ALA A 56 14.62 -24.63 -39.80
N THR A 57 13.42 -24.46 -39.27
CA THR A 57 13.16 -23.63 -38.10
C THR A 57 12.90 -24.47 -36.86
N THR A 58 13.11 -23.88 -35.69
CA THR A 58 12.82 -24.55 -34.43
C THR A 58 11.38 -25.07 -34.49
N ASP A 59 10.53 -24.23 -35.07
CA ASP A 59 9.11 -24.45 -35.12
C ASP A 59 8.86 -25.63 -36.03
N ASP A 60 9.67 -25.72 -37.08
CA ASP A 60 9.57 -26.81 -38.07
C ASP A 60 9.79 -28.21 -37.49
N LEU A 61 10.52 -28.31 -36.38
CA LEU A 61 10.86 -29.61 -35.88
C LEU A 61 10.35 -29.75 -34.47
N LEU A 62 9.34 -28.96 -34.15
CA LEU A 62 8.77 -29.03 -32.81
C LEU A 62 8.21 -30.42 -32.54
N VAL A 63 7.11 -30.78 -33.19
CA VAL A 63 6.46 -32.10 -33.01
C VAL A 63 7.48 -33.18 -32.76
N GLU A 64 8.48 -33.26 -33.63
CA GLU A 64 9.49 -34.33 -33.58
C GLU A 64 10.42 -34.18 -32.40
N ALA A 65 11.02 -32.99 -32.24
CA ALA A 65 11.96 -32.77 -31.16
C ALA A 65 11.34 -33.19 -29.86
N PHE A 66 10.09 -32.75 -29.69
CA PHE A 66 9.32 -33.00 -28.49
C PHE A 66 9.10 -34.50 -28.32
N ALA A 67 8.76 -35.17 -29.41
CA ALA A 67 8.62 -36.65 -29.48
C ALA A 67 9.88 -37.42 -29.05
N VAL A 68 11.04 -36.91 -29.46
CA VAL A 68 12.35 -37.46 -29.08
C VAL A 68 12.64 -37.28 -27.59
N VAL A 69 12.37 -36.08 -27.06
CA VAL A 69 12.60 -35.81 -25.64
C VAL A 69 11.63 -36.65 -24.80
N ARG A 70 10.42 -36.82 -25.31
CA ARG A 70 9.45 -37.64 -24.64
C ARG A 70 9.97 -39.06 -24.47
N GLU A 71 10.34 -39.68 -25.59
CA GLU A 71 10.90 -41.03 -25.59
C GLU A 71 12.17 -41.13 -24.72
N ALA A 72 13.06 -40.15 -24.85
CA ALA A 72 14.26 -40.07 -24.00
C ALA A 72 13.87 -40.16 -22.53
N SER A 73 13.05 -39.21 -22.09
CA SER A 73 12.54 -39.13 -20.71
C SER A 73 12.09 -40.50 -20.18
N ARG A 74 11.17 -41.11 -20.92
CA ARG A 74 10.63 -42.43 -20.62
C ARG A 74 11.73 -43.48 -20.43
N ARG A 75 12.85 -43.27 -21.11
CA ARG A 75 13.97 -44.20 -21.01
C ARG A 75 14.93 -43.83 -19.89
N VAL A 76 15.03 -42.55 -19.57
CA VAL A 76 15.97 -42.13 -18.54
C VAL A 76 15.30 -41.93 -17.18
N THR A 77 14.20 -41.19 -17.12
CA THR A 77 13.53 -40.98 -15.83
C THR A 77 12.49 -42.02 -15.48
N GLY A 78 11.92 -42.65 -16.50
CA GLY A 78 10.84 -43.61 -16.28
C GLY A 78 9.51 -43.03 -16.71
N MET A 79 9.48 -41.69 -16.84
CA MET A 79 8.24 -40.96 -17.10
C MET A 79 8.14 -40.52 -18.56
N PHE A 80 7.03 -40.92 -19.20
CA PHE A 80 6.68 -40.49 -20.56
C PHE A 80 5.73 -39.29 -20.48
N PRO A 81 6.23 -38.04 -20.59
CA PRO A 81 5.40 -36.85 -20.35
C PRO A 81 3.98 -36.91 -20.96
N PHE A 82 2.97 -36.51 -20.18
CA PHE A 82 1.59 -36.53 -20.65
C PHE A 82 1.30 -35.40 -21.66
N LYS A 83 0.16 -35.53 -22.36
CA LYS A 83 -0.26 -34.53 -23.35
C LYS A 83 -0.38 -33.15 -22.73
N VAL A 84 -0.86 -33.11 -21.50
CA VAL A 84 -0.93 -31.84 -20.82
C VAL A 84 0.46 -31.24 -20.71
N GLN A 85 1.48 -32.05 -20.40
CA GLN A 85 2.85 -31.54 -20.35
C GLN A 85 3.35 -31.10 -21.73
N LEU A 86 3.25 -32.00 -22.72
CA LEU A 86 3.53 -31.64 -24.13
C LEU A 86 3.00 -30.24 -24.49
N MET A 87 1.73 -29.99 -24.13
CA MET A 87 1.07 -28.68 -24.25
C MET A 87 1.86 -27.59 -23.48
N GLY A 88 2.26 -27.91 -22.25
CA GLY A 88 3.07 -27.03 -21.45
C GLY A 88 4.24 -26.52 -22.27
N GLY A 89 4.97 -27.45 -22.88
CA GLY A 89 6.18 -27.14 -23.64
C GLY A 89 5.95 -26.08 -24.70
N VAL A 90 4.87 -26.25 -25.45
CA VAL A 90 4.53 -25.30 -26.51
C VAL A 90 4.34 -23.91 -25.92
N ALA A 91 3.56 -23.87 -24.83
CA ALA A 91 3.30 -22.64 -24.10
C ALA A 91 4.62 -21.92 -23.85
N LEU A 92 5.63 -22.67 -23.38
CA LEU A 92 6.99 -22.16 -23.14
C LEU A 92 7.78 -21.87 -24.42
N HIS A 93 7.64 -22.76 -25.40
CA HIS A 93 8.35 -22.58 -26.64
C HIS A 93 7.91 -21.30 -27.33
N ASP A 94 6.65 -20.87 -27.11
CA ASP A 94 6.13 -19.60 -27.66
C ASP A 94 6.52 -18.38 -26.83
N GLY A 95 7.40 -18.59 -25.85
CA GLY A 95 7.79 -17.56 -24.93
C GLY A 95 6.61 -17.03 -24.14
N ASN A 96 5.73 -17.94 -23.72
CA ASN A 96 4.56 -17.61 -22.88
C ASN A 96 4.75 -18.09 -21.45
N ILE A 97 3.75 -17.85 -20.60
CA ILE A 97 3.76 -18.43 -19.27
C ILE A 97 2.92 -19.69 -19.33
N ALA A 98 3.50 -20.82 -18.97
CA ALA A 98 2.71 -22.02 -18.88
C ALA A 98 2.22 -22.06 -17.46
N GLU A 99 0.91 -21.89 -17.26
CA GLU A 99 0.31 -22.08 -15.93
C GLU A 99 -0.26 -23.47 -15.74
N MET A 100 0.48 -24.28 -14.99
CA MET A 100 0.06 -25.62 -14.58
C MET A 100 0.17 -25.69 -13.08
N LYS A 101 -0.72 -26.43 -12.43
CA LYS A 101 -0.82 -26.39 -10.97
C LYS A 101 0.22 -27.27 -10.26
N THR A 102 0.39 -27.04 -8.98
CA THR A 102 1.31 -27.82 -8.18
C THR A 102 0.99 -29.32 -8.22
N GLY A 103 2.00 -30.10 -8.61
CA GLY A 103 1.88 -31.55 -8.73
C GLY A 103 1.68 -31.95 -10.18
N GLU A 104 2.01 -31.06 -11.12
CA GLU A 104 1.70 -31.29 -12.55
C GLU A 104 2.86 -31.74 -13.45
N GLY A 105 4.10 -31.49 -13.04
CA GLY A 105 5.23 -31.89 -13.86
C GLY A 105 5.92 -30.78 -14.65
N LYS A 106 6.06 -29.61 -14.04
CA LYS A 106 6.64 -28.47 -14.74
C LYS A 106 8.05 -28.77 -15.20
N THR A 107 8.89 -29.20 -14.27
CA THR A 107 10.30 -29.50 -14.58
C THR A 107 10.43 -30.39 -15.80
N LEU A 108 9.63 -31.46 -15.85
CA LEU A 108 9.66 -32.30 -17.03
C LEU A 108 9.37 -31.45 -18.26
N THR A 109 8.26 -30.72 -18.19
CA THR A 109 7.80 -29.93 -19.33
C THR A 109 8.92 -29.01 -19.82
N SER A 110 9.69 -28.47 -18.87
CA SER A 110 10.77 -27.57 -19.20
C SER A 110 11.84 -28.25 -20.09
N THR A 111 12.16 -29.52 -19.86
CA THR A 111 13.10 -30.22 -20.72
C THR A 111 12.73 -30.12 -22.20
N LEU A 112 11.43 -30.27 -22.47
CA LEU A 112 10.90 -30.31 -23.83
C LEU A 112 11.36 -29.11 -24.67
N PRO A 113 10.92 -27.89 -24.31
CA PRO A 113 11.37 -26.76 -25.11
C PRO A 113 12.81 -26.37 -24.81
N VAL A 114 13.31 -26.64 -23.60
CA VAL A 114 14.71 -26.34 -23.29
C VAL A 114 15.57 -27.01 -24.35
N TYR A 115 15.41 -28.32 -24.49
CA TYR A 115 16.04 -29.06 -25.56
C TYR A 115 15.88 -28.38 -26.92
N LEU A 116 14.63 -28.25 -27.39
CA LEU A 116 14.38 -27.69 -28.70
C LEU A 116 15.25 -26.44 -28.91
N ASN A 117 15.17 -25.52 -27.98
CA ASN A 117 15.83 -24.23 -28.14
C ASN A 117 17.33 -24.20 -27.79
N ALA A 118 17.87 -25.36 -27.39
CA ALA A 118 19.27 -25.49 -27.03
C ALA A 118 20.08 -26.03 -28.18
N LEU A 119 19.40 -26.48 -29.23
CA LEU A 119 20.05 -27.13 -30.39
C LEU A 119 20.86 -26.16 -31.24
N THR A 120 20.50 -24.88 -31.17
CA THR A 120 21.20 -23.80 -31.85
C THR A 120 22.63 -23.66 -31.34
N GLY A 121 22.84 -23.96 -30.06
CA GLY A 121 24.16 -23.83 -29.43
C GLY A 121 24.37 -22.44 -28.87
N LYS A 122 23.31 -21.60 -28.99
CA LYS A 122 23.23 -20.28 -28.38
C LYS A 122 23.15 -20.36 -26.83
N GLY A 123 22.64 -21.49 -26.29
CA GLY A 123 22.46 -21.63 -24.84
C GLY A 123 21.04 -21.37 -24.34
N VAL A 124 20.73 -21.90 -23.16
CA VAL A 124 19.42 -21.76 -22.54
C VAL A 124 19.58 -21.63 -21.00
N HIS A 125 18.73 -20.83 -20.37
CA HIS A 125 18.88 -20.61 -18.92
C HIS A 125 17.62 -21.03 -18.21
N VAL A 126 17.74 -22.04 -17.36
CA VAL A 126 16.59 -22.61 -16.71
C VAL A 126 16.58 -22.10 -15.30
N VAL A 127 15.68 -21.17 -15.02
CA VAL A 127 15.73 -20.36 -13.80
C VAL A 127 14.82 -20.88 -12.72
N THR A 128 15.41 -21.08 -11.55
CA THR A 128 14.63 -21.35 -10.37
C THR A 128 14.96 -20.36 -9.25
N VAL A 129 14.23 -20.46 -8.14
CA VAL A 129 14.25 -19.44 -7.09
C VAL A 129 15.48 -19.47 -6.19
N ASN A 130 16.06 -20.66 -6.04
CA ASN A 130 17.14 -20.90 -5.09
C ASN A 130 18.13 -22.02 -5.50
N GLU A 131 19.34 -21.92 -4.96
CA GLU A 131 20.44 -22.86 -5.16
C GLU A 131 20.01 -24.31 -5.27
N TYR A 132 19.36 -24.81 -4.22
CA TYR A 132 19.01 -26.21 -4.10
C TYR A 132 18.13 -26.69 -5.25
N LEU A 133 17.09 -25.93 -5.58
CA LEU A 133 16.17 -26.30 -6.65
C LEU A 133 16.80 -26.32 -8.01
N ALA A 134 17.82 -25.49 -8.23
CA ALA A 134 18.66 -25.62 -9.41
C ALA A 134 19.43 -26.96 -9.31
N SER A 135 20.42 -27.00 -8.42
CA SER A 135 21.26 -28.17 -8.25
C SER A 135 20.50 -29.49 -8.45
N ARG A 136 19.30 -29.56 -7.90
CA ARG A 136 18.47 -30.75 -8.01
C ARG A 136 17.98 -30.95 -9.45
N ASP A 137 17.23 -29.98 -9.97
CA ASP A 137 16.76 -30.02 -11.35
C ASP A 137 17.90 -30.25 -12.38
N ALA A 138 19.07 -29.67 -12.06
CA ALA A 138 20.28 -29.77 -12.89
C ALA A 138 20.78 -31.20 -12.89
N GLU A 139 20.80 -31.82 -11.72
CA GLU A 139 21.28 -33.18 -11.51
C GLU A 139 20.30 -34.22 -12.07
N GLN A 140 19.01 -33.93 -12.06
CA GLN A 140 17.99 -34.94 -12.44
C GLN A 140 17.59 -34.94 -13.92
N MET A 141 17.30 -33.74 -14.41
CA MET A 141 17.03 -33.51 -15.84
C MET A 141 18.35 -33.38 -16.61
N GLY A 142 19.42 -33.01 -15.90
CA GLY A 142 20.76 -33.12 -16.43
C GLY A 142 20.83 -34.41 -17.22
N LYS A 143 20.60 -35.53 -16.54
CA LYS A 143 20.54 -36.82 -17.19
C LYS A 143 19.85 -36.78 -18.55
N ILE A 144 18.56 -36.50 -18.60
CA ILE A 144 17.87 -36.54 -19.87
C ILE A 144 18.53 -35.74 -20.99
N PHE A 145 18.98 -34.49 -20.77
CA PHE A 145 19.66 -33.72 -21.85
C PHE A 145 20.96 -34.38 -22.32
N GLU A 146 21.75 -34.86 -21.36
CA GLU A 146 23.05 -35.39 -21.66
C GLU A 146 22.84 -36.60 -22.52
N PHE A 147 21.80 -37.38 -22.20
CA PHE A 147 21.52 -38.59 -22.96
C PHE A 147 21.29 -38.24 -24.40
N LEU A 148 20.69 -37.10 -24.67
CA LEU A 148 20.43 -36.75 -26.06
C LEU A 148 21.66 -36.11 -26.71
N GLY A 149 22.73 -35.95 -25.93
CA GLY A 149 23.99 -35.39 -26.42
C GLY A 149 24.10 -33.88 -26.26
N LEU A 150 23.87 -33.40 -25.04
CA LEU A 150 23.89 -31.99 -24.76
C LEU A 150 24.56 -31.74 -23.42
N THR A 151 25.23 -30.61 -23.32
CA THR A 151 25.92 -30.24 -22.08
C THR A 151 25.04 -29.44 -21.10
N VAL A 152 24.87 -29.98 -19.90
CA VAL A 152 24.18 -29.25 -18.82
C VAL A 152 25.23 -28.54 -17.94
N GLY A 153 24.87 -27.38 -17.40
CA GLY A 153 25.77 -26.60 -16.55
C GLY A 153 25.08 -26.02 -15.32
N LEU A 154 25.72 -26.13 -14.16
CA LEU A 154 25.16 -25.57 -12.94
C LEU A 154 25.98 -24.35 -12.49
N ASN A 155 25.30 -23.23 -12.29
CA ASN A 155 25.92 -21.98 -11.87
C ASN A 155 25.55 -21.62 -10.41
N LEU A 156 26.54 -21.64 -9.52
CA LEU A 156 26.31 -21.31 -8.12
C LEU A 156 27.18 -20.16 -7.66
N ASN A 157 26.87 -19.64 -6.48
CA ASN A 157 27.57 -18.49 -5.93
C ASN A 157 28.95 -18.86 -5.45
N SER A 158 29.16 -20.13 -5.15
CA SER A 158 30.48 -20.61 -4.76
C SER A 158 31.52 -20.57 -5.90
N MET A 159 31.13 -21.03 -7.09
CA MET A 159 32.06 -21.24 -8.22
C MET A 159 33.03 -20.08 -8.52
N SER A 160 34.23 -20.44 -8.97
CA SER A 160 35.25 -19.50 -9.43
C SER A 160 34.84 -18.75 -10.72
N LYS A 161 35.34 -17.54 -10.91
CA LYS A 161 35.06 -16.81 -12.16
C LYS A 161 35.48 -17.60 -13.39
N ASP A 162 35.94 -18.84 -13.17
CA ASP A 162 36.32 -19.74 -14.24
C ASP A 162 35.21 -20.76 -14.42
N GLU A 163 35.01 -21.60 -13.40
CA GLU A 163 33.95 -22.61 -13.43
C GLU A 163 32.60 -22.08 -13.92
N LYS A 164 32.32 -20.83 -13.58
CA LYS A 164 31.12 -20.12 -14.02
C LYS A 164 31.04 -19.94 -15.53
N ARG A 165 32.14 -19.47 -16.11
CA ARG A 165 32.19 -19.30 -17.56
C ARG A 165 31.88 -20.63 -18.23
N GLU A 166 32.47 -21.68 -17.68
CA GLU A 166 32.41 -23.04 -18.16
C GLU A 166 30.99 -23.59 -18.09
N ALA A 167 30.22 -23.14 -17.10
CA ALA A 167 28.79 -23.45 -17.03
C ALA A 167 27.97 -22.64 -18.08
N TYR A 168 28.19 -21.34 -18.17
CA TYR A 168 27.56 -20.54 -19.21
C TYR A 168 27.99 -21.01 -20.59
N ALA A 169 29.07 -21.80 -20.63
CA ALA A 169 29.54 -22.43 -21.86
C ALA A 169 28.58 -23.55 -22.30
N ALA A 170 28.05 -24.31 -21.34
CA ALA A 170 27.17 -25.44 -21.62
C ALA A 170 25.95 -25.09 -22.47
N ASP A 171 25.50 -26.04 -23.30
CA ASP A 171 24.28 -25.86 -24.12
C ASP A 171 23.13 -25.36 -23.24
N ILE A 172 23.01 -25.97 -22.05
CA ILE A 172 21.95 -25.68 -21.07
C ILE A 172 22.59 -25.35 -19.69
N THR A 173 22.15 -24.27 -19.05
CA THR A 173 22.70 -23.84 -17.75
C THR A 173 21.60 -23.52 -16.72
N TYR A 174 21.79 -23.99 -15.50
CA TYR A 174 20.83 -23.81 -14.40
C TYR A 174 21.36 -22.82 -13.39
N SER A 175 20.48 -21.96 -12.87
CA SER A 175 20.90 -20.93 -11.93
C SER A 175 19.71 -20.36 -11.11
N THR A 176 20.02 -19.78 -9.94
CA THR A 176 19.05 -18.97 -9.23
C THR A 176 19.01 -17.59 -9.88
N ASN A 177 17.80 -17.05 -10.01
CA ASN A 177 17.63 -15.68 -10.45
C ASN A 177 18.80 -14.77 -10.03
N ASN A 178 19.16 -14.80 -8.75
CA ASN A 178 20.08 -13.80 -8.26
C ASN A 178 21.42 -13.81 -8.97
N GLU A 179 22.04 -14.98 -9.03
CA GLU A 179 23.30 -15.16 -9.75
C GLU A 179 23.25 -14.65 -11.17
N LEU A 180 22.18 -15.01 -11.89
CA LEU A 180 22.01 -14.45 -13.22
C LEU A 180 22.14 -12.93 -13.18
N GLY A 181 21.47 -12.29 -12.23
CA GLY A 181 21.58 -10.84 -12.00
C GLY A 181 22.99 -10.41 -11.65
N PHE A 182 23.53 -11.00 -10.61
CA PHE A 182 24.92 -10.77 -10.21
C PHE A 182 25.95 -10.94 -11.34
N ASP A 183 26.00 -12.14 -11.91
CA ASP A 183 26.99 -12.45 -12.92
C ASP A 183 26.95 -11.43 -14.04
N TYR A 184 25.76 -11.03 -14.45
CA TYR A 184 25.65 -9.92 -15.40
C TYR A 184 26.41 -8.71 -14.88
N LEU A 185 26.04 -8.24 -13.69
CA LEU A 185 26.62 -7.01 -13.12
C LEU A 185 28.12 -7.07 -12.93
N ARG A 186 28.59 -8.20 -12.40
CA ARG A 186 29.99 -8.44 -12.17
C ARG A 186 30.76 -8.42 -13.49
N ASP A 187 30.16 -8.98 -14.53
CA ASP A 187 30.71 -8.91 -15.89
C ASP A 187 30.99 -7.47 -16.35
N ASN A 188 30.19 -6.52 -15.85
CA ASN A 188 30.35 -5.11 -16.19
C ASN A 188 31.10 -4.31 -15.12
N MET A 189 32.13 -4.93 -14.55
CA MET A 189 33.05 -4.25 -13.64
C MET A 189 34.41 -4.84 -13.85
N VAL A 190 34.58 -5.41 -15.04
CA VAL A 190 35.72 -6.22 -15.42
C VAL A 190 36.89 -5.35 -15.93
N LEU A 191 38.12 -5.83 -15.73
CA LEU A 191 39.34 -5.13 -16.20
C LEU A 191 39.87 -5.72 -17.48
N TYR A 192 39.62 -7.02 -17.69
CA TYR A 192 39.96 -7.69 -18.95
C TYR A 192 38.72 -8.45 -19.40
N LYS A 193 38.40 -8.32 -20.69
CA LYS A 193 37.18 -8.87 -21.26
C LYS A 193 36.96 -10.36 -21.05
N GLU A 194 38.03 -11.12 -20.85
CA GLU A 194 37.90 -12.56 -20.60
C GLU A 194 37.05 -12.78 -19.36
N GLN A 195 37.37 -12.04 -18.31
CA GLN A 195 36.88 -12.30 -16.96
C GLN A 195 35.38 -12.52 -16.95
N MET A 196 34.68 -11.79 -17.81
CA MET A 196 33.24 -11.99 -18.02
C MET A 196 32.89 -13.47 -18.08
N VAL A 197 31.85 -13.85 -17.35
CA VAL A 197 31.40 -15.24 -17.31
C VAL A 197 30.23 -15.55 -18.26
N GLN A 198 29.42 -14.53 -18.58
CA GLN A 198 28.20 -14.71 -19.37
C GLN A 198 28.44 -14.73 -20.87
N ARG A 199 27.59 -15.47 -21.56
CA ARG A 199 27.44 -15.34 -22.99
C ARG A 199 26.21 -14.46 -23.22
N PRO A 200 26.02 -13.99 -24.47
CA PRO A 200 24.77 -13.36 -24.85
C PRO A 200 23.52 -14.00 -24.26
N LEU A 201 22.60 -13.19 -23.78
CA LEU A 201 21.43 -13.74 -23.14
C LEU A 201 20.41 -14.15 -24.21
N HIS A 202 20.39 -15.44 -24.52
CA HIS A 202 19.47 -16.00 -25.53
C HIS A 202 18.08 -16.17 -24.93
N PHE A 203 17.88 -17.27 -24.22
CA PHE A 203 16.56 -17.68 -23.77
C PHE A 203 16.59 -17.80 -22.28
N ALA A 204 15.49 -17.44 -21.63
CA ALA A 204 15.36 -17.75 -20.21
C ALA A 204 14.01 -18.34 -19.92
N VAL A 205 14.03 -19.41 -19.15
CA VAL A 205 12.86 -20.12 -18.69
C VAL A 205 12.85 -20.04 -17.16
N ILE A 206 12.08 -19.08 -16.61
CA ILE A 206 11.88 -19.00 -15.16
C ILE A 206 10.84 -20.02 -14.73
N ASP A 207 11.19 -20.85 -13.75
CA ASP A 207 10.20 -21.71 -13.11
C ASP A 207 9.83 -20.98 -11.82
N GLU A 208 8.56 -21.06 -11.40
CA GLU A 208 8.03 -20.24 -10.29
C GLU A 208 8.12 -18.76 -10.63
N VAL A 209 7.81 -18.45 -11.88
CA VAL A 209 7.92 -17.10 -12.44
C VAL A 209 7.27 -15.97 -11.63
N ASP A 210 6.16 -16.23 -10.93
CA ASP A 210 5.53 -15.23 -10.03
C ASP A 210 6.39 -14.73 -8.87
N SER A 211 6.94 -15.67 -8.10
CA SER A 211 7.82 -15.34 -7.02
C SER A 211 8.91 -14.46 -7.59
N ILE A 212 9.64 -14.94 -8.59
CA ILE A 212 10.71 -14.19 -9.26
C ILE A 212 10.29 -12.83 -9.90
N LEU A 213 9.41 -12.85 -10.89
CA LEU A 213 9.00 -11.61 -11.55
C LEU A 213 7.92 -10.79 -10.83
N ILE A 214 7.10 -11.38 -9.98
CA ILE A 214 6.04 -10.54 -9.42
C ILE A 214 6.30 -10.07 -8.01
N ASP A 215 6.87 -10.96 -7.20
CA ASP A 215 7.07 -10.70 -5.76
C ASP A 215 8.44 -10.17 -5.44
N GLU A 216 9.46 -10.74 -6.11
CA GLU A 216 10.85 -10.35 -5.92
C GLU A 216 11.25 -9.19 -6.82
N ALA A 217 10.30 -8.78 -7.63
CA ALA A 217 10.46 -7.59 -8.43
C ALA A 217 10.72 -6.35 -7.57
N ARG A 218 10.05 -6.26 -6.42
CA ARG A 218 10.02 -4.99 -5.66
C ARG A 218 11.34 -4.64 -4.96
N THR A 219 12.28 -5.58 -4.97
CA THR A 219 13.63 -5.33 -4.52
C THR A 219 14.49 -5.10 -5.77
N PRO A 220 15.43 -4.14 -5.71
CA PRO A 220 16.47 -4.12 -6.72
C PRO A 220 17.49 -5.22 -6.41
N LEU A 221 18.42 -5.48 -7.32
CA LEU A 221 19.62 -6.24 -6.97
C LEU A 221 20.76 -5.29 -6.71
N ILE A 222 21.33 -5.41 -5.52
CA ILE A 222 22.38 -4.51 -5.09
C ILE A 222 23.67 -5.28 -4.85
N ILE A 223 24.75 -4.60 -5.17
CA ILE A 223 26.06 -5.08 -4.85
C ILE A 223 26.77 -4.13 -3.91
N SER A 224 27.30 -4.56 -2.80
CA SER A 224 27.89 -3.53 -1.97
C SER A 224 29.00 -4.00 -1.12
N GLY A 225 29.87 -3.06 -0.88
CA GLY A 225 31.10 -3.24 -0.23
C GLY A 225 31.88 -2.07 -0.72
N GLN A 226 32.42 -1.34 0.21
CA GLN A 226 33.15 -0.16 0.00
C GLN A 226 34.61 -0.32 0.40
N ALA A 227 35.57 0.27 -0.31
CA ALA A 227 37.00 0.16 0.05
C ALA A 227 37.74 1.51 -0.25
N ALA A 228 37.21 2.68 0.15
CA ALA A 228 37.93 3.92 -0.16
C ALA A 228 39.12 4.18 0.82
N LYS A 229 39.55 3.14 1.58
CA LYS A 229 40.54 3.29 2.66
C LYS A 229 40.08 4.53 3.36
N SER A 230 38.76 4.54 3.46
CA SER A 230 37.90 5.64 3.89
C SER A 230 37.97 6.36 5.26
N THR A 231 37.19 5.88 6.22
CA THR A 231 36.95 6.60 7.48
C THR A 231 38.23 7.24 8.00
N LYS A 232 39.23 6.41 8.23
CA LYS A 232 40.52 6.82 8.77
C LYS A 232 41.15 7.99 7.99
N LEU A 233 41.20 7.87 6.68
CA LEU A 233 41.83 8.88 5.81
C LEU A 233 41.12 10.23 5.77
N TYR A 234 39.79 10.21 5.94
CA TYR A 234 38.98 11.44 5.91
C TYR A 234 39.27 12.37 7.08
N VAL A 235 39.60 11.78 8.23
CA VAL A 235 40.03 12.54 9.39
C VAL A 235 41.35 13.23 9.03
N GLN A 236 42.22 12.48 8.35
CA GLN A 236 43.58 12.90 8.04
C GLN A 236 43.62 13.95 6.95
N ALA A 237 42.68 13.87 6.02
CA ALA A 237 42.51 14.89 5.00
C ALA A 237 42.16 16.21 5.67
N ASN A 238 41.41 16.11 6.78
CA ASN A 238 40.94 17.26 7.53
C ASN A 238 41.96 17.82 8.53
N ALA A 239 43.15 17.22 8.54
CA ALA A 239 44.23 17.73 9.40
C ALA A 239 44.74 19.08 8.89
N PHE A 240 44.32 19.43 7.67
CA PHE A 240 44.78 20.66 7.02
C PHE A 240 43.94 21.90 7.31
N VAL A 241 43.26 21.91 8.48
CA VAL A 241 42.51 23.06 8.95
C VAL A 241 43.52 24.22 9.04
N ARG A 242 44.74 24.03 9.53
CA ARG A 242 45.66 25.17 9.64
C ARG A 242 46.61 25.41 8.44
N THR A 243 47.12 26.59 8.42
CA THR A 243 48.09 27.15 7.45
C THR A 243 47.70 26.87 6.00
N LEU A 244 46.46 27.20 5.68
CA LEU A 244 45.94 27.09 4.30
C LEU A 244 46.26 28.42 3.56
N LYS A 245 47.58 28.69 3.51
CA LYS A 245 48.23 29.76 2.79
C LYS A 245 48.84 29.20 1.51
N ALA A 246 49.87 28.37 1.68
CA ALA A 246 50.63 27.84 0.54
C ALA A 246 49.83 26.90 -0.37
N GLU A 247 48.78 26.29 0.17
CA GLU A 247 47.95 25.36 -0.60
C GLU A 247 46.50 25.82 -0.78
N LYS A 248 46.14 26.93 -0.11
CA LYS A 248 44.81 27.54 -0.29
C LYS A 248 44.78 27.92 -1.77
N ASP A 249 44.37 26.94 -2.56
CA ASP A 249 44.34 27.01 -4.02
C ASP A 249 43.45 28.11 -4.59
N TYR A 250 43.52 28.29 -5.91
CA TYR A 250 42.78 29.34 -6.58
C TYR A 250 41.26 29.13 -6.52
N THR A 251 40.52 30.25 -6.75
CA THR A 251 39.06 30.24 -6.77
C THR A 251 38.54 29.73 -8.11
N TYR A 252 37.21 29.64 -8.24
CA TYR A 252 36.67 29.11 -9.50
C TYR A 252 35.34 29.63 -9.96
N ASP A 253 34.91 28.85 -10.96
CA ASP A 253 33.74 29.13 -11.77
C ASP A 253 32.70 28.01 -11.84
N ILE A 254 31.50 28.43 -12.23
CA ILE A 254 30.33 27.55 -12.39
C ILE A 254 29.99 26.80 -11.10
N LYS A 255 29.62 25.54 -11.25
CA LYS A 255 29.28 24.72 -10.11
C LYS A 255 30.46 24.36 -9.18
N THR A 256 31.71 24.10 -9.70
CA THR A 256 32.80 23.73 -8.75
C THR A 256 34.16 23.37 -9.36
N LYS A 257 35.26 23.74 -8.70
CA LYS A 257 36.64 23.34 -9.11
C LYS A 257 37.70 23.98 -8.22
N ALA A 258 38.40 23.15 -7.44
CA ALA A 258 39.45 23.62 -6.57
C ALA A 258 40.75 22.87 -6.86
N VAL A 259 40.66 21.75 -7.58
CA VAL A 259 41.79 20.85 -7.92
C VAL A 259 43.22 21.34 -7.62
N GLN A 260 43.61 22.49 -8.18
CA GLN A 260 44.96 23.02 -8.04
C GLN A 260 45.48 23.18 -6.61
N LEU A 261 46.80 23.11 -6.45
CA LEU A 261 47.46 23.23 -5.14
C LEU A 261 48.89 23.70 -5.35
N THR A 262 49.31 24.73 -4.64
CA THR A 262 50.68 25.23 -4.81
C THR A 262 51.68 24.20 -4.27
N GLU A 263 52.83 24.12 -4.97
CA GLU A 263 53.87 23.14 -4.72
C GLU A 263 54.21 22.98 -3.24
N GLU A 264 54.12 24.08 -2.50
CA GLU A 264 54.51 24.11 -1.10
C GLU A 264 53.62 23.26 -0.20
N GLY A 265 52.33 23.19 -0.53
CA GLY A 265 51.40 22.32 0.17
C GLY A 265 51.68 20.87 -0.15
N MET A 266 51.54 20.53 -1.43
CA MET A 266 51.75 19.18 -1.93
C MET A 266 52.94 18.48 -1.29
N THR A 267 54.12 19.06 -1.48
CA THR A 267 55.36 18.51 -0.93
C THR A 267 55.21 18.18 0.56
N LYS A 268 54.85 19.20 1.34
CA LYS A 268 54.81 19.10 2.80
C LYS A 268 53.61 18.30 3.29
N ALA A 269 52.51 18.38 2.55
CA ALA A 269 51.36 17.52 2.76
C ALA A 269 51.81 16.08 2.54
N GLU A 270 52.61 15.87 1.50
CA GLU A 270 53.12 14.55 1.16
C GLU A 270 54.12 14.01 2.17
N LYS A 271 54.96 14.89 2.73
CA LYS A 271 55.87 14.46 3.79
C LYS A 271 55.08 14.11 5.04
N ALA A 272 53.92 14.76 5.23
CA ALA A 272 52.99 14.44 6.31
C ALA A 272 52.29 13.10 6.07
N PHE A 273 52.44 12.57 4.85
CA PHE A 273 51.94 11.24 4.51
C PHE A 273 53.08 10.28 4.16
N GLY A 274 53.87 10.60 3.12
CA GLY A 274 55.11 9.88 2.84
C GLY A 274 55.38 9.35 1.44
N ILE A 275 55.35 10.23 0.45
CA ILE A 275 55.72 9.97 -0.95
C ILE A 275 55.78 11.30 -1.73
N ASP A 276 55.82 11.22 -3.05
CA ASP A 276 55.88 12.43 -3.81
C ASP A 276 54.54 12.90 -4.16
N ASN A 277 54.57 13.94 -4.93
CA ASN A 277 53.31 14.29 -5.46
C ASN A 277 52.96 12.99 -6.31
N LEU A 278 51.86 12.29 -5.96
CA LEU A 278 51.40 11.05 -6.61
C LEU A 278 51.15 11.17 -8.10
N PHE A 279 51.65 10.16 -8.83
CA PHE A 279 51.59 10.07 -10.29
C PHE A 279 50.55 9.03 -10.85
N ASP A 280 50.51 7.70 -10.17
CA ASP A 280 49.33 6.70 -10.30
C ASP A 280 49.79 5.29 -9.89
N VAL A 281 50.29 5.40 -8.62
CA VAL A 281 50.89 4.50 -7.66
C VAL A 281 49.86 4.35 -6.53
N LYS A 282 48.63 4.02 -6.96
CA LYS A 282 47.50 3.86 -6.04
C LYS A 282 47.40 5.12 -5.22
N HIS A 283 47.78 6.13 -5.93
CA HIS A 283 47.88 7.45 -5.47
C HIS A 283 46.57 8.19 -5.64
N VAL A 284 45.93 8.02 -6.79
CA VAL A 284 44.65 8.63 -7.04
C VAL A 284 43.86 8.90 -5.75
N ALA A 285 43.85 7.90 -4.86
CA ALA A 285 43.11 7.97 -3.59
C ALA A 285 43.39 9.24 -2.80
N LEU A 286 44.67 9.52 -2.55
CA LEU A 286 45.08 10.65 -1.72
C LEU A 286 44.83 11.99 -2.38
N ASN A 287 45.13 12.10 -3.66
CA ASN A 287 44.89 13.35 -4.37
C ASN A 287 43.44 13.77 -4.41
N HIS A 288 42.57 12.77 -4.62
CA HIS A 288 41.13 13.02 -4.73
C HIS A 288 40.51 13.41 -3.40
N HIS A 289 40.97 12.79 -2.32
CA HIS A 289 40.48 13.11 -0.97
C HIS A 289 40.98 14.46 -0.48
N ILE A 290 42.26 14.74 -0.73
CA ILE A 290 42.88 16.00 -0.35
C ILE A 290 42.20 17.17 -1.05
N ASN A 291 41.93 17.00 -2.35
CA ASN A 291 41.09 17.94 -3.09
C ASN A 291 39.72 18.11 -2.46
N GLN A 292 39.05 16.99 -2.19
CA GLN A 292 37.73 16.99 -1.57
C GLN A 292 37.74 17.74 -0.24
N ALA A 293 38.64 17.36 0.67
CA ALA A 293 38.72 17.99 1.98
C ALA A 293 39.11 19.46 1.89
N LEU A 294 39.97 19.78 0.93
CA LEU A 294 40.38 21.14 0.69
C LEU A 294 39.21 21.98 0.20
N LYS A 295 38.35 21.36 -0.62
CA LYS A 295 37.14 22.02 -1.13
C LYS A 295 36.10 22.23 -0.04
N ALA A 296 35.89 21.19 0.78
CA ALA A 296 34.87 21.18 1.82
C ALA A 296 34.97 22.38 2.76
N HIS A 297 36.17 22.97 2.85
CA HIS A 297 36.41 24.11 3.73
C HIS A 297 36.20 25.46 3.03
N VAL A 298 36.82 25.64 1.86
CA VAL A 298 36.75 26.89 1.14
C VAL A 298 35.64 26.91 0.09
N ALA A 299 35.81 26.07 -0.93
CA ALA A 299 34.86 25.98 -2.04
C ALA A 299 33.41 25.79 -1.55
N MET A 300 33.04 24.53 -1.26
CA MET A 300 31.71 24.20 -0.73
C MET A 300 31.62 24.55 0.75
N GLN A 301 30.59 25.40 0.99
CA GLN A 301 30.35 26.09 2.29
C GLN A 301 29.19 25.77 3.21
N LYS A 302 28.99 26.68 4.18
CA LYS A 302 27.89 26.55 5.12
C LYS A 302 26.91 27.66 5.01
N ASP A 303 25.74 27.15 5.13
CA ASP A 303 24.63 27.99 5.19
C ASP A 303 24.33 28.88 4.00
N VAL A 304 24.43 28.39 2.78
CA VAL A 304 23.98 29.13 1.60
C VAL A 304 24.45 28.34 0.43
N ASP A 305 23.50 27.65 -0.13
CA ASP A 305 23.77 26.83 -1.28
C ASP A 305 24.72 25.70 -0.97
N TYR A 306 24.78 25.30 0.30
CA TYR A 306 25.64 24.13 0.58
C TYR A 306 25.03 23.10 1.57
N VAL A 307 25.07 23.38 2.86
CA VAL A 307 24.57 22.42 3.81
C VAL A 307 23.83 23.06 4.99
N VAL A 308 23.00 22.27 5.66
CA VAL A 308 22.47 22.59 6.99
C VAL A 308 22.41 21.23 7.69
N GLU A 309 22.69 21.28 8.98
CA GLU A 309 22.77 20.06 9.82
C GLU A 309 21.39 19.61 10.34
N ASP A 310 21.43 18.59 11.17
CA ASP A 310 20.29 17.98 11.86
C ASP A 310 20.99 17.20 12.91
N GLY A 311 21.94 16.45 12.40
CA GLY A 311 22.83 15.56 13.08
C GLY A 311 23.73 15.14 11.94
N GLN A 312 23.23 15.45 10.75
CA GLN A 312 23.94 15.19 9.50
C GLN A 312 23.56 16.26 8.48
N VAL A 313 24.19 16.21 7.31
CA VAL A 313 23.99 17.20 6.24
C VAL A 313 22.83 16.91 5.28
N VAL A 314 22.07 17.95 4.98
CA VAL A 314 20.98 17.87 4.03
C VAL A 314 21.16 19.03 3.03
N ILE A 315 21.32 18.68 1.75
CA ILE A 315 21.38 19.70 0.70
C ILE A 315 20.12 20.55 0.71
N VAL A 316 20.27 21.85 0.44
CA VAL A 316 19.17 22.79 0.48
C VAL A 316 18.90 23.41 -0.90
N ASP A 317 17.84 24.20 -0.99
CA ASP A 317 17.53 24.93 -2.21
C ASP A 317 17.33 26.40 -1.82
N SER A 318 18.45 27.09 -1.64
CA SER A 318 18.49 28.40 -0.97
C SER A 318 17.32 29.36 -1.23
N PHE A 319 16.69 29.27 -2.40
CA PHE A 319 15.54 30.14 -2.68
C PHE A 319 14.21 29.59 -2.19
N THR A 320 14.01 28.27 -2.36
CA THR A 320 12.82 27.60 -1.83
C THR A 320 12.91 27.43 -0.31
N GLY A 321 14.08 27.03 0.18
CA GLY A 321 14.28 26.78 1.59
C GLY A 321 14.36 25.30 1.92
N ARG A 322 13.44 24.51 1.39
CA ARG A 322 13.26 23.12 1.83
C ARG A 322 14.49 22.23 1.61
N LEU A 323 14.64 21.25 2.51
CA LEU A 323 15.80 20.36 2.53
C LEU A 323 15.64 19.21 1.54
N MET A 324 16.55 19.17 0.55
CA MET A 324 16.57 18.14 -0.50
C MET A 324 16.98 16.76 0.00
N LYS A 325 16.13 16.16 0.80
CA LYS A 325 16.39 14.83 1.31
C LYS A 325 16.75 13.87 0.18
N GLY A 326 17.80 13.09 0.40
CA GLY A 326 18.26 12.08 -0.55
C GLY A 326 19.37 12.50 -1.50
N ARG A 327 19.90 13.72 -1.32
CA ARG A 327 20.94 14.26 -2.21
C ARG A 327 22.37 14.12 -1.68
N ARG A 328 23.14 13.20 -2.25
CA ARG A 328 24.56 13.03 -1.92
C ARG A 328 25.38 14.04 -2.68
N TYR A 329 26.40 14.61 -2.04
CA TYR A 329 27.42 15.39 -2.74
C TYR A 329 28.40 14.47 -3.46
N SER A 330 28.60 14.72 -4.76
CA SER A 330 29.35 13.81 -5.66
C SER A 330 30.78 13.45 -5.24
N GLU A 331 31.25 12.29 -5.73
CA GLU A 331 32.63 11.81 -5.53
C GLU A 331 33.23 12.06 -4.14
N GLY A 332 32.43 11.90 -3.11
CA GLY A 332 32.93 11.86 -1.75
C GLY A 332 33.16 13.20 -1.09
N LEU A 333 32.14 14.05 -1.11
CA LEU A 333 32.13 15.19 -0.21
C LEU A 333 31.44 14.81 1.09
N HIS A 334 31.73 13.61 1.56
CA HIS A 334 31.45 13.20 2.91
C HIS A 334 32.30 14.05 3.85
N GLN A 335 33.39 14.57 3.30
CA GLN A 335 34.33 15.40 4.03
C GLN A 335 33.66 16.50 4.85
N ALA A 336 32.66 17.14 4.26
CA ALA A 336 31.84 18.16 4.95
C ALA A 336 31.14 17.51 6.14
N ILE A 337 30.39 16.45 5.86
CA ILE A 337 29.63 15.71 6.87
C ILE A 337 30.52 15.36 8.06
N GLU A 338 31.68 14.80 7.74
CA GLU A 338 32.48 14.12 8.75
C GLU A 338 33.29 15.04 9.65
N ALA A 339 34.20 15.82 9.08
CA ALA A 339 35.17 16.48 9.93
C ALA A 339 35.14 18.00 9.89
N LYS A 340 34.83 18.59 8.73
CA LYS A 340 34.81 20.05 8.62
C LYS A 340 34.09 20.65 9.83
N GLU A 341 33.03 19.95 10.26
CA GLU A 341 32.19 20.38 11.39
C GLU A 341 31.43 19.18 11.97
N GLY A 342 31.55 18.94 13.27
CA GLY A 342 30.90 17.80 13.94
C GLY A 342 31.20 16.43 13.34
N LEU A 343 31.67 15.50 14.17
CA LEU A 343 32.10 14.18 13.69
C LEU A 343 30.92 13.27 13.27
N GLU A 344 30.06 13.81 12.40
CA GLU A 344 28.91 13.06 11.90
C GLU A 344 29.39 12.21 10.74
N ILE A 345 30.18 11.18 11.05
CA ILE A 345 30.85 10.41 10.01
C ILE A 345 29.87 9.52 9.21
N GLN A 346 30.29 9.06 8.04
CA GLN A 346 29.38 8.31 7.16
C GLN A 346 30.11 7.49 6.08
N ASN A 347 30.39 6.22 6.39
CA ASN A 347 31.10 5.32 5.44
C ASN A 347 31.01 3.86 5.93
N GLU A 348 30.21 2.98 5.26
CA GLU A 348 29.99 1.54 5.69
C GLU A 348 29.91 0.55 4.54
N SER A 349 28.80 0.74 3.84
CA SER A 349 28.40 0.00 2.66
C SER A 349 28.47 0.98 1.51
N MET A 350 28.50 0.44 0.28
CA MET A 350 28.54 1.24 -0.93
C MET A 350 27.83 0.43 -2.01
N THR A 351 26.85 1.02 -2.69
CA THR A 351 26.23 0.37 -3.84
C THR A 351 27.10 0.52 -5.09
N LEU A 352 27.51 -0.62 -5.66
CA LEU A 352 28.39 -0.64 -6.82
C LEU A 352 27.66 -1.09 -8.06
N ALA A 353 26.59 -1.84 -7.89
CA ALA A 353 25.80 -2.23 -9.02
C ALA A 353 24.39 -2.46 -8.58
N THR A 354 23.46 -2.16 -9.49
CA THR A 354 22.04 -2.17 -9.24
C THR A 354 21.36 -2.63 -10.49
N ILE A 355 20.33 -3.44 -10.33
CA ILE A 355 19.44 -3.78 -11.44
C ILE A 355 18.07 -4.28 -10.94
N THR A 356 17.04 -4.11 -11.76
CA THR A 356 15.76 -4.78 -11.54
C THR A 356 15.71 -6.08 -12.32
N PHE A 357 14.95 -7.05 -11.83
CA PHE A 357 14.73 -8.29 -12.58
C PHE A 357 13.92 -8.09 -13.87
N GLN A 358 13.09 -7.04 -13.90
CA GLN A 358 12.26 -6.75 -15.05
C GLN A 358 13.12 -6.23 -16.20
N ASN A 359 14.10 -5.37 -15.89
CA ASN A 359 15.10 -4.97 -16.89
C ASN A 359 16.05 -6.10 -17.24
N TYR A 360 16.58 -6.75 -16.22
CA TYR A 360 17.49 -7.82 -16.48
C TYR A 360 16.85 -8.82 -17.43
N PHE A 361 15.75 -9.44 -17.00
CA PHE A 361 15.13 -10.50 -17.78
C PHE A 361 14.60 -10.06 -19.15
N ARG A 362 14.34 -8.76 -19.30
CA ARG A 362 13.95 -8.22 -20.60
C ARG A 362 15.11 -8.08 -21.59
N MET A 363 16.32 -8.27 -21.08
CA MET A 363 17.54 -8.34 -21.88
C MET A 363 17.52 -9.59 -22.77
N TYR A 364 16.95 -10.70 -22.27
CA TYR A 364 16.92 -11.98 -23.03
C TYR A 364 16.07 -11.85 -24.30
N GLU A 365 16.42 -12.62 -25.34
CA GLU A 365 15.67 -12.62 -26.62
C GLU A 365 14.34 -13.35 -26.54
N LYS A 366 14.15 -14.11 -25.48
CA LYS A 366 12.97 -14.95 -25.31
C LYS A 366 12.91 -15.24 -23.83
N LEU A 367 11.72 -15.09 -23.26
CA LEU A 367 11.40 -15.46 -21.88
C LEU A 367 10.21 -16.39 -21.91
N ALA A 368 10.29 -17.47 -21.13
CA ALA A 368 9.17 -18.37 -20.87
C ALA A 368 9.12 -18.61 -19.36
N GLY A 369 7.95 -18.99 -18.86
CA GLY A 369 7.79 -19.14 -17.41
C GLY A 369 6.82 -20.22 -16.98
N MET A 370 6.99 -20.69 -15.75
CA MET A 370 6.13 -21.72 -15.19
C MET A 370 5.73 -21.40 -13.77
N THR A 371 4.47 -21.70 -13.46
CA THR A 371 3.93 -21.62 -12.12
C THR A 371 2.48 -22.10 -12.05
N GLY A 372 2.03 -22.39 -10.82
CA GLY A 372 0.64 -22.78 -10.54
C GLY A 372 -0.31 -21.59 -10.46
N THR A 373 0.22 -20.43 -10.03
CA THR A 373 -0.58 -19.23 -9.84
C THR A 373 -0.06 -18.03 -10.63
N ALA A 374 -0.65 -17.76 -11.79
CA ALA A 374 -0.24 -16.62 -12.65
C ALA A 374 -1.31 -16.17 -13.65
N LYS A 375 -2.59 -16.36 -13.33
CA LYS A 375 -3.65 -15.78 -14.15
C LYS A 375 -4.03 -14.41 -13.60
N THR A 376 -3.93 -14.26 -12.28
CA THR A 376 -4.15 -12.98 -11.61
C THR A 376 -3.34 -11.88 -12.26
N GLU A 377 -2.02 -11.82 -12.06
CA GLU A 377 -1.31 -10.68 -12.65
C GLU A 377 -0.91 -10.80 -14.14
N GLU A 378 -1.76 -11.49 -14.87
CA GLU A 378 -1.65 -11.67 -16.31
C GLU A 378 -1.57 -10.39 -17.12
N GLU A 379 -2.28 -9.35 -16.69
CA GLU A 379 -2.29 -8.09 -17.45
C GLU A 379 -0.89 -7.50 -17.41
N GLU A 380 -0.12 -7.89 -16.40
CA GLU A 380 1.25 -7.47 -16.27
C GLU A 380 2.22 -8.35 -17.06
N PHE A 381 2.05 -9.68 -17.03
CA PHE A 381 2.92 -10.62 -17.80
C PHE A 381 2.96 -10.34 -19.31
N ARG A 382 1.84 -9.87 -19.86
CA ARG A 382 1.69 -9.53 -21.28
C ARG A 382 1.96 -8.05 -21.59
N ASN A 383 1.90 -7.21 -20.56
CA ASN A 383 2.18 -5.80 -20.76
C ASN A 383 3.61 -5.35 -20.38
N ILE A 384 4.19 -5.96 -19.36
CA ILE A 384 5.60 -5.71 -18.99
C ILE A 384 6.57 -6.67 -19.71
N TYR A 385 6.14 -7.90 -19.95
CA TYR A 385 7.06 -8.90 -20.43
C TYR A 385 6.64 -9.56 -21.72
N ASN A 386 5.50 -9.17 -22.26
CA ASN A 386 5.06 -9.69 -23.55
C ASN A 386 4.87 -11.23 -23.57
N MET A 387 4.45 -11.75 -22.42
CA MET A 387 4.08 -13.15 -22.31
C MET A 387 2.58 -13.29 -22.00
N GLN A 388 1.89 -14.11 -22.79
CA GLN A 388 0.50 -14.45 -22.50
C GLN A 388 0.50 -15.59 -21.48
N VAL A 389 -0.36 -15.52 -20.48
CA VAL A 389 -0.51 -16.64 -19.55
C VAL A 389 -1.40 -17.67 -20.20
N VAL A 390 -0.89 -18.88 -20.41
CA VAL A 390 -1.74 -20.01 -20.82
C VAL A 390 -2.10 -20.86 -19.59
N THR A 391 -3.39 -21.10 -19.41
CA THR A 391 -3.85 -22.00 -18.36
C THR A 391 -4.05 -23.40 -18.93
N ILE A 392 -3.36 -24.35 -18.31
CA ILE A 392 -3.21 -25.68 -18.86
C ILE A 392 -4.07 -26.64 -18.09
N PRO A 393 -4.87 -27.44 -18.82
CA PRO A 393 -5.76 -28.36 -18.15
C PRO A 393 -4.89 -29.30 -17.33
N THR A 394 -5.24 -29.50 -16.06
CA THR A 394 -4.59 -30.51 -15.26
C THR A 394 -4.70 -31.86 -15.95
N ASN A 395 -3.77 -32.77 -15.65
CA ASN A 395 -3.88 -34.12 -16.17
C ASN A 395 -5.07 -34.86 -15.57
N ARG A 396 -5.31 -34.68 -14.27
CA ARG A 396 -6.43 -35.36 -13.63
C ARG A 396 -7.30 -34.36 -12.84
N PRO A 397 -8.65 -34.42 -13.07
CA PRO A 397 -9.62 -33.52 -12.47
C PRO A 397 -9.47 -33.43 -10.97
N VAL A 398 -9.50 -32.21 -10.47
CA VAL A 398 -9.26 -31.89 -9.07
C VAL A 398 -10.49 -32.30 -8.26
N VAL A 399 -10.25 -33.06 -7.18
CA VAL A 399 -11.32 -33.51 -6.29
C VAL A 399 -11.08 -32.94 -4.90
N ARG A 400 -10.60 -31.72 -4.84
CA ARG A 400 -10.27 -31.10 -3.57
C ARG A 400 -11.48 -30.31 -3.03
N ASP A 401 -11.47 -30.06 -1.73
CA ASP A 401 -12.56 -29.34 -1.10
C ASP A 401 -11.95 -28.10 -0.52
N ASP A 402 -11.92 -27.07 -1.35
CA ASP A 402 -11.51 -25.75 -0.90
C ASP A 402 -12.68 -25.09 -0.15
N ARG A 403 -12.61 -25.13 1.17
CA ARG A 403 -13.71 -24.69 2.01
C ARG A 403 -13.77 -23.16 2.14
N PRO A 404 -14.99 -22.60 2.33
CA PRO A 404 -15.20 -21.17 2.59
C PRO A 404 -14.53 -20.70 3.87
N ASP A 405 -13.99 -19.49 3.84
CA ASP A 405 -13.28 -18.95 4.98
C ASP A 405 -14.17 -19.08 6.21
N LEU A 406 -13.58 -19.42 7.35
CA LEU A 406 -14.26 -19.28 8.63
C LEU A 406 -13.78 -18.01 9.29
N ILE A 407 -14.71 -17.26 9.89
CA ILE A 407 -14.35 -15.96 10.47
C ILE A 407 -14.63 -15.90 11.96
N TYR A 408 -13.57 -15.83 12.73
CA TYR A 408 -13.66 -15.71 14.16
C TYR A 408 -13.61 -14.24 14.49
N ARG A 409 -13.80 -13.90 15.76
CA ARG A 409 -13.85 -12.50 16.14
C ARG A 409 -12.50 -11.93 16.50
N THR A 410 -11.67 -12.64 17.26
CA THR A 410 -10.33 -12.12 17.56
C THR A 410 -9.20 -13.12 17.40
N MET A 411 -8.00 -12.60 17.16
CA MET A 411 -6.77 -13.38 16.97
C MET A 411 -6.74 -14.64 17.79
N GLU A 412 -6.91 -14.44 19.10
CA GLU A 412 -6.74 -15.51 20.07
C GLU A 412 -7.69 -16.69 19.79
N GLY A 413 -8.96 -16.38 19.56
CA GLY A 413 -9.95 -17.38 19.20
C GLY A 413 -9.69 -18.06 17.87
N LYS A 414 -9.10 -17.32 16.93
CA LYS A 414 -8.77 -17.86 15.63
C LYS A 414 -7.58 -18.79 15.77
N PHE A 415 -6.59 -18.36 16.56
CA PHE A 415 -5.42 -19.20 16.85
C PHE A 415 -5.78 -20.48 17.60
N LYS A 416 -6.53 -20.31 18.69
CA LYS A 416 -7.06 -21.45 19.42
C LYS A 416 -7.80 -22.42 18.49
N ALA A 417 -8.56 -21.87 17.56
CA ALA A 417 -9.31 -22.68 16.58
C ALA A 417 -8.38 -23.48 15.66
N VAL A 418 -7.20 -22.93 15.42
CA VAL A 418 -6.22 -23.55 14.53
C VAL A 418 -5.68 -24.74 15.27
N ALA A 419 -5.25 -24.52 16.51
CA ALA A 419 -4.75 -25.60 17.35
C ALA A 419 -5.72 -26.76 17.34
N GLU A 420 -6.95 -26.52 17.79
CA GLU A 420 -8.02 -27.54 17.80
C GLU A 420 -8.12 -28.35 16.52
N ASP A 421 -8.13 -27.68 15.37
CA ASP A 421 -8.23 -28.37 14.09
C ASP A 421 -7.00 -29.25 13.82
N VAL A 422 -5.82 -28.77 14.18
CA VAL A 422 -4.64 -29.62 14.05
C VAL A 422 -4.79 -30.77 15.04
N ALA A 423 -5.19 -30.44 16.27
CA ALA A 423 -5.39 -31.44 17.31
C ALA A 423 -6.24 -32.61 16.79
N GLN A 424 -7.33 -32.29 16.11
CA GLN A 424 -8.25 -33.30 15.59
C GLN A 424 -7.61 -34.11 14.47
N ARG A 425 -6.75 -33.47 13.69
CA ARG A 425 -6.19 -34.11 12.51
C ARG A 425 -5.09 -35.10 12.87
N TYR A 426 -4.26 -34.72 13.84
CA TYR A 426 -3.21 -35.61 14.31
C TYR A 426 -3.82 -36.90 14.85
N MET A 427 -4.85 -36.75 15.69
CA MET A 427 -5.58 -37.87 16.29
C MET A 427 -6.18 -38.82 15.26
N THR A 428 -6.62 -38.28 14.13
CA THR A 428 -7.11 -39.11 13.05
C THR A 428 -5.94 -39.72 12.29
N GLY A 429 -4.79 -39.08 12.42
CA GLY A 429 -3.60 -39.52 11.70
C GLY A 429 -3.48 -38.92 10.31
N GLN A 430 -4.43 -38.06 9.97
CA GLN A 430 -4.40 -37.32 8.70
C GLN A 430 -3.32 -36.25 8.76
N PRO A 431 -2.47 -36.18 7.71
CA PRO A 431 -1.36 -35.23 7.75
C PRO A 431 -1.87 -33.82 7.58
N VAL A 432 -1.28 -32.88 8.32
CA VAL A 432 -1.69 -31.51 8.27
C VAL A 432 -0.55 -30.60 7.86
N LEU A 433 -0.86 -29.65 6.97
CA LEU A 433 0.07 -28.62 6.59
C LEU A 433 -0.62 -27.30 6.85
N VAL A 434 0.09 -26.43 7.59
CA VAL A 434 -0.42 -25.15 8.05
C VAL A 434 0.41 -23.99 7.49
N GLY A 435 -0.15 -23.28 6.52
CA GLY A 435 0.49 -22.08 5.98
C GLY A 435 0.47 -20.88 6.91
N THR A 436 1.64 -20.30 7.15
CA THR A 436 1.73 -19.10 7.98
C THR A 436 2.26 -17.94 7.14
N VAL A 437 2.04 -16.72 7.61
CA VAL A 437 2.51 -15.55 6.91
C VAL A 437 3.79 -15.01 7.52
N ALA A 438 3.98 -15.21 8.83
CA ALA A 438 5.12 -14.62 9.54
C ALA A 438 5.85 -15.54 10.54
N VAL A 439 7.19 -15.54 10.52
CA VAL A 439 7.94 -16.42 11.43
C VAL A 439 7.40 -16.34 12.85
N GLU A 440 7.05 -15.13 13.30
CA GLU A 440 6.55 -14.95 14.68
C GLU A 440 5.20 -15.62 14.94
N THR A 441 4.39 -15.73 13.89
CA THR A 441 3.09 -16.39 14.02
C THR A 441 3.31 -17.85 13.80
N SER A 442 4.34 -18.16 13.01
CA SER A 442 4.76 -19.55 12.89
C SER A 442 5.10 -20.08 14.27
N GLU A 443 5.82 -19.29 15.07
CA GLU A 443 6.26 -19.73 16.40
C GLU A 443 5.12 -19.92 17.38
N LEU A 444 4.16 -19.02 17.34
CA LEU A 444 3.01 -19.09 18.25
C LEU A 444 2.21 -20.40 18.07
N ILE A 445 1.90 -20.75 16.82
CA ILE A 445 1.14 -22.00 16.59
C ILE A 445 1.93 -23.21 17.08
N SER A 446 3.26 -23.19 16.93
CA SER A 446 4.07 -24.31 17.45
C SER A 446 3.87 -24.45 18.95
N LYS A 447 4.03 -23.34 19.69
CA LYS A 447 3.85 -23.39 21.14
C LYS A 447 2.50 -23.99 21.46
N LEU A 448 1.47 -23.52 20.76
CA LEU A 448 0.10 -24.06 20.89
C LEU A 448 0.07 -25.56 20.76
N LEU A 449 0.92 -26.09 19.90
CA LEU A 449 0.98 -27.51 19.65
C LEU A 449 1.95 -28.19 20.60
N LYS A 450 2.84 -27.41 21.21
CA LYS A 450 3.76 -27.93 22.22
C LYS A 450 3.07 -28.13 23.57
N ASN A 451 2.19 -27.21 23.93
CA ASN A 451 1.30 -27.40 25.09
C ASN A 451 0.35 -28.61 24.95
N LYS A 452 -0.13 -28.81 23.73
CA LYS A 452 -0.95 -29.96 23.40
C LYS A 452 -0.09 -31.20 23.10
N GLY A 453 1.23 -31.03 23.12
CA GLY A 453 2.16 -32.13 22.92
C GLY A 453 1.89 -32.92 21.65
N ILE A 454 1.76 -32.19 20.54
CA ILE A 454 1.47 -32.78 19.25
C ILE A 454 2.76 -32.68 18.46
N PRO A 455 3.48 -33.81 18.29
CA PRO A 455 4.71 -33.81 17.48
C PRO A 455 4.52 -33.15 16.11
N HIS A 456 5.43 -32.24 15.76
CA HIS A 456 5.36 -31.51 14.50
C HIS A 456 6.71 -31.01 13.98
N GLN A 457 6.64 -30.34 12.81
CA GLN A 457 7.78 -29.62 12.23
C GLN A 457 7.41 -28.17 11.91
N VAL A 458 8.17 -27.22 12.45
CA VAL A 458 8.19 -25.83 11.95
C VAL A 458 9.02 -25.80 10.69
N LEU A 459 8.78 -24.83 9.83
CA LEU A 459 9.59 -24.61 8.64
C LEU A 459 9.90 -23.12 8.47
N ASN A 460 11.08 -22.73 8.96
CA ASN A 460 11.63 -21.38 8.74
C ASN A 460 11.99 -21.20 7.26
N ALA A 461 11.90 -19.98 6.76
CA ALA A 461 12.11 -19.75 5.32
C ALA A 461 13.57 -19.92 4.80
N LYS A 462 14.42 -20.64 5.54
CA LYS A 462 15.86 -20.69 5.22
C LYS A 462 16.47 -22.07 5.46
N ASN A 463 17.65 -22.32 4.90
CA ASN A 463 18.25 -23.67 4.80
C ASN A 463 17.33 -24.66 4.05
N HIS A 464 17.26 -24.49 2.73
CA HIS A 464 16.24 -25.14 1.92
C HIS A 464 16.37 -26.64 1.83
N GLU A 465 17.60 -27.13 1.92
CA GLU A 465 17.85 -28.54 1.75
C GLU A 465 17.09 -29.36 2.78
N ARG A 466 17.20 -28.97 4.05
CA ARG A 466 16.59 -29.73 5.14
C ARG A 466 15.09 -29.80 4.90
N GLU A 467 14.51 -28.64 4.61
CA GLU A 467 13.07 -28.46 4.57
C GLU A 467 12.43 -29.21 3.43
N ALA A 468 13.22 -29.47 2.39
CA ALA A 468 12.75 -30.25 1.24
C ALA A 468 12.50 -31.68 1.69
N GLN A 469 13.35 -32.17 2.58
CA GLN A 469 13.21 -33.52 3.10
C GLN A 469 12.01 -33.54 3.99
N ILE A 470 11.87 -32.49 4.81
CA ILE A 470 10.73 -32.38 5.70
C ILE A 470 9.41 -32.45 4.91
N ILE A 471 9.40 -31.79 3.76
CA ILE A 471 8.16 -31.57 3.04
C ILE A 471 7.67 -32.85 2.39
N GLU A 472 8.58 -33.70 1.93
CA GLU A 472 8.15 -34.95 1.34
C GLU A 472 7.40 -35.77 2.39
N GLU A 473 7.82 -35.64 3.65
CA GLU A 473 7.29 -36.46 4.74
C GLU A 473 6.06 -35.84 5.35
N ALA A 474 5.66 -34.66 4.88
CA ALA A 474 4.46 -33.98 5.37
C ALA A 474 3.20 -34.60 4.76
N GLY A 475 3.43 -35.50 3.81
CA GLY A 475 2.36 -36.24 3.19
C GLY A 475 2.25 -37.64 3.74
N GLN A 476 2.97 -37.92 4.82
CA GLN A 476 2.92 -39.23 5.49
C GLN A 476 1.96 -39.18 6.66
N LYS A 477 1.38 -40.34 7.01
CA LYS A 477 0.39 -40.46 8.11
C LYS A 477 0.88 -39.93 9.46
N GLY A 478 0.08 -39.04 10.07
CA GLY A 478 0.46 -38.40 11.35
C GLY A 478 1.40 -37.19 11.27
N ALA A 479 1.67 -36.77 10.04
CA ALA A 479 2.59 -35.67 9.76
C ALA A 479 1.98 -34.36 10.19
N VAL A 480 2.80 -33.46 10.73
CA VAL A 480 2.38 -32.10 11.10
C VAL A 480 3.45 -31.07 10.80
N THR A 481 3.14 -30.23 9.82
CA THR A 481 4.06 -29.26 9.27
C THR A 481 3.46 -27.89 9.46
N ILE A 482 4.32 -26.92 9.73
CA ILE A 482 3.88 -25.52 9.80
C ILE A 482 4.95 -24.76 8.95
N ALA A 483 4.53 -24.28 7.77
CA ALA A 483 5.43 -23.71 6.73
C ALA A 483 5.36 -22.22 6.46
N THR A 484 6.40 -21.64 7.03
CA THR A 484 6.58 -20.25 6.85
C THR A 484 6.40 -19.93 5.39
N ASN A 485 5.47 -19.01 5.16
CA ASN A 485 5.19 -18.44 3.83
C ASN A 485 6.38 -18.57 2.92
N MET A 486 6.37 -19.33 1.86
CA MET A 486 7.57 -19.61 1.07
C MET A 486 8.57 -20.51 1.83
N ALA A 487 8.04 -21.73 2.18
CA ALA A 487 8.83 -22.82 2.74
C ALA A 487 8.45 -24.12 2.02
N GLY A 488 9.45 -24.84 1.55
CA GLY A 488 9.20 -26.11 0.89
C GLY A 488 8.78 -25.97 -0.58
N ARG A 489 8.89 -24.78 -1.15
CA ARG A 489 8.52 -24.55 -2.55
C ARG A 489 9.23 -25.51 -3.49
N GLY A 490 8.55 -25.93 -4.53
CA GLY A 490 9.22 -26.75 -5.54
C GLY A 490 9.15 -28.24 -5.32
N THR A 491 8.79 -28.66 -4.10
CA THR A 491 8.73 -30.08 -3.77
C THR A 491 7.30 -30.50 -3.63
N ASP A 492 6.97 -31.63 -4.23
CA ASP A 492 5.66 -32.27 -4.06
C ASP A 492 5.54 -32.87 -2.67
N ILE A 493 4.30 -32.91 -2.22
CA ILE A 493 3.96 -33.56 -0.97
C ILE A 493 3.17 -34.80 -1.40
N LYS A 494 3.89 -35.92 -1.41
CA LYS A 494 3.32 -37.22 -1.74
C LYS A 494 2.68 -37.85 -0.50
N LEU A 495 1.45 -38.32 -0.66
CA LEU A 495 0.68 -38.85 0.45
C LEU A 495 1.14 -40.25 0.71
N GLY A 496 1.14 -40.65 1.98
CA GLY A 496 1.66 -41.93 2.41
C GLY A 496 0.70 -43.08 2.23
N GLU A 497 1.19 -44.27 2.55
CA GLU A 497 0.38 -45.48 2.58
C GLU A 497 -0.96 -45.17 3.26
N GLY A 498 -2.04 -45.45 2.53
CA GLY A 498 -3.40 -45.28 3.02
C GLY A 498 -3.78 -43.90 3.52
N VAL A 499 -2.96 -42.89 3.24
CA VAL A 499 -3.27 -41.51 3.61
C VAL A 499 -4.44 -41.04 2.73
N LYS A 500 -4.46 -41.54 1.51
CA LYS A 500 -5.56 -41.27 0.60
C LYS A 500 -6.87 -41.44 1.37
N GLU A 501 -6.96 -42.56 2.06
CA GLU A 501 -8.21 -43.02 2.65
C GLU A 501 -8.63 -42.16 3.85
N LEU A 502 -7.71 -41.35 4.37
CA LEU A 502 -8.02 -40.40 5.46
C LEU A 502 -8.43 -39.04 4.93
N GLY A 503 -8.46 -38.91 3.60
CA GLY A 503 -8.80 -37.64 2.89
C GLY A 503 -7.66 -36.85 2.25
N GLY A 504 -6.43 -37.34 2.36
CA GLY A 504 -5.26 -36.66 1.83
C GLY A 504 -4.69 -35.58 2.77
N LEU A 505 -3.80 -34.75 2.23
CA LEU A 505 -3.21 -33.66 2.98
C LEU A 505 -4.24 -32.59 3.27
N ALA A 506 -4.47 -32.30 4.55
CA ALA A 506 -5.34 -31.21 4.92
C ALA A 506 -4.54 -29.95 5.22
N VAL A 507 -4.93 -28.89 4.54
CA VAL A 507 -4.25 -27.60 4.57
C VAL A 507 -5.08 -26.53 5.31
N VAL A 508 -4.38 -25.73 6.10
CA VAL A 508 -5.02 -24.77 6.94
C VAL A 508 -4.20 -23.50 6.85
N GLY A 509 -4.71 -22.49 6.15
CA GLY A 509 -4.06 -21.19 6.19
C GLY A 509 -4.47 -20.40 7.43
N THR A 510 -3.48 -19.88 8.17
CA THR A 510 -3.77 -19.03 9.31
C THR A 510 -4.20 -17.64 8.90
N GLU A 511 -4.22 -17.34 7.61
CA GLU A 511 -4.80 -16.09 7.14
C GLU A 511 -4.62 -15.90 5.65
N ARG A 512 -5.51 -15.11 5.06
CA ARG A 512 -5.44 -14.82 3.63
C ARG A 512 -4.26 -13.87 3.42
N HIS A 513 -3.63 -13.92 2.25
CA HIS A 513 -2.37 -13.21 2.02
C HIS A 513 -2.54 -11.88 1.31
N GLU A 514 -1.39 -11.25 1.05
CA GLU A 514 -1.34 -10.00 0.32
C GLU A 514 -1.68 -10.20 -1.14
N SER A 515 -2.15 -11.38 -1.50
CA SER A 515 -2.38 -11.70 -2.88
C SER A 515 -2.99 -13.07 -3.03
N ARG A 516 -4.12 -13.14 -3.71
CA ARG A 516 -4.81 -14.41 -3.94
C ARG A 516 -3.88 -15.44 -4.57
N ARG A 517 -2.95 -14.99 -5.40
CA ARG A 517 -1.89 -15.88 -5.87
C ARG A 517 -1.30 -16.69 -4.72
N ILE A 518 -0.83 -16.02 -3.67
CA ILE A 518 -0.30 -16.75 -2.54
C ILE A 518 -1.37 -17.64 -1.91
N ASP A 519 -2.58 -17.11 -1.78
CA ASP A 519 -3.70 -17.86 -1.24
C ASP A 519 -3.92 -19.20 -1.92
N ASN A 520 -3.98 -19.19 -3.25
CA ASN A 520 -4.19 -20.42 -4.01
C ASN A 520 -2.96 -21.32 -4.01
N GLN A 521 -1.78 -20.73 -3.96
CA GLN A 521 -0.57 -21.49 -3.83
C GLN A 521 -0.70 -22.47 -2.68
N LEU A 522 -1.12 -21.95 -1.53
CA LEU A 522 -1.32 -22.78 -0.34
C LEU A 522 -2.26 -23.95 -0.61
N ARG A 523 -3.47 -23.65 -1.09
CA ARG A 523 -4.41 -24.69 -1.49
C ARG A 523 -3.73 -25.64 -2.46
N GLY A 524 -2.80 -25.13 -3.26
CA GLY A 524 -2.20 -25.91 -4.30
C GLY A 524 -1.60 -27.20 -3.77
N ARG A 525 -0.99 -27.11 -2.59
CA ARG A 525 -0.17 -28.20 -2.02
C ARG A 525 -0.95 -29.48 -1.77
N SER A 526 -2.25 -29.45 -2.02
CA SER A 526 -3.12 -30.52 -1.57
C SER A 526 -3.69 -31.45 -2.64
N GLY A 527 -4.22 -30.90 -3.72
CA GLY A 527 -4.99 -31.76 -4.62
C GLY A 527 -4.28 -32.36 -5.81
N ARG A 528 -2.95 -32.40 -5.76
CA ARG A 528 -2.13 -32.82 -6.90
C ARG A 528 -2.54 -34.20 -7.39
N GLN A 529 -2.64 -34.32 -8.71
CA GLN A 529 -2.84 -35.61 -9.38
C GLN A 529 -4.17 -36.29 -9.10
N GLY A 530 -5.09 -35.56 -8.49
CA GLY A 530 -6.45 -36.02 -8.33
C GLY A 530 -6.63 -36.78 -7.06
N ASP A 531 -5.66 -36.65 -6.16
CA ASP A 531 -5.84 -37.08 -4.77
C ASP A 531 -6.85 -36.15 -4.10
N PRO A 532 -7.54 -36.67 -3.04
CA PRO A 532 -8.36 -35.82 -2.18
C PRO A 532 -7.48 -34.90 -1.35
N GLY A 533 -8.12 -33.94 -0.70
CA GLY A 533 -7.43 -32.96 0.11
C GLY A 533 -8.49 -31.95 0.46
N ILE A 534 -8.34 -31.31 1.60
CA ILE A 534 -9.26 -30.26 1.99
C ILE A 534 -8.42 -29.09 2.37
N THR A 535 -8.88 -27.89 2.03
CA THR A 535 -8.19 -26.67 2.43
C THR A 535 -9.18 -25.67 2.99
N GLN A 536 -8.72 -24.93 4.00
CA GLN A 536 -9.59 -24.02 4.73
C GLN A 536 -8.73 -22.86 5.21
N PHE A 537 -9.25 -21.65 5.05
CA PHE A 537 -8.56 -20.52 5.66
C PHE A 537 -9.27 -20.11 6.93
N TYR A 538 -8.50 -19.54 7.86
CA TYR A 538 -9.04 -18.91 9.06
C TYR A 538 -8.74 -17.43 9.05
N LEU A 539 -9.73 -16.63 9.45
CA LEU A 539 -9.57 -15.19 9.52
C LEU A 539 -10.17 -14.70 10.83
N SER A 540 -9.50 -13.76 11.46
CA SER A 540 -10.09 -13.10 12.62
C SER A 540 -10.55 -11.74 12.20
N MET A 541 -11.69 -11.34 12.75
CA MET A 541 -12.22 -9.99 12.57
C MET A 541 -11.22 -8.93 13.00
N GLU A 542 -10.21 -9.38 13.74
CA GLU A 542 -9.33 -8.50 14.46
C GLU A 542 -8.11 -8.07 13.66
N ASP A 543 -8.06 -8.33 12.36
CA ASP A 543 -7.02 -7.67 11.59
C ASP A 543 -7.22 -7.37 10.12
N GLU A 544 -6.23 -6.66 9.59
CA GLU A 544 -6.05 -6.24 8.21
C GLU A 544 -6.79 -7.08 7.21
N LEU A 545 -7.25 -6.45 6.13
CA LEU A 545 -8.10 -7.09 5.14
C LEU A 545 -9.49 -7.09 5.72
N MET A 546 -9.61 -6.68 6.98
CA MET A 546 -10.86 -6.69 7.67
C MET A 546 -11.24 -5.34 8.29
N ARG A 547 -10.56 -4.27 7.86
CA ARG A 547 -10.84 -2.94 8.41
C ARG A 547 -12.17 -2.39 7.93
N ARG A 548 -12.53 -2.70 6.68
CA ARG A 548 -13.85 -2.38 6.11
C ARG A 548 -14.94 -2.38 7.18
N PHE A 549 -14.77 -3.28 8.12
CA PHE A 549 -15.74 -3.61 9.16
C PHE A 549 -15.43 -3.07 10.56
N GLY A 550 -14.51 -2.14 10.79
CA GLY A 550 -14.20 -1.78 12.19
C GLY A 550 -15.43 -1.21 12.97
N ALA A 551 -15.92 -0.13 12.34
CA ALA A 551 -17.03 0.69 12.72
C ALA A 551 -18.32 0.24 12.02
N GLU A 552 -18.79 -0.94 12.41
CA GLU A 552 -20.07 -1.48 11.92
C GLU A 552 -21.07 -1.79 13.05
N ARG A 553 -22.25 -1.13 13.01
CA ARG A 553 -23.33 -1.31 13.99
C ARG A 553 -24.70 -1.56 13.31
N THR A 554 -25.74 -1.82 14.09
CA THR A 554 -26.91 -2.57 13.63
C THR A 554 -28.27 -2.01 14.05
N MET A 555 -29.32 -2.32 13.29
CA MET A 555 -30.66 -1.91 13.69
C MET A 555 -31.56 -3.05 14.16
N ALA A 556 -31.62 -4.14 13.43
CA ALA A 556 -32.22 -5.33 13.98
C ALA A 556 -31.53 -6.50 13.34
N MET A 557 -30.40 -6.89 13.91
CA MET A 557 -29.64 -8.03 13.41
C MET A 557 -28.54 -8.35 14.39
N LEU A 558 -27.94 -9.52 14.22
CA LEU A 558 -26.81 -9.92 15.09
C LEU A 558 -25.57 -9.07 14.89
N ASP A 559 -25.38 -8.22 15.88
CA ASP A 559 -24.27 -7.27 15.89
C ASP A 559 -22.92 -7.98 15.84
N ARG A 560 -22.13 -7.55 14.79
CA ARG A 560 -20.76 -7.94 14.39
C ARG A 560 -20.66 -9.15 13.45
N PHE A 561 -21.77 -9.81 13.19
CA PHE A 561 -21.78 -10.96 12.28
C PHE A 561 -20.86 -12.14 12.63
N GLY A 562 -20.35 -12.28 13.83
CA GLY A 562 -19.76 -13.58 14.25
C GLY A 562 -19.45 -13.67 15.77
N MET A 563 -19.94 -12.69 16.52
CA MET A 563 -19.81 -12.44 17.98
C MET A 563 -19.45 -13.56 18.96
N ASP A 564 -18.72 -13.08 20.05
CA ASP A 564 -18.20 -13.74 21.29
C ASP A 564 -17.05 -14.73 21.08
N ASP A 565 -16.53 -14.86 19.87
CA ASP A 565 -15.41 -15.76 19.64
C ASP A 565 -15.70 -17.16 20.10
N SER A 566 -16.94 -17.54 20.04
CA SER A 566 -17.34 -18.85 20.42
C SER A 566 -17.12 -19.84 19.27
N THR A 567 -17.89 -19.67 18.25
CA THR A 567 -17.91 -20.45 17.06
C THR A 567 -17.37 -19.61 15.88
N PRO A 568 -17.28 -20.18 14.65
CA PRO A 568 -16.89 -19.31 13.55
C PRO A 568 -18.08 -18.70 12.79
N ILE A 569 -17.76 -17.93 11.75
CA ILE A 569 -18.77 -17.31 10.92
C ILE A 569 -18.50 -17.61 9.45
N GLN A 570 -19.56 -17.62 8.64
CA GLN A 570 -19.41 -17.70 7.20
C GLN A 570 -20.43 -16.80 6.51
N SER A 571 -19.95 -15.94 5.60
CA SER A 571 -20.83 -15.36 4.57
C SER A 571 -20.05 -14.91 3.34
N LYS A 572 -20.53 -15.35 2.18
CA LYS A 572 -19.95 -14.89 0.94
C LYS A 572 -19.66 -13.40 1.03
N MET A 573 -20.58 -12.62 1.60
CA MET A 573 -20.39 -11.18 1.66
C MET A 573 -19.04 -10.80 2.22
N VAL A 574 -18.73 -11.29 3.42
CA VAL A 574 -17.48 -10.93 4.10
C VAL A 574 -16.32 -11.41 3.26
N SER A 575 -16.37 -12.66 2.80
CA SER A 575 -15.30 -13.19 1.95
C SER A 575 -15.14 -12.34 0.67
N ARG A 576 -16.26 -12.01 0.03
CA ARG A 576 -16.26 -11.06 -1.06
C ARG A 576 -15.50 -9.81 -0.70
N ALA A 577 -15.78 -9.25 0.48
CA ALA A 577 -15.17 -8.01 0.93
C ALA A 577 -13.67 -8.15 1.20
N VAL A 578 -13.27 -9.32 1.69
CA VAL A 578 -11.86 -9.64 1.85
C VAL A 578 -11.16 -9.48 0.49
N GLU A 579 -11.78 -10.01 -0.57
CA GLU A 579 -11.25 -9.86 -1.92
C GLU A 579 -10.92 -8.41 -2.28
N SER A 580 -11.83 -7.48 -2.03
CA SER A 580 -11.55 -6.06 -2.29
C SER A 580 -10.23 -5.69 -1.67
N SER A 581 -10.16 -5.75 -0.34
CA SER A 581 -8.93 -5.50 0.41
C SER A 581 -7.68 -6.17 -0.18
N GLN A 582 -7.79 -7.46 -0.49
CA GLN A 582 -6.73 -8.18 -1.19
C GLN A 582 -6.33 -7.41 -2.45
N LYS A 583 -7.30 -7.18 -3.33
CA LYS A 583 -7.03 -6.69 -4.67
C LYS A 583 -6.45 -5.29 -4.59
N ARG A 584 -6.96 -4.53 -3.61
CA ARG A 584 -6.44 -3.20 -3.31
C ARG A 584 -5.00 -3.28 -2.83
N VAL A 585 -4.69 -4.27 -1.97
CA VAL A 585 -3.33 -4.52 -1.51
C VAL A 585 -2.44 -4.88 -2.69
N GLU A 586 -2.94 -5.74 -3.58
CA GLU A 586 -2.25 -6.04 -4.85
C GLU A 586 -1.91 -4.77 -5.66
N GLY A 587 -2.84 -3.82 -5.68
CA GLY A 587 -2.61 -2.50 -6.31
C GLY A 587 -1.33 -1.83 -5.85
N ASN A 588 -1.23 -1.52 -4.55
CA ASN A 588 -0.02 -0.93 -3.93
C ASN A 588 1.26 -1.57 -4.43
N ASN A 589 1.28 -2.89 -4.35
CA ASN A 589 2.43 -3.62 -4.78
C ASN A 589 2.78 -3.41 -6.24
N PHE A 590 1.75 -3.35 -7.10
CA PHE A 590 1.99 -3.09 -8.50
C PHE A 590 2.66 -1.74 -8.66
N ASP A 591 2.09 -0.73 -7.99
CA ASP A 591 2.56 0.64 -8.06
C ASP A 591 4.01 0.76 -7.61
N SER A 592 4.34 0.15 -6.47
CA SER A 592 5.68 0.19 -5.91
C SER A 592 6.73 -0.45 -6.80
N ARG A 593 6.33 -1.50 -7.53
CA ARG A 593 7.21 -2.14 -8.51
C ARG A 593 7.21 -1.43 -9.86
N LYS A 594 6.09 -0.77 -10.21
CA LYS A 594 6.06 0.08 -11.40
C LYS A 594 7.08 1.20 -11.24
N GLN A 595 7.07 1.84 -10.06
CA GLN A 595 7.97 2.95 -9.77
C GLN A 595 9.40 2.48 -9.81
N LEU A 596 9.66 1.29 -9.26
CA LEU A 596 11.00 0.76 -9.27
C LEU A 596 11.44 0.62 -10.70
N LEU A 597 10.62 -0.07 -11.50
CA LEU A 597 10.90 -0.22 -12.92
C LEU A 597 11.22 1.13 -13.51
N GLN A 598 10.47 2.15 -13.09
CA GLN A 598 10.61 3.52 -13.60
C GLN A 598 11.90 4.17 -13.13
N TYR A 599 12.38 3.77 -11.95
CA TYR A 599 13.63 4.29 -11.40
C TYR A 599 14.82 3.64 -12.07
N ASP A 600 14.82 2.31 -12.15
CA ASP A 600 15.88 1.53 -12.83
C ASP A 600 16.00 1.91 -14.30
N ASP A 601 14.87 2.23 -14.92
CA ASP A 601 14.85 2.63 -16.30
C ASP A 601 15.75 3.80 -16.56
N VAL A 602 15.76 4.76 -15.63
CA VAL A 602 16.67 5.90 -15.73
C VAL A 602 18.11 5.40 -15.61
N LEU A 603 18.33 4.52 -14.64
CA LEU A 603 19.64 3.90 -14.49
C LEU A 603 19.97 3.03 -15.71
N ARG A 604 19.00 2.24 -16.17
CA ARG A 604 19.19 1.35 -17.33
C ARG A 604 19.82 2.07 -18.49
N GLN A 605 19.19 3.16 -18.90
CA GLN A 605 19.64 3.96 -20.02
C GLN A 605 20.98 4.62 -19.71
N GLN A 606 21.10 5.16 -18.50
CA GLN A 606 22.35 5.70 -17.99
C GLN A 606 23.49 4.67 -18.06
N ARG A 607 23.22 3.45 -17.59
CA ARG A 607 24.22 2.42 -17.43
C ARG A 607 24.62 1.79 -18.73
N GLU A 608 23.68 1.57 -19.65
CA GLU A 608 24.04 0.97 -20.94
C GLU A 608 25.08 1.85 -21.62
N VAL A 609 24.91 3.18 -21.47
CA VAL A 609 25.88 4.14 -21.97
C VAL A 609 27.28 3.89 -21.42
N ILE A 610 27.40 3.78 -20.10
CA ILE A 610 28.72 3.66 -19.46
C ILE A 610 29.40 2.31 -19.67
N TYR A 611 28.64 1.24 -19.45
CA TYR A 611 29.06 -0.09 -19.84
C TYR A 611 29.70 -0.07 -21.23
N LYS A 612 28.95 0.37 -22.24
CA LYS A 612 29.45 0.48 -23.64
C LYS A 612 30.74 1.27 -23.77
N GLN A 613 30.89 2.32 -22.98
CA GLN A 613 32.03 3.23 -23.05
C GLN A 613 33.27 2.65 -22.37
N ARG A 614 33.05 2.02 -21.21
CA ARG A 614 34.09 1.28 -20.49
C ARG A 614 34.74 0.22 -21.36
N PHE A 615 33.93 -0.71 -21.86
CA PHE A 615 34.46 -1.77 -22.72
C PHE A 615 35.26 -1.22 -23.91
N GLU A 616 34.89 -0.02 -24.39
CA GLU A 616 35.54 0.60 -25.54
C GLU A 616 36.93 1.13 -25.17
N VAL A 617 37.03 1.63 -23.94
CA VAL A 617 38.29 2.08 -23.36
C VAL A 617 39.20 0.87 -23.15
N ILE A 618 38.59 -0.31 -23.02
CA ILE A 618 39.36 -1.56 -22.90
C ILE A 618 39.91 -2.08 -24.24
N ASP A 619 39.18 -1.86 -25.34
CA ASP A 619 39.64 -2.29 -26.67
C ASP A 619 40.27 -1.07 -27.38
N SER A 620 41.23 -0.39 -26.67
CA SER A 620 41.90 0.89 -27.09
C SER A 620 43.33 0.98 -27.73
N GLU A 621 44.02 -0.01 -28.40
CA GLU A 621 45.43 0.14 -28.92
C GLU A 621 45.65 0.38 -30.42
N ASN A 622 44.91 -0.27 -31.32
CA ASN A 622 45.26 0.03 -32.68
C ASN A 622 44.64 1.33 -33.18
N LEU A 623 43.43 1.72 -32.76
CA LEU A 623 42.93 3.02 -33.27
C LEU A 623 43.45 4.20 -32.47
N ARG A 624 44.15 3.95 -31.38
CA ARG A 624 44.66 5.03 -30.58
C ARG A 624 43.50 5.78 -30.17
N GLU A 625 42.53 5.01 -29.70
CA GLU A 625 41.38 5.70 -29.19
C GLU A 625 41.62 6.04 -27.74
N ILE A 626 42.62 5.47 -27.00
CA ILE A 626 42.79 5.91 -25.61
C ILE A 626 43.36 7.36 -25.59
N VAL A 627 44.21 7.75 -26.55
CA VAL A 627 44.75 9.12 -26.76
C VAL A 627 43.71 10.10 -27.34
N GLU A 628 42.87 9.58 -28.27
CA GLU A 628 41.77 10.28 -28.98
C GLU A 628 40.65 10.62 -28.00
N ASN A 629 40.46 9.72 -27.04
CA ASN A 629 39.47 9.92 -25.98
C ASN A 629 40.05 10.82 -24.92
N MET A 630 41.29 10.57 -24.58
CA MET A 630 42.04 11.37 -23.60
C MET A 630 42.18 12.79 -24.16
N ILE A 631 42.29 12.91 -25.48
CA ILE A 631 42.34 14.22 -26.15
C ILE A 631 40.99 14.94 -26.03
N LYS A 632 39.87 14.23 -26.26
CA LYS A 632 38.54 14.82 -26.14
C LYS A 632 38.31 15.25 -24.71
N SER A 633 38.55 14.34 -23.76
CA SER A 633 38.32 14.66 -22.36
C SER A 633 39.07 15.92 -21.96
N SER A 634 40.27 16.12 -22.51
CA SER A 634 41.14 17.29 -22.19
C SER A 634 40.55 18.58 -22.75
N LEU A 635 40.10 18.50 -24.01
CA LEU A 635 39.59 19.62 -24.78
C LEU A 635 38.28 20.11 -24.20
N GLU A 636 37.56 19.19 -23.55
CA GLU A 636 36.38 19.49 -22.75
C GLU A 636 36.70 20.37 -21.57
N ARG A 637 37.62 19.87 -20.74
CA ARG A 637 38.04 20.52 -19.53
C ARG A 637 38.42 21.98 -19.81
N ALA A 638 39.17 22.19 -20.89
CA ALA A 638 39.51 23.52 -21.36
C ALA A 638 38.25 24.29 -21.77
N ILE A 639 37.58 23.86 -22.84
CA ILE A 639 36.39 24.55 -23.37
C ILE A 639 35.41 24.89 -22.25
N ALA A 640 35.31 24.03 -21.24
CA ALA A 640 34.48 24.31 -20.06
C ALA A 640 35.15 25.33 -19.15
N ALA A 641 36.45 25.14 -18.87
CA ALA A 641 37.22 26.05 -18.06
C ALA A 641 37.38 27.41 -18.73
N TYR A 642 37.46 27.41 -20.05
CA TYR A 642 37.62 28.65 -20.80
C TYR A 642 36.39 29.54 -20.84
N THR A 643 35.23 28.97 -21.11
CA THR A 643 34.02 29.76 -21.39
C THR A 643 33.28 30.36 -20.17
N PRO A 644 33.61 29.94 -18.93
CA PRO A 644 33.13 30.71 -17.75
C PRO A 644 33.99 31.93 -17.37
N ARG A 645 35.33 31.83 -17.49
CA ARG A 645 36.28 32.93 -17.21
C ARG A 645 36.37 33.91 -18.38
N GLU A 646 35.21 33.92 -19.04
CA GLU A 646 34.85 34.70 -20.19
C GLU A 646 33.34 34.61 -20.41
N GLU A 647 32.58 35.43 -19.68
CA GLU A 647 31.11 35.46 -19.83
C GLU A 647 30.75 36.44 -20.98
N LEU A 648 29.45 36.62 -21.24
CA LEU A 648 29.04 37.48 -22.37
C LEU A 648 29.11 38.99 -22.07
N PRO A 649 29.18 39.47 -20.79
CA PRO A 649 29.55 40.87 -20.56
C PRO A 649 30.99 41.06 -20.98
N GLU A 650 31.88 40.24 -20.42
CA GLU A 650 33.28 40.29 -20.82
C GLU A 650 34.07 38.95 -20.73
N GLU A 651 34.87 38.70 -21.78
CA GLU A 651 35.92 37.71 -21.74
C GLU A 651 37.13 38.38 -21.07
N TRP A 652 37.02 38.69 -19.78
CA TRP A 652 38.02 39.56 -19.16
C TRP A 652 38.73 39.07 -17.90
N LYS A 653 39.88 39.69 -17.67
CA LYS A 653 40.76 39.46 -16.52
C LYS A 653 41.27 38.00 -16.38
N LEU A 654 42.08 37.59 -17.36
CA LEU A 654 42.75 36.29 -17.36
C LEU A 654 43.91 36.24 -16.34
N ASP A 655 43.65 35.64 -15.18
CA ASP A 655 44.64 35.54 -14.11
C ASP A 655 44.49 34.24 -13.33
N GLY A 656 43.23 33.87 -13.05
CA GLY A 656 42.89 32.59 -12.46
C GLY A 656 42.83 31.54 -13.55
N LEU A 657 42.32 31.97 -14.71
CA LEU A 657 42.39 31.18 -15.93
C LEU A 657 43.86 30.82 -16.25
N VAL A 658 44.79 31.71 -15.88
CA VAL A 658 46.22 31.42 -15.97
C VAL A 658 46.56 30.29 -15.01
N ASP A 659 46.32 30.52 -13.71
CA ASP A 659 46.60 29.52 -12.68
C ASP A 659 46.06 28.14 -13.09
N LEU A 660 44.75 28.07 -13.25
CA LEU A 660 44.09 26.91 -13.82
C LEU A 660 45.05 26.16 -14.74
N ILE A 661 45.39 26.78 -15.87
CA ILE A 661 46.18 26.13 -16.89
C ILE A 661 47.41 25.48 -16.26
N ASN A 662 48.14 26.21 -15.42
CA ASN A 662 49.39 25.68 -14.85
C ASN A 662 49.26 24.55 -13.83
N THR A 663 48.42 24.72 -12.83
CA THR A 663 48.32 23.69 -11.80
C THR A 663 47.21 22.68 -12.06
N THR A 664 46.66 22.71 -13.28
CA THR A 664 45.71 21.69 -13.72
C THR A 664 46.29 20.86 -14.87
N TYR A 665 46.87 21.54 -15.86
CA TYR A 665 47.34 20.88 -17.07
C TYR A 665 48.86 20.94 -17.24
N LEU A 666 49.40 22.15 -17.39
CA LEU A 666 50.81 22.31 -17.80
C LEU A 666 51.67 23.23 -16.92
N ASP A 667 52.93 22.82 -16.74
CA ASP A 667 53.94 23.53 -15.93
C ASP A 667 53.98 25.05 -16.07
N GLU A 668 54.39 25.73 -14.99
CA GLU A 668 54.71 27.18 -14.94
C GLU A 668 54.57 27.99 -16.24
N GLY A 669 55.24 27.52 -17.29
CA GLY A 669 55.12 28.10 -18.64
C GLY A 669 53.73 27.94 -19.21
N ALA A 670 52.74 27.96 -18.31
CA ALA A 670 51.32 28.02 -18.65
C ALA A 670 50.90 29.47 -18.88
N LEU A 671 51.90 30.34 -19.00
CA LEU A 671 51.63 31.72 -19.35
C LEU A 671 52.19 32.07 -20.72
N GLU A 672 51.38 32.85 -21.44
CA GLU A 672 51.61 33.32 -22.78
C GLU A 672 50.59 34.42 -22.93
N LYS A 673 50.90 35.44 -23.73
CA LYS A 673 50.01 36.58 -23.90
C LYS A 673 49.26 36.78 -22.59
N SER A 674 50.03 37.02 -21.53
CA SER A 674 49.59 36.89 -20.13
C SER A 674 48.08 37.00 -19.90
N ASP A 675 47.48 38.13 -20.31
CA ASP A 675 45.99 38.31 -20.41
C ASP A 675 45.59 39.39 -21.43
N ILE A 676 44.32 39.41 -21.85
CA ILE A 676 43.80 40.45 -22.76
C ILE A 676 44.58 40.43 -24.11
N PHE A 677 44.72 39.22 -24.65
CA PHE A 677 45.61 38.90 -25.78
C PHE A 677 44.85 38.79 -27.11
N GLY A 678 44.19 39.89 -27.47
CA GLY A 678 43.02 39.81 -28.32
C GLY A 678 41.95 39.37 -27.35
N LYS A 679 41.04 38.51 -27.81
CA LYS A 679 39.91 38.05 -26.98
C LYS A 679 39.04 37.09 -27.77
N GLU A 680 39.21 35.80 -27.51
CA GLU A 680 38.44 34.78 -28.24
C GLU A 680 38.16 33.53 -27.42
N PRO A 681 37.12 32.79 -27.82
CA PRO A 681 36.98 31.44 -27.31
C PRO A 681 37.85 30.50 -28.14
N ASP A 682 37.77 30.59 -29.46
CA ASP A 682 38.48 29.65 -30.34
C ASP A 682 39.96 29.98 -30.52
N GLU A 683 40.43 31.02 -29.83
CA GLU A 683 41.87 31.26 -29.69
C GLU A 683 42.41 30.27 -28.65
N MET A 684 41.50 29.77 -27.83
CA MET A 684 41.83 28.89 -26.71
C MET A 684 42.12 27.49 -27.21
N LEU A 685 41.45 27.11 -28.29
CA LEU A 685 41.71 25.86 -28.99
C LEU A 685 43.19 25.74 -29.37
N GLU A 686 43.70 26.72 -30.13
CA GLU A 686 45.12 26.76 -30.48
C GLU A 686 46.02 26.75 -29.25
N LEU A 687 46.02 27.84 -28.47
CA LEU A 687 46.99 28.05 -27.39
C LEU A 687 47.04 26.99 -26.29
N ILE A 688 45.90 26.41 -25.92
CA ILE A 688 45.92 25.34 -24.94
C ILE A 688 46.26 24.01 -25.59
N MET A 689 45.84 23.84 -26.85
CA MET A 689 46.22 22.65 -27.64
C MET A 689 47.74 22.58 -27.79
N ASP A 690 48.33 23.73 -28.17
CA ASP A 690 49.77 23.94 -28.19
C ASP A 690 50.40 23.32 -26.96
N ARG A 691 50.33 24.05 -25.84
CA ARG A 691 51.01 23.69 -24.60
C ARG A 691 50.65 22.30 -24.03
N ILE A 692 49.56 21.71 -24.53
CA ILE A 692 49.13 20.38 -24.09
C ILE A 692 49.51 19.27 -25.07
N ILE A 693 49.29 19.49 -26.37
CA ILE A 693 49.59 18.45 -27.35
C ILE A 693 51.09 18.27 -27.52
N THR A 694 51.81 19.38 -27.55
CA THR A 694 53.26 19.32 -27.58
C THR A 694 53.72 18.52 -26.35
N LYS A 695 53.25 18.89 -25.16
CA LYS A 695 53.62 18.16 -23.96
C LYS A 695 53.20 16.68 -23.97
N TYR A 696 52.01 16.36 -24.47
CA TYR A 696 51.58 14.97 -24.56
C TYR A 696 52.53 14.17 -25.45
N ASN A 697 52.89 14.75 -26.59
CA ASN A 697 53.85 14.14 -27.50
C ASN A 697 55.18 13.87 -26.81
N GLU A 698 55.58 14.80 -25.95
CA GLU A 698 56.86 14.71 -25.23
C GLU A 698 56.72 13.87 -23.96
N LYS A 699 55.51 13.77 -23.44
CA LYS A 699 55.23 12.95 -22.27
C LYS A 699 55.18 11.52 -22.75
N GLU A 700 54.55 11.28 -23.89
CA GLU A 700 54.53 9.93 -24.47
C GLU A 700 55.91 9.50 -25.13
N GLU A 701 56.95 10.41 -25.30
CA GLU A 701 58.32 10.11 -25.97
C GLU A 701 59.42 9.60 -25.02
N GLN A 702 59.38 10.09 -23.80
CA GLN A 702 60.33 9.69 -22.80
C GLN A 702 59.92 8.34 -22.32
N PHE A 703 58.68 8.17 -22.16
CA PHE A 703 58.28 6.82 -21.77
C PHE A 703 56.99 6.49 -22.53
N GLY A 704 57.08 6.14 -23.82
CA GLY A 704 55.88 6.04 -24.62
C GLY A 704 55.21 4.76 -25.12
N LYS A 705 55.51 3.54 -24.77
CA LYS A 705 54.63 2.47 -25.31
C LYS A 705 53.80 2.02 -24.09
N GLU A 706 54.22 2.74 -23.00
CA GLU A 706 53.77 2.71 -21.60
C GLU A 706 52.75 3.77 -21.30
N GLN A 707 52.87 4.92 -21.93
CA GLN A 707 51.88 5.92 -21.65
C GLN A 707 50.51 5.32 -21.96
N MET A 708 50.39 4.53 -23.03
CA MET A 708 49.13 3.89 -23.29
C MET A 708 48.75 3.13 -22.01
N ARG A 709 49.74 2.52 -21.42
CA ARG A 709 49.55 1.79 -20.19
C ARG A 709 49.10 2.76 -19.11
N GLU A 710 49.78 3.90 -19.12
CA GLU A 710 49.52 4.97 -18.16
C GLU A 710 48.08 5.49 -18.25
N PHE A 711 47.58 5.79 -19.46
CA PHE A 711 46.20 6.30 -19.63
C PHE A 711 45.18 5.32 -19.10
N GLU A 712 45.38 4.06 -19.48
CA GLU A 712 44.42 3.00 -19.20
C GLU A 712 44.15 2.84 -17.71
N LYS A 713 45.20 2.81 -16.90
CA LYS A 713 45.02 2.71 -15.47
C LYS A 713 44.59 4.03 -14.86
N VAL A 714 44.74 5.12 -15.61
CA VAL A 714 44.22 6.44 -15.20
C VAL A 714 42.75 6.54 -15.57
N ILE A 715 42.44 6.49 -16.87
CA ILE A 715 41.07 6.67 -17.36
C ILE A 715 40.16 5.67 -16.65
N VAL A 716 40.35 4.38 -16.97
CA VAL A 716 39.47 3.34 -16.49
C VAL A 716 39.25 3.49 -15.00
N LEU A 717 40.33 3.68 -14.24
CA LEU A 717 40.17 3.89 -12.80
C LEU A 717 39.15 4.99 -12.52
N ARG A 718 39.50 6.23 -12.89
CA ARG A 718 38.71 7.37 -12.46
C ARG A 718 37.27 7.25 -12.98
N ALA A 719 37.11 6.74 -14.21
CA ALA A 719 35.80 6.39 -14.72
C ALA A 719 35.17 5.38 -13.74
N VAL A 720 35.69 4.16 -13.71
CA VAL A 720 35.19 3.11 -12.80
C VAL A 720 34.91 3.70 -11.42
N ASP A 721 35.90 4.33 -10.80
CA ASP A 721 35.85 4.60 -9.36
C ASP A 721 34.99 5.76 -8.92
N SER A 722 35.39 6.98 -9.30
CA SER A 722 34.64 8.14 -8.85
C SER A 722 33.29 8.11 -9.55
N LYS A 723 33.30 7.85 -10.84
CA LYS A 723 32.08 8.06 -11.59
C LYS A 723 31.00 7.04 -11.29
N TRP A 724 31.31 5.77 -11.51
CA TRP A 724 30.26 4.79 -11.60
C TRP A 724 29.83 4.35 -10.21
N MET A 725 30.79 3.89 -9.41
CA MET A 725 30.50 3.52 -8.05
C MET A 725 29.92 4.68 -7.24
N ASP A 726 30.26 5.92 -7.57
CA ASP A 726 29.76 7.04 -6.78
C ASP A 726 28.42 7.47 -7.25
N HIS A 727 28.19 7.29 -8.54
CA HIS A 727 26.90 7.58 -9.11
C HIS A 727 25.96 6.52 -8.55
N ILE A 728 26.30 5.25 -8.78
CA ILE A 728 25.44 4.15 -8.39
C ILE A 728 24.99 4.28 -6.95
N ASP A 729 25.93 4.54 -6.06
CA ASP A 729 25.62 4.78 -4.65
C ASP A 729 24.70 5.99 -4.45
N ALA A 730 25.09 7.13 -5.01
CA ALA A 730 24.34 8.39 -4.90
C ALA A 730 22.92 8.28 -5.47
N MET A 731 22.79 7.48 -6.53
CA MET A 731 21.50 7.17 -7.10
C MET A 731 20.68 6.40 -6.10
N ASP A 732 21.13 5.22 -5.71
CA ASP A 732 20.36 4.40 -4.80
C ASP A 732 19.92 5.20 -3.57
N GLN A 733 20.77 6.13 -3.15
CA GLN A 733 20.44 7.12 -2.16
C GLN A 733 19.19 7.94 -2.48
N LEU A 734 19.13 8.56 -3.66
CA LEU A 734 17.94 9.33 -4.08
C LEU A 734 16.70 8.48 -4.24
N ARG A 735 16.86 7.27 -4.77
CA ARG A 735 15.79 6.29 -4.90
C ARG A 735 15.24 6.08 -3.51
N GLN A 736 16.13 5.74 -2.58
CA GLN A 736 15.81 5.65 -1.15
C GLN A 736 15.32 7.00 -0.64
N GLY A 737 14.44 6.98 0.35
CA GLY A 737 14.07 8.21 1.06
C GLY A 737 14.37 9.48 0.27
N ILE A 738 13.73 9.59 -0.89
CA ILE A 738 13.53 10.87 -1.54
C ILE A 738 12.28 11.36 -0.85
N HIS A 739 12.29 11.27 0.48
CA HIS A 739 11.08 11.52 1.28
C HIS A 739 11.11 12.77 2.14
N LEU A 740 11.37 13.84 1.41
CA LEU A 740 11.31 15.22 1.85
C LEU A 740 9.93 15.73 1.51
N ARG A 741 9.47 16.75 2.24
CA ARG A 741 8.13 17.31 2.06
C ARG A 741 7.84 17.77 0.65
N ALA A 742 6.55 17.73 0.30
CA ALA A 742 6.03 18.24 -0.97
C ALA A 742 6.25 17.34 -2.21
N TYR A 743 6.66 16.08 -1.99
CA TYR A 743 6.70 15.09 -3.05
C TYR A 743 5.57 14.08 -2.79
N ALA A 744 5.00 13.53 -3.84
CA ALA A 744 4.04 12.47 -3.71
C ALA A 744 4.75 11.24 -4.32
N GLN A 745 4.50 10.05 -3.78
CA GLN A 745 5.21 8.86 -4.32
C GLN A 745 5.03 8.57 -5.81
N THR A 746 6.14 8.24 -6.45
CA THR A 746 6.15 8.03 -7.91
C THR A 746 5.75 9.25 -8.70
N ASN A 747 5.98 10.43 -8.20
CA ASN A 747 5.80 11.61 -9.02
C ASN A 747 7.24 12.12 -9.10
N PRO A 748 7.95 11.79 -7.98
CA PRO A 748 9.38 11.87 -7.79
C PRO A 748 10.04 11.27 -9.01
N LEU A 749 9.30 10.41 -9.69
CA LEU A 749 9.74 9.96 -10.99
C LEU A 749 10.22 11.19 -11.76
N ARG A 750 9.48 12.30 -11.61
CA ARG A 750 9.82 13.59 -12.20
C ARG A 750 11.08 14.20 -11.61
N GLU A 751 11.24 14.11 -10.30
CA GLU A 751 12.39 14.68 -9.62
C GLU A 751 13.64 13.83 -9.85
N TYR A 752 13.41 12.53 -9.81
CA TYR A 752 14.45 11.52 -9.93
C TYR A 752 15.11 11.59 -11.28
N GLN A 753 14.31 11.60 -12.34
CA GLN A 753 14.84 11.68 -13.70
C GLN A 753 15.69 12.95 -13.80
N MET A 754 15.07 14.05 -13.41
CA MET A 754 15.69 15.37 -13.41
C MET A 754 16.97 15.50 -12.61
N GLU A 755 16.95 15.12 -11.33
CA GLU A 755 18.10 15.27 -10.46
C GLU A 755 19.18 14.22 -10.79
N GLY A 756 18.74 13.08 -11.31
CA GLY A 756 19.65 11.98 -11.67
C GLY A 756 20.31 12.10 -13.03
N PHE A 757 19.76 12.92 -13.91
CA PHE A 757 20.47 13.17 -15.13
C PHE A 757 21.34 14.37 -14.93
N ALA A 758 20.94 15.23 -14.00
CA ALA A 758 21.79 16.34 -13.59
C ALA A 758 23.05 15.70 -13.10
N MET A 759 22.92 14.84 -12.10
CA MET A 759 24.06 14.15 -11.47
C MET A 759 24.99 13.53 -12.51
N PHE A 760 24.40 12.82 -13.48
CA PHE A 760 25.14 12.14 -14.53
C PHE A 760 25.93 13.12 -15.40
N GLU A 761 25.25 14.19 -15.85
CA GLU A 761 25.95 15.21 -16.61
C GLU A 761 27.24 15.60 -15.88
N HIS A 762 27.16 15.81 -14.56
CA HIS A 762 28.31 16.17 -13.71
C HIS A 762 29.34 15.06 -13.58
N MET A 763 28.87 13.85 -13.32
CA MET A 763 29.78 12.77 -13.10
C MET A 763 30.63 12.58 -14.35
N ILE A 764 30.00 12.72 -15.52
CA ILE A 764 30.70 12.61 -16.79
C ILE A 764 31.77 13.68 -16.85
N GLU A 765 31.46 14.86 -16.31
CA GLU A 765 32.39 15.98 -16.31
C GLU A 765 33.53 15.78 -15.33
N SER A 766 33.19 15.33 -14.13
CA SER A 766 34.21 14.98 -13.16
C SER A 766 35.20 13.99 -13.78
N ILE A 767 34.68 12.95 -14.44
CA ILE A 767 35.57 12.06 -15.17
C ILE A 767 36.50 12.87 -16.06
N GLU A 768 35.92 13.83 -16.79
CA GLU A 768 36.68 14.57 -17.77
C GLU A 768 37.89 15.36 -17.20
N ASP A 769 37.76 15.97 -16.02
CA ASP A 769 38.97 16.49 -15.32
C ASP A 769 39.91 15.35 -14.97
N GLU A 770 39.47 14.51 -14.03
CA GLU A 770 40.29 13.43 -13.50
C GLU A 770 41.30 12.96 -14.55
N VAL A 771 40.84 12.60 -15.76
CA VAL A 771 41.75 12.12 -16.82
C VAL A 771 42.71 13.19 -17.42
N ALA A 772 42.20 14.39 -17.69
CA ALA A 772 43.05 15.48 -18.20
C ALA A 772 44.16 15.84 -17.21
N LYS A 773 43.79 16.17 -15.97
CA LYS A 773 44.76 16.57 -14.93
C LYS A 773 45.88 15.55 -14.75
N PHE A 774 45.50 14.28 -14.71
CA PHE A 774 46.43 13.20 -14.37
C PHE A 774 47.42 12.85 -15.49
N VAL A 775 46.92 12.70 -16.71
CA VAL A 775 47.78 12.49 -17.87
C VAL A 775 48.86 13.56 -17.90
N MET A 776 48.49 14.77 -17.49
CA MET A 776 49.36 15.91 -17.63
C MET A 776 50.24 16.22 -16.41
N LYS A 777 49.81 15.76 -15.23
CA LYS A 777 50.48 16.12 -13.97
C LYS A 777 50.72 14.97 -12.99
N ALA A 778 51.40 13.92 -13.47
CA ALA A 778 51.75 12.77 -12.64
C ALA A 778 53.06 12.13 -13.10
N GLU A 779 54.17 12.47 -12.44
CA GLU A 779 55.49 12.11 -12.95
C GLU A 779 56.36 11.34 -11.96
N ILE A 780 57.17 10.42 -12.52
CA ILE A 780 58.11 9.58 -11.77
C ILE A 780 59.31 10.35 -11.24
N PRO B 11 3.92 29.34 9.63
CA PRO B 11 3.82 30.60 10.37
C PRO B 11 4.08 30.48 11.85
N THR B 12 3.94 29.25 12.32
CA THR B 12 3.91 28.81 13.78
C THR B 12 4.46 29.81 14.81
N LYS B 13 5.55 30.50 14.54
CA LYS B 13 6.16 31.43 15.51
C LYS B 13 5.16 32.52 16.02
N ARG B 14 4.45 33.18 15.14
CA ARG B 14 3.47 34.22 15.51
C ARG B 14 2.33 33.61 16.28
N THR B 15 1.90 32.41 15.91
CA THR B 15 0.83 31.69 16.58
C THR B 15 1.16 31.50 18.10
N LEU B 16 2.32 30.90 18.42
CA LEU B 16 2.61 30.66 19.82
C LEU B 16 3.06 31.96 20.52
N ASN B 17 3.85 32.80 19.84
CA ASN B 17 4.25 34.06 20.46
C ASN B 17 3.01 34.85 20.90
N ARG B 18 1.91 34.74 20.12
CA ARG B 18 0.63 35.33 20.52
C ARG B 18 0.14 34.61 21.78
N TYR B 19 0.27 33.29 21.79
CA TYR B 19 -0.13 32.49 22.95
C TYR B 19 0.66 32.82 24.23
N GLU B 20 1.94 33.12 24.08
CA GLU B 20 2.77 33.81 25.08
C GLU B 20 1.90 34.88 25.74
N LYS B 21 1.67 35.93 24.97
CA LYS B 21 0.90 37.08 25.42
C LYS B 21 -0.41 36.69 26.07
N ILE B 22 -1.18 35.86 25.38
CA ILE B 22 -2.52 35.49 25.84
C ILE B 22 -2.52 34.71 27.18
N ALA B 23 -1.36 34.16 27.55
CA ALA B 23 -1.19 33.40 28.80
C ALA B 23 -0.79 34.28 29.96
N ASN B 24 0.21 35.14 29.72
CA ASN B 24 0.67 36.12 30.71
C ASN B 24 -0.43 36.98 31.32
N ASP B 25 -1.51 37.18 30.56
CA ASP B 25 -2.66 37.97 31.01
C ASP B 25 -3.58 37.15 31.92
N ILE B 26 -3.82 35.90 31.57
CA ILE B 26 -4.56 34.98 32.42
C ILE B 26 -3.94 34.95 33.82
N ASP B 27 -2.62 34.84 33.88
CA ASP B 27 -1.87 34.92 35.14
C ASP B 27 -1.92 36.34 35.74
N ALA B 28 -1.87 37.36 34.88
CA ALA B 28 -1.95 38.76 35.32
C ALA B 28 -3.21 39.03 36.14
N ILE B 29 -4.30 38.36 35.78
CA ILE B 29 -5.55 38.48 36.53
C ILE B 29 -5.70 37.41 37.63
N ARG B 30 -4.73 36.49 37.70
CA ARG B 30 -4.76 35.39 38.68
C ARG B 30 -5.07 35.86 40.11
N GLY B 31 -4.58 37.05 40.44
CA GLY B 31 -4.80 37.63 41.76
C GLY B 31 -6.23 38.08 41.96
N ASP B 32 -6.88 38.51 40.87
CA ASP B 32 -8.26 38.97 40.92
C ASP B 32 -9.17 37.83 41.33
N TYR B 33 -8.68 36.62 41.12
CA TYR B 33 -9.43 35.43 41.45
C TYR B 33 -8.75 34.62 42.56
N GLU B 34 -7.66 35.18 43.11
CA GLU B 34 -6.95 34.55 44.22
C GLU B 34 -7.91 33.98 45.28
N ASN B 35 -8.96 34.73 45.63
CA ASN B 35 -10.00 34.27 46.59
C ASN B 35 -11.39 34.91 46.39
N LEU B 36 -12.39 34.06 46.12
CA LEU B 36 -13.79 34.49 45.92
C LEU B 36 -14.73 33.46 46.53
N SER B 37 -15.99 33.83 46.78
CA SER B 37 -16.90 32.85 47.36
C SER B 37 -17.83 32.09 46.38
N ASP B 38 -19.02 31.67 46.88
CA ASP B 38 -20.04 30.96 46.08
C ASP B 38 -20.71 31.94 45.14
N ASP B 39 -20.67 31.66 43.87
CA ASP B 39 -21.25 32.55 42.84
C ASP B 39 -20.51 33.87 42.77
N ALA B 40 -19.42 33.94 43.51
CA ALA B 40 -18.48 35.06 43.42
C ALA B 40 -17.52 34.60 42.32
N LEU B 41 -17.76 33.37 41.86
CA LEU B 41 -17.00 32.77 40.78
C LEU B 41 -18.00 32.19 39.78
N LYS B 42 -19.29 32.43 40.05
CA LYS B 42 -20.33 31.92 39.18
C LYS B 42 -21.13 33.06 38.51
N HIS B 43 -21.22 34.22 39.16
CA HIS B 43 -21.71 35.44 38.48
C HIS B 43 -20.82 35.61 37.25
N LYS B 44 -19.51 35.43 37.46
CA LYS B 44 -18.54 35.26 36.39
C LYS B 44 -19.18 34.57 35.18
N THR B 45 -19.62 33.32 35.36
CA THR B 45 -20.36 32.57 34.35
C THR B 45 -21.51 33.37 33.74
N ILE B 46 -22.42 33.86 34.58
CA ILE B 46 -23.60 34.56 34.05
C ILE B 46 -23.26 35.96 33.52
N GLU B 47 -22.32 36.63 34.16
CA GLU B 47 -21.70 37.82 33.58
C GLU B 47 -21.19 37.48 32.19
N PHE B 48 -20.46 36.37 32.10
CA PHE B 48 -19.95 35.90 30.82
C PHE B 48 -21.11 35.67 29.86
N LYS B 49 -22.21 35.11 30.36
CA LYS B 49 -23.39 34.90 29.52
C LYS B 49 -24.04 36.20 29.06
N GLU B 50 -24.21 37.14 29.99
CA GLU B 50 -24.88 38.42 29.69
C GLU B 50 -24.07 39.33 28.78
N ARG B 51 -22.79 39.48 29.08
CA ARG B 51 -21.94 40.33 28.29
C ARG B 51 -21.81 39.76 26.89
N LEU B 52 -21.93 38.44 26.76
CA LEU B 52 -21.91 37.78 25.46
C LEU B 52 -23.12 38.16 24.62
N GLU B 53 -24.29 38.09 25.23
CA GLU B 53 -25.52 38.53 24.58
C GLU B 53 -25.43 39.95 24.00
N LYS B 54 -25.04 40.91 24.85
CA LYS B 54 -25.02 42.33 24.47
C LYS B 54 -24.14 42.66 23.26
N GLY B 55 -23.12 41.84 23.02
CA GLY B 55 -22.24 42.04 21.86
C GLY B 55 -20.88 41.39 21.89
N ALA B 56 -20.32 41.19 23.08
CA ALA B 56 -18.97 40.61 23.22
C ALA B 56 -18.80 39.29 22.47
N THR B 57 -17.64 39.13 21.82
CA THR B 57 -17.31 37.90 21.12
C THR B 57 -16.65 36.88 22.07
N THR B 58 -16.69 35.61 21.70
CA THR B 58 -15.94 34.60 22.47
C THR B 58 -14.48 35.07 22.69
N ASP B 59 -13.94 35.76 21.70
CA ASP B 59 -12.58 36.27 21.75
C ASP B 59 -12.45 37.42 22.72
N ASP B 60 -13.46 38.27 22.76
CA ASP B 60 -13.47 39.39 23.70
C ASP B 60 -13.27 38.93 25.15
N LEU B 61 -13.74 37.73 25.47
CA LEU B 61 -13.74 37.18 26.84
C LEU B 61 -12.63 36.17 27.12
N LEU B 62 -11.98 35.65 26.08
CA LEU B 62 -11.00 34.57 26.22
C LEU B 62 -10.23 34.66 27.54
N VAL B 63 -9.50 35.77 27.67
CA VAL B 63 -8.54 35.94 28.75
C VAL B 63 -9.15 35.79 30.14
N GLU B 64 -10.34 36.36 30.33
CA GLU B 64 -11.02 36.29 31.62
C GLU B 64 -11.50 34.87 31.94
N ALA B 65 -12.34 34.29 31.07
CA ALA B 65 -12.96 32.98 31.34
C ALA B 65 -11.90 31.88 31.51
N PHE B 66 -10.77 32.05 30.83
CA PHE B 66 -9.62 31.17 30.98
C PHE B 66 -8.98 31.24 32.38
N ALA B 67 -9.17 32.36 33.07
CA ALA B 67 -8.67 32.54 34.45
C ALA B 67 -9.71 32.17 35.49
N VAL B 68 -10.96 32.04 35.04
CA VAL B 68 -12.02 31.52 35.89
C VAL B 68 -11.83 30.02 35.96
N VAL B 69 -11.89 29.36 34.80
CA VAL B 69 -11.75 27.91 34.69
C VAL B 69 -10.50 27.47 35.44
N ARG B 70 -9.39 28.10 35.08
CA ARG B 70 -8.11 27.96 35.78
C ARG B 70 -8.16 28.19 37.29
N GLU B 71 -9.17 28.91 37.78
CA GLU B 71 -9.25 29.19 39.21
C GLU B 71 -10.14 28.19 39.95
N ALA B 72 -11.36 27.95 39.43
CA ALA B 72 -12.20 26.86 39.94
C ALA B 72 -11.46 25.51 39.86
N SER B 73 -10.57 25.39 38.87
CA SER B 73 -9.77 24.19 38.64
C SER B 73 -8.93 23.78 39.83
N ARG B 74 -8.27 24.76 40.45
CA ARG B 74 -7.47 24.49 41.65
C ARG B 74 -8.33 24.05 42.83
N ARG B 75 -9.47 24.71 43.01
CA ARG B 75 -10.41 24.39 44.08
C ARG B 75 -11.04 22.98 43.93
N VAL B 76 -11.26 22.58 42.67
CA VAL B 76 -12.00 21.36 42.34
C VAL B 76 -11.16 20.07 42.31
N THR B 77 -10.01 20.09 41.63
CA THR B 77 -9.15 18.90 41.55
C THR B 77 -7.84 19.09 42.29
N GLY B 78 -7.27 20.28 42.17
CA GLY B 78 -5.99 20.61 42.82
C GLY B 78 -4.98 21.22 41.86
N MET B 79 -4.60 20.43 40.86
CA MET B 79 -3.81 20.88 39.73
C MET B 79 -4.24 22.25 39.18
N PHE B 80 -3.32 23.22 39.23
CA PHE B 80 -3.56 24.54 38.68
C PHE B 80 -3.04 24.55 37.24
N PRO B 81 -3.91 24.83 36.26
CA PRO B 81 -3.43 24.78 34.86
C PRO B 81 -2.17 25.62 34.64
N PHE B 82 -1.16 25.00 34.04
CA PHE B 82 0.16 25.59 33.85
C PHE B 82 0.19 26.60 32.72
N LYS B 83 1.37 27.19 32.52
CA LYS B 83 1.54 28.18 31.47
C LYS B 83 1.26 27.52 30.14
N VAL B 84 2.05 26.48 29.81
CA VAL B 84 1.91 25.74 28.55
C VAL B 84 0.46 25.31 28.26
N GLN B 85 -0.25 24.93 29.32
CA GLN B 85 -1.63 24.46 29.22
C GLN B 85 -2.63 25.56 28.80
N LEU B 86 -2.37 26.80 29.20
CA LEU B 86 -3.21 27.91 28.80
C LEU B 86 -3.16 28.04 27.28
N MET B 87 -1.97 27.79 26.73
CA MET B 87 -1.70 27.90 25.30
C MET B 87 -2.28 26.74 24.53
N GLY B 88 -2.43 25.60 25.20
CA GLY B 88 -3.28 24.55 24.68
C GLY B 88 -4.67 25.13 24.45
N GLY B 89 -5.32 25.53 25.55
CA GLY B 89 -6.70 26.04 25.50
C GLY B 89 -6.95 27.01 24.37
N VAL B 90 -6.04 27.97 24.20
CA VAL B 90 -6.22 29.02 23.18
C VAL B 90 -6.16 28.43 21.78
N ALA B 91 -5.16 27.61 21.51
CA ALA B 91 -5.00 26.97 20.22
C ALA B 91 -6.29 26.24 19.83
N LEU B 92 -6.84 25.49 20.79
CA LEU B 92 -8.10 24.79 20.59
C LEU B 92 -9.18 25.78 20.18
N HIS B 93 -9.29 26.87 20.92
CA HIS B 93 -10.26 27.92 20.62
C HIS B 93 -10.12 28.53 19.20
N ASP B 94 -8.99 28.26 18.55
CA ASP B 94 -8.72 28.80 17.22
C ASP B 94 -9.10 27.83 16.10
N GLY B 95 -9.88 26.82 16.47
CA GLY B 95 -10.18 25.71 15.58
C GLY B 95 -8.93 24.96 15.11
N ASN B 96 -7.91 24.91 15.96
CA ASN B 96 -6.64 24.28 15.64
C ASN B 96 -6.32 23.01 16.46
N ILE B 97 -5.18 22.40 16.17
CA ILE B 97 -4.74 21.20 16.87
C ILE B 97 -3.58 21.49 17.81
N ALA B 98 -3.85 21.36 19.10
CA ALA B 98 -2.83 21.49 20.14
C ALA B 98 -1.90 20.27 20.17
N GLU B 99 -0.62 20.48 19.88
CA GLU B 99 0.36 19.40 19.98
C GLU B 99 1.14 19.41 21.28
N MET B 100 0.48 18.95 22.33
CA MET B 100 1.12 18.76 23.64
C MET B 100 1.57 17.31 23.77
N LYS B 101 2.66 17.08 24.51
CA LYS B 101 3.17 15.72 24.65
C LYS B 101 2.57 14.95 25.82
N THR B 102 2.55 13.63 25.69
CA THR B 102 2.03 12.75 26.73
C THR B 102 2.56 13.14 28.10
N GLY B 103 1.65 13.27 29.05
CA GLY B 103 1.98 13.75 30.39
C GLY B 103 2.11 15.25 30.41
N GLU B 104 1.37 15.92 29.54
CA GLU B 104 1.31 17.37 29.53
C GLU B 104 -0.07 17.87 29.95
N GLY B 105 -0.90 16.96 30.44
CA GLY B 105 -2.24 17.34 30.88
C GLY B 105 -3.17 17.82 29.76
N LYS B 106 -3.34 17.01 28.72
CA LYS B 106 -4.18 17.41 27.60
C LYS B 106 -5.63 17.63 28.03
N THR B 107 -6.19 16.65 28.74
CA THR B 107 -7.61 16.66 29.20
C THR B 107 -7.99 17.91 29.99
N LEU B 108 -7.09 18.37 30.86
CA LEU B 108 -7.25 19.64 31.58
C LEU B 108 -7.27 20.80 30.57
N THR B 109 -6.19 20.95 29.80
CA THR B 109 -6.14 21.93 28.74
C THR B 109 -7.49 22.00 28.04
N SER B 110 -8.04 20.83 27.72
CA SER B 110 -9.33 20.72 27.02
C SER B 110 -10.42 21.58 27.66
N THR B 111 -10.52 21.53 28.98
CA THR B 111 -11.59 22.20 29.72
C THR B 111 -11.68 23.71 29.53
N LEU B 112 -10.55 24.35 29.21
CA LEU B 112 -10.49 25.82 29.09
C LEU B 112 -11.35 26.36 27.93
N PRO B 113 -11.01 25.98 26.69
CA PRO B 113 -11.79 26.45 25.55
C PRO B 113 -13.15 25.73 25.44
N VAL B 114 -13.28 24.60 26.13
CA VAL B 114 -14.56 23.91 26.15
C VAL B 114 -15.56 24.81 26.87
N TYR B 115 -15.29 25.10 28.15
CA TYR B 115 -16.12 25.99 28.96
C TYR B 115 -16.57 27.22 28.16
N LEU B 116 -15.59 27.97 27.68
CA LEU B 116 -15.80 29.22 26.96
C LEU B 116 -16.78 29.13 25.76
N ASN B 117 -16.51 28.23 24.82
CA ASN B 117 -17.37 28.05 23.66
C ASN B 117 -18.76 27.49 24.01
N ALA B 118 -18.95 27.07 25.24
CA ALA B 118 -20.21 26.47 25.67
C ALA B 118 -21.22 27.43 26.30
N LEU B 119 -20.73 28.58 26.82
CA LEU B 119 -21.59 29.60 27.46
C LEU B 119 -22.68 30.04 26.49
N THR B 120 -22.23 30.28 25.26
CA THR B 120 -23.03 30.39 24.03
C THR B 120 -24.44 29.79 24.07
N GLY B 121 -24.54 28.57 24.62
CA GLY B 121 -25.77 27.77 24.57
C GLY B 121 -25.49 26.49 23.82
N LYS B 122 -25.26 26.63 22.51
CA LYS B 122 -25.09 25.55 21.51
C LYS B 122 -24.90 24.15 22.07
N GLY B 123 -23.68 23.89 22.54
CA GLY B 123 -23.24 22.57 22.97
C GLY B 123 -21.80 22.45 22.54
N VAL B 124 -21.07 21.57 23.22
CA VAL B 124 -19.69 21.29 22.84
C VAL B 124 -19.48 19.78 22.96
N HIS B 125 -19.06 19.18 21.86
CA HIS B 125 -18.90 17.73 21.80
C HIS B 125 -17.43 17.42 21.99
N VAL B 126 -17.09 16.84 23.14
CA VAL B 126 -15.69 16.56 23.41
C VAL B 126 -15.43 15.09 23.13
N VAL B 127 -14.68 14.84 22.07
CA VAL B 127 -14.61 13.49 21.53
C VAL B 127 -13.34 12.73 21.88
N THR B 128 -13.56 11.62 22.57
CA THR B 128 -12.46 10.74 22.90
C THR B 128 -12.54 9.39 22.15
N VAL B 129 -11.51 8.59 22.36
CA VAL B 129 -11.29 7.37 21.62
C VAL B 129 -12.29 6.26 21.99
N ASN B 130 -12.54 6.05 23.28
CA ASN B 130 -13.39 4.94 23.73
C ASN B 130 -14.27 5.23 24.96
N GLU B 131 -15.29 4.39 25.16
CA GLU B 131 -16.35 4.61 26.16
C GLU B 131 -15.78 4.86 27.54
N TYR B 132 -14.71 4.16 27.88
CA TYR B 132 -14.04 4.38 29.15
C TYR B 132 -13.51 5.84 29.27
N LEU B 133 -12.39 6.17 28.61
CA LEU B 133 -11.88 7.55 28.57
C LEU B 133 -12.97 8.60 28.41
N ALA B 134 -14.12 8.21 27.87
CA ALA B 134 -15.26 9.12 27.79
C ALA B 134 -15.85 9.30 29.16
N SER B 135 -16.43 8.24 29.72
CA SER B 135 -16.99 8.30 31.07
C SER B 135 -16.06 8.92 32.12
N ARG B 136 -14.78 8.53 32.09
CA ARG B 136 -13.78 9.08 33.01
C ARG B 136 -13.72 10.60 32.88
N ASP B 137 -13.30 11.06 31.70
CA ASP B 137 -13.09 12.50 31.46
C ASP B 137 -14.37 13.27 31.76
N ALA B 138 -15.51 12.62 31.55
CA ALA B 138 -16.79 13.20 31.89
C ALA B 138 -16.94 13.41 33.39
N GLU B 139 -16.67 12.37 34.17
CA GLU B 139 -16.86 12.42 35.62
C GLU B 139 -15.98 13.48 36.28
N GLN B 140 -14.71 13.51 35.87
CA GLN B 140 -13.71 14.40 36.48
C GLN B 140 -13.81 15.86 36.05
N MET B 141 -13.61 16.13 34.76
CA MET B 141 -13.68 17.50 34.26
C MET B 141 -15.07 18.08 34.46
N GLY B 142 -16.07 17.21 34.35
CA GLY B 142 -17.46 17.58 34.61
C GLY B 142 -17.59 18.31 35.93
N LYS B 143 -16.85 17.83 36.94
CA LYS B 143 -16.81 18.46 38.26
C LYS B 143 -16.35 19.93 38.22
N ILE B 144 -15.35 20.22 37.39
CA ILE B 144 -14.95 21.62 37.16
C ILE B 144 -16.11 22.36 36.51
N PHE B 145 -16.62 21.78 35.43
CA PHE B 145 -17.77 22.33 34.71
C PHE B 145 -18.98 22.53 35.64
N GLU B 146 -19.37 21.45 36.31
CA GLU B 146 -20.56 21.41 37.14
C GLU B 146 -20.75 22.70 37.99
N PHE B 147 -19.82 22.99 38.92
CA PHE B 147 -20.01 24.19 39.76
C PHE B 147 -20.02 25.49 38.97
N LEU B 148 -19.04 25.69 38.07
CA LEU B 148 -19.04 26.91 37.26
C LEU B 148 -20.42 27.15 36.64
N GLY B 149 -21.26 26.11 36.62
CA GLY B 149 -22.70 26.24 36.32
C GLY B 149 -23.15 25.77 34.94
N LEU B 150 -22.47 24.77 34.40
CA LEU B 150 -22.84 24.24 33.10
C LEU B 150 -23.15 22.78 33.26
N THR B 151 -24.22 22.32 32.62
CA THR B 151 -24.57 20.89 32.59
C THR B 151 -23.63 20.16 31.65
N VAL B 152 -23.35 18.91 32.00
CA VAL B 152 -22.51 18.02 31.20
C VAL B 152 -23.28 16.73 30.89
N GLY B 153 -23.19 16.24 29.66
CA GLY B 153 -23.86 14.99 29.32
C GLY B 153 -22.87 13.97 28.81
N LEU B 154 -23.08 12.71 29.17
CA LEU B 154 -22.25 11.63 28.63
C LEU B 154 -23.03 10.78 27.63
N ASN B 155 -22.40 10.47 26.50
CA ASN B 155 -23.06 9.75 25.39
C ASN B 155 -22.56 8.32 25.11
N LEU B 156 -23.02 7.38 25.96
CA LEU B 156 -22.65 5.98 25.81
C LEU B 156 -23.58 5.26 24.85
N ASN B 157 -23.09 4.16 24.30
CA ASN B 157 -23.90 3.39 23.40
C ASN B 157 -25.10 2.68 24.03
N SER B 158 -24.99 2.34 25.31
CA SER B 158 -26.08 1.64 25.99
C SER B 158 -27.28 2.53 26.29
N MET B 159 -27.26 3.77 25.81
CA MET B 159 -28.30 4.73 26.14
C MET B 159 -29.41 4.72 25.12
N SER B 160 -30.65 4.78 25.61
CA SER B 160 -31.83 4.94 24.73
C SER B 160 -31.85 6.34 24.10
N LYS B 161 -32.50 6.48 22.95
CA LYS B 161 -32.54 7.77 22.23
C LYS B 161 -32.95 8.86 23.20
N ASP B 162 -33.97 8.58 24.00
CA ASP B 162 -34.52 9.59 24.89
C ASP B 162 -33.44 10.10 25.81
N GLU B 163 -32.66 9.18 26.37
CA GLU B 163 -31.54 9.49 27.24
C GLU B 163 -30.43 10.26 26.51
N LYS B 164 -30.19 9.85 25.27
CA LYS B 164 -29.15 10.45 24.46
C LYS B 164 -29.48 11.90 24.17
N ARG B 165 -30.72 12.14 23.74
CA ARG B 165 -31.22 13.49 23.44
C ARG B 165 -30.86 14.46 24.55
N GLU B 166 -31.20 14.04 25.78
CA GLU B 166 -30.91 14.73 27.05
C GLU B 166 -29.39 14.88 27.34
N ALA B 167 -28.63 13.83 27.03
CA ALA B 167 -27.18 13.87 27.16
C ALA B 167 -26.61 14.83 26.11
N TYR B 168 -27.22 14.85 24.93
CA TYR B 168 -26.88 15.82 23.89
C TYR B 168 -27.28 17.23 24.26
N ALA B 169 -28.30 17.33 25.13
CA ALA B 169 -28.94 18.59 25.52
C ALA B 169 -28.18 19.44 26.52
N ALA B 170 -27.14 18.88 27.14
CA ALA B 170 -26.29 19.65 28.02
C ALA B 170 -25.34 20.54 27.22
N ASP B 171 -24.76 21.54 27.87
CA ASP B 171 -23.77 22.40 27.22
C ASP B 171 -22.53 21.62 26.83
N ILE B 172 -22.03 20.79 27.73
CA ILE B 172 -20.88 19.95 27.41
C ILE B 172 -21.35 18.51 27.28
N THR B 173 -20.95 17.87 26.18
CA THR B 173 -21.29 16.48 25.96
C THR B 173 -20.04 15.70 25.58
N TYR B 174 -19.69 14.76 26.43
CA TYR B 174 -18.60 13.82 26.17
C TYR B 174 -19.12 12.60 25.41
N SER B 175 -18.44 12.22 24.33
CA SER B 175 -18.80 11.02 23.60
C SER B 175 -17.59 10.41 22.91
N THR B 176 -17.79 9.22 22.36
CA THR B 176 -16.82 8.64 21.42
C THR B 176 -17.19 9.04 20.00
N ASN B 177 -16.18 9.05 19.12
CA ASN B 177 -16.37 9.35 17.70
C ASN B 177 -17.42 8.45 17.06
N ASN B 178 -17.28 7.13 17.25
CA ASN B 178 -18.24 6.16 16.70
C ASN B 178 -19.71 6.54 16.99
N GLU B 179 -20.05 6.68 18.27
CA GLU B 179 -21.42 7.03 18.62
C GLU B 179 -21.77 8.35 17.98
N LEU B 180 -20.87 9.33 18.05
CA LEU B 180 -21.15 10.58 17.39
C LEU B 180 -21.58 10.31 15.96
N GLY B 181 -20.80 9.46 15.28
CA GLY B 181 -21.14 8.95 13.95
C GLY B 181 -22.52 8.31 13.87
N PHE B 182 -22.68 7.15 14.48
CA PHE B 182 -23.96 6.44 14.41
C PHE B 182 -25.14 7.34 14.71
N ASP B 183 -24.97 8.27 15.66
CA ASP B 183 -26.10 9.05 16.16
C ASP B 183 -26.65 9.91 15.05
N TYR B 184 -25.81 10.75 14.47
CA TYR B 184 -26.16 11.50 13.25
C TYR B 184 -26.75 10.66 12.11
N LEU B 185 -26.23 9.46 11.89
CA LEU B 185 -26.76 8.56 10.86
C LEU B 185 -28.15 8.05 11.24
N ARG B 186 -28.25 7.51 12.45
CA ARG B 186 -29.46 6.89 12.92
C ARG B 186 -30.50 7.97 12.97
N ASP B 187 -30.01 9.20 13.14
CA ASP B 187 -30.82 10.40 13.22
C ASP B 187 -31.57 10.65 11.95
N ASN B 188 -30.89 10.47 10.83
CA ASN B 188 -31.47 10.74 9.52
C ASN B 188 -32.34 9.62 8.95
N MET B 189 -32.75 8.67 9.79
CA MET B 189 -33.67 7.63 9.36
C MET B 189 -35.00 7.83 10.05
N VAL B 190 -35.10 8.97 10.72
CA VAL B 190 -36.18 9.29 11.64
C VAL B 190 -37.50 9.53 10.91
N LEU B 191 -38.62 9.22 11.54
CA LEU B 191 -39.89 9.57 10.91
C LEU B 191 -40.45 10.93 11.35
N TYR B 192 -39.99 11.42 12.52
CA TYR B 192 -40.52 12.65 13.10
C TYR B 192 -39.37 13.42 13.72
N LYS B 193 -39.28 14.70 13.39
CA LYS B 193 -38.12 15.54 13.74
C LYS B 193 -37.72 15.55 15.24
N GLU B 194 -38.68 15.25 16.13
CA GLU B 194 -38.40 15.17 17.56
C GLU B 194 -37.56 13.96 17.92
N GLN B 195 -37.80 12.83 17.24
CA GLN B 195 -37.11 11.57 17.60
C GLN B 195 -35.59 11.70 17.38
N MET B 196 -35.19 12.73 16.63
CA MET B 196 -33.79 13.14 16.58
C MET B 196 -33.18 13.28 17.96
N VAL B 197 -31.89 13.02 18.05
CA VAL B 197 -31.22 12.98 19.33
C VAL B 197 -30.19 14.11 19.42
N GLN B 198 -29.44 14.26 18.33
CA GLN B 198 -28.47 15.32 18.20
C GLN B 198 -29.15 16.62 17.89
N ARG B 199 -28.44 17.72 18.11
CA ARG B 199 -28.80 19.00 17.53
C ARG B 199 -27.58 19.56 16.79
N PRO B 200 -27.63 20.82 16.29
CA PRO B 200 -26.70 21.29 15.26
C PRO B 200 -25.24 21.20 15.65
N LEU B 201 -24.45 20.47 14.85
CA LEU B 201 -23.03 20.23 15.12
C LEU B 201 -22.25 21.55 15.14
N HIS B 202 -21.90 22.02 16.33
CA HIS B 202 -21.29 23.32 16.52
C HIS B 202 -19.78 23.24 16.75
N PHE B 203 -19.38 22.56 17.82
CA PHE B 203 -17.97 22.53 18.26
C PHE B 203 -17.54 21.16 18.74
N ALA B 204 -16.68 20.54 17.95
CA ALA B 204 -16.12 19.27 18.37
C ALA B 204 -14.68 19.49 18.85
N VAL B 205 -14.28 18.67 19.83
CA VAL B 205 -12.89 18.67 20.36
C VAL B 205 -12.40 17.25 20.55
N ILE B 206 -11.87 16.76 19.43
CA ILE B 206 -11.31 15.46 19.28
C ILE B 206 -10.04 15.29 20.15
N ASP B 207 -9.99 14.27 21.03
CA ASP B 207 -8.81 13.91 21.87
C ASP B 207 -8.26 12.59 21.36
N GLU B 208 -6.93 12.63 21.18
CA GLU B 208 -6.13 11.61 20.56
C GLU B 208 -6.53 11.68 19.09
N VAL B 209 -6.60 12.93 18.61
CA VAL B 209 -7.05 13.23 17.28
C VAL B 209 -6.39 12.33 16.21
N ASP B 210 -5.06 12.26 16.08
CA ASP B 210 -4.48 11.59 14.91
C ASP B 210 -4.94 10.13 14.74
N SER B 211 -5.27 9.48 15.86
CA SER B 211 -5.84 8.14 15.82
C SER B 211 -7.20 8.24 15.13
N ILE B 212 -8.12 8.95 15.76
CA ILE B 212 -9.44 9.21 15.18
C ILE B 212 -9.37 9.64 13.67
N LEU B 213 -8.83 10.81 13.36
CA LEU B 213 -8.86 11.26 11.96
C LEU B 213 -7.93 10.46 11.09
N ILE B 214 -6.62 10.50 11.36
CA ILE B 214 -5.67 9.84 10.47
C ILE B 214 -5.77 8.32 10.39
N ASP B 215 -5.79 7.65 11.53
CA ASP B 215 -5.73 6.18 11.55
C ASP B 215 -7.08 5.52 11.28
N GLU B 216 -8.16 6.18 11.70
CA GLU B 216 -9.49 5.61 11.53
C GLU B 216 -10.21 6.32 10.39
N ALA B 217 -9.42 6.97 9.56
CA ALA B 217 -9.96 7.56 8.36
C ALA B 217 -10.43 6.51 7.37
N ARG B 218 -9.77 5.33 7.33
CA ARG B 218 -10.11 4.30 6.34
C ARG B 218 -11.00 3.22 6.91
N THR B 219 -12.17 3.65 7.36
CA THR B 219 -13.19 2.76 7.90
C THR B 219 -14.49 3.57 7.81
N PRO B 220 -15.44 3.12 6.98
CA PRO B 220 -16.69 3.79 6.87
C PRO B 220 -17.56 3.41 8.01
N LEU B 221 -18.31 4.41 8.51
CA LEU B 221 -19.30 4.08 9.53
C LEU B 221 -20.39 3.37 8.81
N ILE B 222 -20.54 2.14 9.12
CA ILE B 222 -21.57 1.41 8.42
C ILE B 222 -22.62 0.99 9.42
N ILE B 223 -23.89 1.14 9.06
CA ILE B 223 -24.97 0.63 9.86
C ILE B 223 -25.69 -0.27 8.93
N SER B 224 -25.92 -1.50 9.34
CA SER B 224 -26.60 -2.49 8.51
C SER B 224 -27.79 -3.08 9.24
N GLY B 225 -28.75 -3.57 8.47
CA GLY B 225 -29.88 -4.28 9.03
C GLY B 225 -30.27 -5.43 8.13
N GLN B 226 -31.38 -6.07 8.47
CA GLN B 226 -31.88 -7.16 7.66
C GLN B 226 -32.23 -6.65 6.29
N ALA B 227 -32.04 -7.49 5.26
CA ALA B 227 -32.59 -7.19 3.95
C ALA B 227 -34.10 -7.08 4.11
N ALA B 228 -34.74 -6.23 3.31
CA ALA B 228 -36.08 -5.78 3.64
C ALA B 228 -37.22 -6.54 2.97
N LYS B 229 -36.90 -7.35 1.97
CA LYS B 229 -37.91 -8.20 1.38
C LYS B 229 -37.57 -9.65 1.74
N SER B 230 -38.58 -10.50 1.77
CA SER B 230 -38.35 -11.85 2.22
C SER B 230 -37.54 -12.66 1.23
N THR B 231 -36.50 -13.28 1.76
CA THR B 231 -35.66 -14.23 1.05
C THR B 231 -36.46 -15.47 0.65
N LYS B 232 -37.77 -15.38 0.83
CA LYS B 232 -38.64 -16.52 0.65
C LYS B 232 -39.89 -16.11 -0.12
N LEU B 233 -40.18 -14.82 -0.15
CA LEU B 233 -41.20 -14.41 -1.06
C LEU B 233 -40.63 -14.17 -2.47
N TYR B 234 -39.30 -14.11 -2.60
CA TYR B 234 -38.66 -14.07 -3.93
C TYR B 234 -38.93 -15.39 -4.62
N VAL B 235 -38.80 -16.46 -3.83
CA VAL B 235 -39.04 -17.83 -4.28
C VAL B 235 -40.48 -18.07 -4.74
N GLN B 236 -41.47 -17.66 -3.92
CA GLN B 236 -42.89 -17.83 -4.26
C GLN B 236 -43.25 -16.98 -5.45
N ALA B 237 -42.75 -15.76 -5.46
CA ALA B 237 -43.04 -14.84 -6.53
C ALA B 237 -42.53 -15.37 -7.88
N ASN B 238 -41.45 -16.13 -7.88
CA ASN B 238 -41.05 -16.89 -9.07
C ASN B 238 -42.07 -17.88 -9.55
N ALA B 239 -42.27 -18.91 -8.73
CA ALA B 239 -43.25 -19.95 -9.00
C ALA B 239 -44.46 -19.39 -9.71
N PHE B 240 -44.97 -18.26 -9.20
CA PHE B 240 -46.21 -17.72 -9.70
C PHE B 240 -46.06 -17.01 -11.04
N VAL B 241 -45.02 -16.18 -11.12
CA VAL B 241 -44.76 -15.38 -12.32
C VAL B 241 -44.51 -16.31 -13.50
N ARG B 242 -43.97 -17.51 -13.20
CA ARG B 242 -43.69 -18.48 -14.24
C ARG B 242 -44.97 -18.94 -14.92
N THR B 243 -46.07 -18.94 -14.21
CA THR B 243 -47.30 -19.37 -14.80
C THR B 243 -47.88 -18.31 -15.75
N LEU B 244 -47.03 -17.52 -16.56
CA LEU B 244 -47.64 -16.48 -17.52
C LEU B 244 -46.98 -15.90 -18.83
N LYS B 245 -48.08 -15.33 -19.40
CA LYS B 245 -48.65 -14.54 -20.51
C LYS B 245 -50.13 -14.97 -20.36
N ALA B 246 -50.70 -14.81 -19.15
CA ALA B 246 -52.11 -15.05 -18.91
C ALA B 246 -52.82 -13.76 -19.33
N GLU B 247 -51.99 -12.88 -19.88
CA GLU B 247 -52.32 -11.52 -20.23
C GLU B 247 -52.78 -11.02 -18.95
N LYS B 248 -51.69 -11.20 -18.33
CA LYS B 248 -51.56 -10.53 -17.07
C LYS B 248 -50.13 -10.13 -16.84
N ASP B 249 -49.68 -9.39 -17.78
CA ASP B 249 -48.45 -8.72 -17.81
C ASP B 249 -48.46 -7.88 -19.06
N TYR B 250 -47.71 -6.87 -18.90
CA TYR B 250 -47.39 -5.88 -19.93
C TYR B 250 -45.98 -6.08 -20.40
N THR B 251 -45.41 -5.01 -20.94
CA THR B 251 -44.01 -4.94 -21.18
C THR B 251 -43.70 -3.61 -21.86
N TYR B 252 -42.80 -2.84 -21.24
CA TYR B 252 -42.15 -1.77 -21.96
C TYR B 252 -40.63 -1.90 -22.04
N ASP B 253 -40.13 -1.75 -23.26
CA ASP B 253 -38.71 -1.86 -23.64
C ASP B 253 -37.68 -1.45 -22.58
N ILE B 254 -37.45 -0.16 -22.33
CA ILE B 254 -36.30 0.20 -21.45
C ILE B 254 -36.50 0.02 -19.94
N LYS B 255 -37.15 0.99 -19.29
CA LYS B 255 -37.15 0.93 -17.83
C LYS B 255 -38.41 0.34 -17.24
N THR B 256 -38.71 -0.90 -17.64
CA THR B 256 -39.49 -1.80 -16.80
C THR B 256 -40.91 -1.37 -16.59
N LYS B 257 -41.80 -1.63 -17.53
CA LYS B 257 -43.15 -1.52 -17.12
C LYS B 257 -43.84 -2.83 -17.36
N ALA B 258 -43.27 -3.86 -16.75
CA ALA B 258 -43.94 -5.13 -16.63
C ALA B 258 -44.97 -4.90 -15.55
N VAL B 259 -46.07 -4.24 -15.95
CA VAL B 259 -47.24 -4.03 -15.07
C VAL B 259 -48.20 -5.20 -15.28
N GLN B 260 -49.01 -5.50 -14.25
CA GLN B 260 -50.01 -6.58 -14.29
C GLN B 260 -51.16 -6.14 -15.15
N LEU B 261 -51.14 -6.72 -16.41
CA LEU B 261 -51.99 -6.40 -17.54
C LEU B 261 -53.31 -5.81 -17.12
N THR B 262 -54.10 -6.59 -16.36
CA THR B 262 -55.42 -6.16 -15.95
C THR B 262 -55.98 -7.11 -14.92
N GLU B 263 -57.07 -6.80 -14.30
CA GLU B 263 -57.54 -7.64 -13.22
C GLU B 263 -57.41 -9.16 -13.51
N GLU B 264 -57.37 -9.59 -14.80
CA GLU B 264 -57.17 -11.01 -15.12
C GLU B 264 -55.85 -11.48 -14.51
N GLY B 265 -54.84 -10.61 -14.57
CA GLY B 265 -53.50 -10.90 -14.01
C GLY B 265 -53.49 -10.77 -12.51
N MET B 266 -54.26 -9.81 -12.02
CA MET B 266 -54.34 -9.61 -10.58
C MET B 266 -55.25 -10.67 -9.99
N THR B 267 -56.35 -10.97 -10.68
CA THR B 267 -57.29 -11.98 -10.22
C THR B 267 -56.54 -13.25 -9.87
N LYS B 268 -55.70 -13.72 -10.79
CA LYS B 268 -54.90 -14.91 -10.50
C LYS B 268 -53.92 -14.65 -9.35
N ALA B 269 -53.27 -13.48 -9.34
CA ALA B 269 -52.33 -13.12 -8.27
C ALA B 269 -52.96 -13.29 -6.90
N GLU B 270 -54.15 -12.75 -6.79
CA GLU B 270 -54.92 -12.83 -5.55
C GLU B 270 -55.43 -14.21 -5.29
N LYS B 271 -55.73 -14.98 -6.35
CA LYS B 271 -56.18 -16.35 -6.13
C LYS B 271 -55.04 -17.27 -5.72
N ALA B 272 -53.89 -17.10 -6.35
CA ALA B 272 -52.67 -17.87 -6.03
C ALA B 272 -52.19 -17.57 -4.62
N PHE B 273 -52.14 -16.27 -4.28
CA PHE B 273 -51.71 -15.83 -2.94
C PHE B 273 -52.81 -15.80 -1.88
N GLY B 274 -53.96 -16.38 -2.21
CA GLY B 274 -55.10 -16.43 -1.32
C GLY B 274 -55.30 -15.09 -0.70
N ILE B 275 -55.03 -14.03 -1.47
CA ILE B 275 -55.18 -12.68 -0.97
C ILE B 275 -56.43 -11.95 -1.54
N ASP B 276 -56.98 -11.05 -0.72
CA ASP B 276 -58.18 -10.31 -1.03
C ASP B 276 -58.00 -9.33 -2.22
N ASN B 277 -57.22 -8.27 -2.00
CA ASN B 277 -56.87 -7.32 -3.06
C ASN B 277 -55.36 -7.08 -3.08
N LEU B 278 -54.77 -7.07 -4.27
CA LEU B 278 -53.32 -6.90 -4.42
C LEU B 278 -52.89 -5.45 -4.29
N PHE B 279 -53.86 -4.56 -4.44
CA PHE B 279 -53.59 -3.16 -4.31
C PHE B 279 -54.10 -2.63 -2.99
N ASP B 280 -54.16 -3.50 -2.00
CA ASP B 280 -54.44 -3.04 -0.67
C ASP B 280 -53.15 -2.56 -0.09
N VAL B 281 -53.22 -1.49 0.71
CA VAL B 281 -52.07 -0.90 1.39
C VAL B 281 -51.28 -1.95 2.20
N LYS B 282 -51.96 -3.05 2.52
CA LYS B 282 -51.37 -4.21 3.18
C LYS B 282 -50.23 -4.85 2.42
N HIS B 283 -50.25 -4.73 1.10
CA HIS B 283 -49.28 -5.45 0.29
C HIS B 283 -48.56 -4.60 -0.73
N VAL B 284 -47.73 -3.71 -0.24
CA VAL B 284 -46.78 -3.03 -1.09
C VAL B 284 -45.69 -4.03 -1.45
N ALA B 285 -45.26 -4.81 -0.45
CA ALA B 285 -44.15 -5.74 -0.59
C ALA B 285 -44.52 -6.83 -1.55
N LEU B 286 -45.66 -7.47 -1.32
CA LEU B 286 -46.14 -8.52 -2.21
C LEU B 286 -46.26 -7.98 -3.63
N ASN B 287 -46.98 -6.87 -3.78
CA ASN B 287 -47.11 -6.18 -5.04
C ASN B 287 -45.75 -6.02 -5.69
N HIS B 288 -44.80 -5.39 -4.98
CA HIS B 288 -43.47 -5.13 -5.51
C HIS B 288 -42.60 -6.34 -5.71
N HIS B 289 -42.85 -7.38 -4.92
CA HIS B 289 -42.17 -8.67 -5.13
C HIS B 289 -42.59 -9.25 -6.45
N ILE B 290 -43.90 -9.15 -6.72
CA ILE B 290 -44.50 -9.78 -7.90
C ILE B 290 -44.01 -9.13 -9.18
N ASN B 291 -43.94 -7.79 -9.17
CA ASN B 291 -43.38 -7.05 -10.30
C ASN B 291 -41.91 -7.29 -10.59
N GLN B 292 -41.09 -7.30 -9.54
CA GLN B 292 -39.69 -7.62 -9.75
C GLN B 292 -39.47 -9.02 -10.38
N ALA B 293 -40.31 -9.99 -10.01
CA ALA B 293 -40.27 -11.32 -10.62
C ALA B 293 -40.67 -11.20 -12.07
N LEU B 294 -41.58 -10.25 -12.34
CA LEU B 294 -41.97 -9.90 -13.70
C LEU B 294 -40.81 -9.24 -14.42
N LYS B 295 -40.25 -8.19 -13.85
CA LYS B 295 -39.11 -7.51 -14.43
C LYS B 295 -38.02 -8.52 -14.83
N ALA B 296 -37.52 -9.28 -13.85
CA ALA B 296 -36.52 -10.35 -14.08
C ALA B 296 -36.87 -11.22 -15.27
N HIS B 297 -38.05 -11.81 -15.30
CA HIS B 297 -38.41 -12.74 -16.36
C HIS B 297 -38.63 -12.06 -17.71
N VAL B 298 -39.54 -11.08 -17.73
CA VAL B 298 -40.01 -10.52 -18.99
C VAL B 298 -39.06 -9.52 -19.60
N ALA B 299 -38.39 -8.72 -18.78
CA ALA B 299 -37.60 -7.61 -19.30
C ALA B 299 -36.07 -7.78 -19.28
N MET B 300 -35.56 -8.85 -18.66
CA MET B 300 -34.11 -9.07 -18.57
C MET B 300 -33.60 -10.22 -19.42
N GLN B 301 -32.31 -10.18 -19.75
CA GLN B 301 -31.79 -11.13 -20.71
C GLN B 301 -30.48 -11.81 -20.31
N LYS B 302 -30.49 -13.14 -20.33
CA LYS B 302 -29.42 -13.86 -19.68
C LYS B 302 -28.04 -13.75 -20.32
N ASP B 303 -27.93 -13.14 -21.49
CA ASP B 303 -26.59 -12.92 -22.00
C ASP B 303 -26.41 -11.53 -22.57
N VAL B 304 -27.51 -10.79 -22.53
CA VAL B 304 -27.56 -9.42 -23.01
C VAL B 304 -27.44 -8.52 -21.81
N ASP B 305 -28.39 -8.63 -20.89
CA ASP B 305 -28.48 -7.69 -19.77
C ASP B 305 -27.54 -7.99 -18.62
N TYR B 306 -27.41 -9.28 -18.30
CA TYR B 306 -26.59 -9.82 -17.20
C TYR B 306 -26.04 -11.17 -17.64
N VAL B 307 -25.19 -11.77 -16.77
CA VAL B 307 -24.53 -13.06 -16.99
C VAL B 307 -24.38 -13.90 -15.70
N VAL B 308 -24.00 -15.18 -15.82
CA VAL B 308 -23.81 -16.04 -14.64
C VAL B 308 -22.40 -16.65 -14.60
N GLU B 309 -21.73 -16.41 -13.49
CA GLU B 309 -20.37 -16.93 -13.24
C GLU B 309 -20.18 -17.34 -11.77
N ASP B 310 -20.11 -18.63 -11.54
CA ASP B 310 -20.05 -19.21 -10.15
C ASP B 310 -21.18 -18.80 -9.27
N GLY B 311 -22.37 -18.69 -9.86
CA GLY B 311 -23.55 -18.38 -9.09
C GLY B 311 -23.84 -16.90 -8.93
N GLN B 312 -22.87 -16.05 -9.20
CA GLN B 312 -23.17 -14.64 -9.08
C GLN B 312 -23.98 -14.18 -10.29
N VAL B 313 -24.62 -13.04 -10.16
CA VAL B 313 -25.30 -12.51 -11.33
C VAL B 313 -24.59 -11.21 -11.68
N VAL B 314 -23.65 -11.28 -12.64
CA VAL B 314 -22.84 -10.11 -13.00
C VAL B 314 -23.44 -9.33 -14.18
N ILE B 315 -23.53 -8.00 -14.04
CA ILE B 315 -23.95 -7.11 -15.16
C ILE B 315 -22.84 -7.10 -16.17
N VAL B 316 -23.18 -7.06 -17.45
CA VAL B 316 -22.21 -7.18 -18.55
C VAL B 316 -22.31 -6.01 -19.52
N ASP B 317 -21.17 -5.60 -20.05
CA ASP B 317 -21.18 -4.63 -21.14
C ASP B 317 -21.30 -5.34 -22.50
N SER B 318 -22.51 -5.81 -22.82
CA SER B 318 -22.83 -6.49 -24.08
C SER B 318 -21.85 -6.25 -25.21
N PHE B 319 -21.65 -4.99 -25.60
CA PHE B 319 -20.81 -4.69 -26.76
C PHE B 319 -19.36 -5.17 -26.59
N THR B 320 -18.74 -4.80 -25.47
CA THR B 320 -17.36 -5.12 -25.17
C THR B 320 -17.26 -6.48 -24.40
N GLY B 321 -18.39 -6.99 -23.95
CA GLY B 321 -18.40 -8.21 -23.14
C GLY B 321 -17.72 -8.10 -21.78
N ARG B 322 -17.38 -6.88 -21.37
CA ARG B 322 -16.74 -6.65 -20.06
C ARG B 322 -17.66 -7.02 -18.88
N LEU B 323 -17.14 -7.76 -17.93
CA LEU B 323 -17.92 -8.04 -16.72
C LEU B 323 -17.75 -6.88 -15.75
N MET B 324 -18.80 -6.06 -15.72
CA MET B 324 -18.92 -4.91 -14.83
C MET B 324 -19.17 -5.37 -13.38
N LYS B 325 -18.10 -5.59 -12.65
CA LYS B 325 -18.24 -6.07 -11.31
C LYS B 325 -18.52 -4.89 -10.41
N GLY B 326 -19.36 -5.13 -9.40
CA GLY B 326 -19.74 -4.08 -8.48
C GLY B 326 -21.19 -3.65 -8.61
N ARG B 327 -21.72 -3.66 -9.83
CA ARG B 327 -23.09 -3.23 -10.12
C ARG B 327 -24.12 -4.27 -9.67
N ARG B 328 -25.03 -3.90 -8.76
CA ARG B 328 -26.20 -4.73 -8.41
C ARG B 328 -27.36 -4.30 -9.30
N TYR B 329 -28.59 -4.63 -8.93
CA TYR B 329 -29.77 -4.14 -9.63
C TYR B 329 -30.68 -3.65 -8.52
N SER B 330 -30.74 -2.34 -8.31
CA SER B 330 -31.47 -1.87 -7.14
C SER B 330 -32.95 -2.25 -7.14
N GLU B 331 -33.54 -2.20 -5.95
CA GLU B 331 -34.96 -2.49 -5.63
C GLU B 331 -35.37 -3.97 -5.76
N GLY B 332 -34.54 -4.83 -5.19
CA GLY B 332 -34.80 -6.26 -5.11
C GLY B 332 -34.81 -7.00 -6.44
N LEU B 333 -34.28 -6.36 -7.49
CA LEU B 333 -34.37 -6.95 -8.83
C LEU B 333 -33.25 -7.93 -9.10
N HIS B 334 -32.12 -7.73 -8.42
CA HIS B 334 -30.98 -8.63 -8.49
C HIS B 334 -31.35 -9.97 -7.86
N GLN B 335 -31.98 -9.95 -6.68
CA GLN B 335 -32.42 -11.17 -6.03
C GLN B 335 -33.50 -11.86 -6.86
N ALA B 336 -34.41 -11.06 -7.43
CA ALA B 336 -35.39 -11.57 -8.34
C ALA B 336 -34.61 -12.40 -9.36
N ILE B 337 -33.85 -11.77 -10.24
CA ILE B 337 -33.05 -12.54 -11.20
C ILE B 337 -32.41 -13.84 -10.62
N GLU B 338 -31.66 -13.69 -9.52
CA GLU B 338 -30.97 -14.81 -8.86
C GLU B 338 -31.83 -16.03 -8.74
N ALA B 339 -33.08 -15.79 -8.32
CA ALA B 339 -34.03 -16.85 -8.00
C ALA B 339 -34.51 -17.52 -9.25
N LYS B 340 -34.77 -16.69 -10.27
CA LYS B 340 -35.31 -17.14 -11.58
C LYS B 340 -34.34 -18.00 -12.37
N GLU B 341 -33.09 -17.53 -12.47
CA GLU B 341 -32.05 -18.41 -12.95
C GLU B 341 -32.08 -19.67 -12.08
N GLY B 342 -32.10 -19.48 -10.76
CA GLY B 342 -32.14 -20.62 -9.86
C GLY B 342 -30.77 -20.75 -9.24
N LEU B 343 -30.25 -19.60 -8.81
CA LEU B 343 -28.99 -19.53 -8.10
C LEU B 343 -29.45 -19.26 -6.69
N GLU B 344 -28.57 -19.37 -5.71
CA GLU B 344 -28.99 -19.13 -4.35
C GLU B 344 -29.21 -17.64 -4.19
N ILE B 345 -30.47 -17.22 -4.04
CA ILE B 345 -30.81 -15.83 -3.83
C ILE B 345 -29.72 -15.37 -2.94
N GLN B 346 -28.74 -14.74 -3.58
CA GLN B 346 -27.48 -14.58 -2.83
C GLN B 346 -27.34 -13.68 -1.63
N ASN B 347 -28.14 -12.66 -1.41
CA ASN B 347 -27.89 -11.97 -0.13
C ASN B 347 -29.06 -11.75 0.79
N GLU B 348 -28.77 -11.82 2.09
CA GLU B 348 -29.70 -11.45 3.14
C GLU B 348 -29.07 -10.66 4.32
N SER B 349 -28.24 -9.67 3.95
CA SER B 349 -27.93 -8.53 4.81
C SER B 349 -28.12 -7.30 3.96
N MET B 350 -27.99 -6.11 4.56
CA MET B 350 -28.19 -4.83 3.88
C MET B 350 -27.26 -3.79 4.48
N THR B 351 -27.12 -2.62 3.87
CA THR B 351 -26.52 -1.50 4.60
C THR B 351 -27.56 -0.43 4.70
N LEU B 352 -27.70 0.20 5.86
CA LEU B 352 -28.72 1.23 5.95
C LEU B 352 -28.20 2.67 5.82
N ALA B 353 -26.87 3.01 6.29
CA ALA B 353 -26.25 4.30 6.11
C ALA B 353 -24.74 4.11 6.23
N THR B 354 -24.10 5.08 5.64
CA THR B 354 -22.64 5.08 5.64
C THR B 354 -22.19 6.54 5.71
N ILE B 355 -20.90 6.79 6.24
CA ILE B 355 -20.24 8.09 6.33
C ILE B 355 -18.84 7.87 6.81
N THR B 356 -17.93 8.66 6.29
CA THR B 356 -16.57 8.63 6.73
C THR B 356 -16.47 9.61 7.85
N PHE B 357 -15.60 9.27 8.79
CA PHE B 357 -15.25 10.15 9.88
C PHE B 357 -14.77 11.50 9.39
N GLN B 358 -14.17 11.52 8.20
CA GLN B 358 -13.71 12.75 7.57
C GLN B 358 -14.84 13.72 7.34
N ASN B 359 -15.92 13.18 6.79
CA ASN B 359 -17.04 13.99 6.43
C ASN B 359 -17.98 14.18 7.60
N TYR B 360 -17.94 13.29 8.58
CA TYR B 360 -18.71 13.55 9.79
C TYR B 360 -18.20 14.85 10.40
N PHE B 361 -16.91 14.89 10.72
CA PHE B 361 -16.35 15.98 11.52
C PHE B 361 -16.24 17.30 10.77
N ARG B 362 -16.41 17.26 9.45
CA ARG B 362 -16.42 18.49 8.66
C ARG B 362 -17.78 19.20 8.69
N MET B 363 -18.78 18.58 9.31
CA MET B 363 -20.12 19.14 9.38
C MET B 363 -20.27 20.07 10.56
N TYR B 364 -19.23 20.15 11.37
CA TYR B 364 -19.21 21.01 12.53
C TYR B 364 -18.89 22.42 12.13
N GLU B 365 -19.41 23.34 12.91
CA GLU B 365 -19.21 24.77 12.71
C GLU B 365 -17.81 25.19 13.18
N LYS B 366 -17.18 24.37 14.02
CA LYS B 366 -15.82 24.62 14.51
C LYS B 366 -15.19 23.29 14.94
N LEU B 367 -13.95 23.06 14.54
CA LEU B 367 -13.35 21.80 14.91
C LEU B 367 -12.05 22.01 15.67
N ALA B 368 -11.80 21.14 16.65
CA ALA B 368 -10.49 21.06 17.33
C ALA B 368 -10.09 19.62 17.80
N GLY B 369 -8.78 19.41 17.97
CA GLY B 369 -8.21 18.17 18.49
C GLY B 369 -6.82 18.39 19.05
N MET B 370 -6.16 17.31 19.50
CA MET B 370 -4.92 17.39 20.31
C MET B 370 -4.19 16.04 20.50
N THR B 371 -2.89 16.01 20.21
CA THR B 371 -2.07 14.82 20.43
C THR B 371 -0.63 15.21 20.69
N GLY B 372 0.13 14.30 21.29
CA GLY B 372 1.58 14.45 21.37
C GLY B 372 2.16 14.32 19.98
N THR B 373 1.74 13.27 19.29
CA THR B 373 2.23 12.99 17.95
C THR B 373 1.18 13.42 16.95
N ALA B 374 1.51 14.44 16.16
CA ALA B 374 0.55 15.00 15.18
C ALA B 374 1.19 15.81 14.04
N LYS B 375 2.30 16.47 14.32
CA LYS B 375 2.88 17.47 13.41
C LYS B 375 3.38 16.97 12.03
N THR B 376 3.34 15.66 11.79
CA THR B 376 3.69 15.15 10.47
C THR B 376 2.47 15.21 9.55
N GLU B 377 1.32 14.80 10.06
CA GLU B 377 0.12 14.79 9.23
C GLU B 377 -0.40 16.22 9.07
N GLU B 378 0.43 17.16 9.52
CA GLU B 378 0.17 18.61 9.51
C GLU B 378 -0.57 19.16 8.29
N GLU B 379 -0.05 18.88 7.10
CA GLU B 379 -0.74 19.23 5.87
C GLU B 379 -2.13 18.56 5.79
N GLU B 380 -2.18 17.24 6.00
CA GLU B 380 -3.46 16.53 5.86
C GLU B 380 -4.50 17.14 6.78
N PHE B 381 -4.05 17.71 7.89
CA PHE B 381 -4.92 18.48 8.75
C PHE B 381 -5.32 19.78 8.10
N ARG B 382 -4.32 20.57 7.67
CA ARG B 382 -4.54 21.82 6.95
C ARG B 382 -5.54 21.65 5.83
N ASN B 383 -5.41 20.55 5.11
CA ASN B 383 -6.10 20.39 3.83
C ASN B 383 -7.44 19.69 3.84
N ILE B 384 -7.56 18.62 4.62
CA ILE B 384 -8.84 17.97 4.79
C ILE B 384 -9.70 18.82 5.75
N TYR B 385 -9.08 19.25 6.84
CA TYR B 385 -9.85 19.74 7.97
C TYR B 385 -9.65 21.22 8.27
N ASN B 386 -8.69 21.86 7.63
CA ASN B 386 -8.45 23.29 7.88
C ASN B 386 -8.04 23.58 9.35
N MET B 387 -7.13 22.76 9.87
CA MET B 387 -6.62 22.95 11.21
C MET B 387 -5.12 22.97 11.04
N GLN B 388 -4.41 23.65 11.93
CA GLN B 388 -2.94 23.62 11.90
C GLN B 388 -2.37 23.11 13.21
N VAL B 389 -1.22 22.45 13.13
CA VAL B 389 -0.59 21.84 14.31
C VAL B 389 0.28 22.85 15.04
N VAL B 390 -0.23 23.35 16.16
CA VAL B 390 0.50 24.29 16.99
C VAL B 390 1.28 23.50 18.03
N THR B 391 2.60 23.42 17.86
CA THR B 391 3.46 22.72 18.84
C THR B 391 3.65 23.53 20.15
N ILE B 392 2.73 23.36 21.09
CA ILE B 392 2.88 23.96 22.42
C ILE B 392 4.12 23.32 23.06
N PRO B 393 5.01 24.13 23.67
CA PRO B 393 6.25 23.56 24.22
C PRO B 393 6.05 22.83 25.55
N THR B 394 7.06 22.04 25.90
CA THR B 394 7.02 21.16 27.07
C THR B 394 7.04 21.98 28.36
N ASN B 395 6.13 21.65 29.27
CA ASN B 395 6.11 22.26 30.60
C ASN B 395 7.50 22.37 31.23
N ARG B 396 8.25 21.28 31.20
CA ARG B 396 9.62 21.22 31.71
C ARG B 396 10.52 20.51 30.72
N PRO B 397 11.80 20.95 30.64
CA PRO B 397 12.77 20.38 29.69
C PRO B 397 12.77 18.85 29.72
N VAL B 398 12.35 18.24 28.61
CA VAL B 398 12.22 16.78 28.51
C VAL B 398 13.62 16.19 28.36
N VAL B 399 13.94 15.24 29.25
CA VAL B 399 15.31 14.69 29.37
C VAL B 399 15.45 13.19 29.13
N ARG B 400 14.35 12.49 28.81
CA ARG B 400 14.36 11.06 28.50
C ARG B 400 15.28 10.73 27.33
N ASP B 401 16.14 9.71 27.52
CA ASP B 401 17.12 9.34 26.50
C ASP B 401 16.62 8.35 25.42
N ASP B 402 16.31 8.91 24.25
CA ASP B 402 15.90 8.14 23.10
C ASP B 402 17.14 7.57 22.42
N ARG B 403 17.34 6.26 22.58
CA ARG B 403 18.48 5.58 21.99
C ARG B 403 18.07 4.99 20.62
N PRO B 404 19.00 5.01 19.66
CA PRO B 404 18.89 4.45 18.27
C PRO B 404 18.69 2.93 18.18
N ASP B 405 18.27 2.43 17.02
CA ASP B 405 17.87 1.01 16.86
C ASP B 405 18.99 -0.02 16.88
N LEU B 406 18.69 -1.18 17.48
CA LEU B 406 19.49 -2.38 17.34
C LEU B 406 18.78 -3.33 16.37
N ILE B 407 19.44 -3.64 15.27
CA ILE B 407 18.84 -4.42 14.22
C ILE B 407 19.50 -5.80 14.16
N TYR B 408 18.78 -6.81 14.61
CA TYR B 408 19.28 -8.18 14.58
C TYR B 408 18.99 -8.81 13.25
N ARG B 409 19.29 -10.11 13.14
CA ARG B 409 19.20 -10.82 11.87
C ARG B 409 18.05 -11.82 11.81
N THR B 410 17.94 -12.62 12.87
CA THR B 410 16.77 -13.45 13.09
C THR B 410 15.95 -12.74 14.11
N MET B 411 14.71 -13.19 14.25
CA MET B 411 13.82 -12.57 15.20
C MET B 411 14.04 -13.05 16.63
N GLU B 412 14.49 -14.29 16.78
CA GLU B 412 14.90 -14.81 18.08
C GLU B 412 16.10 -14.04 18.61
N GLY B 413 16.86 -13.43 17.71
CA GLY B 413 17.98 -12.59 18.10
C GLY B 413 17.48 -11.38 18.87
N LYS B 414 16.46 -10.73 18.32
CA LYS B 414 15.87 -9.56 18.97
C LYS B 414 14.94 -9.95 20.11
N PHE B 415 14.32 -11.12 20.01
CA PHE B 415 13.51 -11.66 21.11
C PHE B 415 14.40 -11.86 22.35
N LYS B 416 15.61 -12.39 22.10
CA LYS B 416 16.69 -12.53 23.08
C LYS B 416 16.86 -11.23 23.88
N ALA B 417 17.41 -10.23 23.21
CA ALA B 417 17.85 -9.01 23.86
C ALA B 417 16.72 -8.15 24.46
N VAL B 418 15.49 -8.55 24.22
CA VAL B 418 14.37 -7.95 24.94
C VAL B 418 14.42 -8.55 26.34
N ALA B 419 14.31 -9.88 26.40
CA ALA B 419 14.43 -10.62 27.67
C ALA B 419 15.72 -10.23 28.40
N GLU B 420 16.82 -10.14 27.65
CA GLU B 420 18.05 -9.61 28.22
C GLU B 420 17.76 -8.23 28.78
N ASP B 421 17.50 -7.26 27.91
CA ASP B 421 17.29 -5.88 28.33
C ASP B 421 16.28 -5.71 29.46
N VAL B 422 15.27 -6.57 29.52
CA VAL B 422 14.27 -6.49 30.61
C VAL B 422 14.83 -7.05 31.93
N ALA B 423 15.39 -8.26 31.89
CA ALA B 423 15.94 -8.92 33.09
C ALA B 423 16.80 -7.92 33.87
N GLN B 424 17.80 -7.35 33.19
CA GLN B 424 18.58 -6.21 33.70
C GLN B 424 17.75 -5.20 34.50
N ARG B 425 16.89 -4.47 33.81
CA ARG B 425 16.06 -3.44 34.42
C ARG B 425 15.26 -3.97 35.60
N TYR B 426 15.28 -5.28 35.78
CA TYR B 426 14.42 -5.87 36.78
C TYR B 426 15.17 -6.62 37.87
N MET B 427 16.36 -7.13 37.53
CA MET B 427 17.31 -7.61 38.52
C MET B 427 17.61 -6.41 39.41
N THR B 428 17.63 -5.24 38.79
CA THR B 428 17.68 -3.99 39.54
C THR B 428 16.30 -3.63 40.16
N GLY B 429 15.29 -3.39 39.32
CA GLY B 429 13.95 -2.97 39.80
C GLY B 429 13.37 -1.70 39.18
N GLN B 430 13.93 -1.33 38.01
CA GLN B 430 13.37 -0.31 37.13
C GLN B 430 12.04 -0.84 36.54
N PRO B 431 10.98 -0.02 36.66
CA PRO B 431 9.76 -0.31 35.92
C PRO B 431 10.05 -0.37 34.41
N VAL B 432 9.57 -1.40 33.75
CA VAL B 432 9.75 -1.51 32.31
C VAL B 432 8.38 -1.61 31.64
N LEU B 433 8.28 -1.02 30.44
CA LEU B 433 7.15 -1.20 29.54
C LEU B 433 7.63 -1.63 28.16
N VAL B 434 7.15 -2.79 27.73
CA VAL B 434 7.50 -3.34 26.43
C VAL B 434 6.37 -3.05 25.43
N GLY B 435 6.75 -2.60 24.25
CA GLY B 435 5.81 -2.36 23.18
C GLY B 435 5.95 -3.38 22.07
N THR B 436 4.81 -3.88 21.60
CA THR B 436 4.73 -4.76 20.43
C THR B 436 3.65 -4.28 19.47
N VAL B 437 3.68 -4.81 18.25
CA VAL B 437 2.66 -4.48 17.26
C VAL B 437 1.51 -5.46 17.31
N ALA B 438 1.81 -6.75 17.18
CA ALA B 438 0.77 -7.78 17.21
C ALA B 438 0.86 -8.66 18.45
N VAL B 439 -0.30 -9.20 18.83
CA VAL B 439 -0.45 -10.03 20.04
C VAL B 439 0.29 -11.38 20.02
N GLU B 440 0.85 -11.75 18.87
CA GLU B 440 1.65 -12.98 18.74
C GLU B 440 2.96 -12.77 19.49
N THR B 441 3.71 -11.73 19.09
CA THR B 441 4.94 -11.32 19.78
C THR B 441 4.61 -11.12 21.23
N SER B 442 3.60 -10.30 21.47
CA SER B 442 3.07 -10.04 22.79
C SER B 442 3.06 -11.30 23.66
N GLU B 443 2.48 -12.38 23.14
CA GLU B 443 2.44 -13.66 23.84
C GLU B 443 3.81 -14.30 23.90
N LEU B 444 4.58 -14.13 22.81
CA LEU B 444 5.88 -14.79 22.64
C LEU B 444 6.88 -14.25 23.67
N ILE B 445 7.13 -12.95 23.63
CA ILE B 445 7.85 -12.26 24.70
C ILE B 445 7.24 -12.60 26.07
N SER B 446 5.95 -12.37 26.24
CA SER B 446 5.24 -12.65 27.52
C SER B 446 5.48 -14.06 28.10
N LYS B 447 6.31 -14.86 27.44
CA LYS B 447 6.68 -16.15 27.98
C LYS B 447 8.16 -16.17 28.32
N LEU B 448 8.72 -14.98 28.50
CA LEU B 448 10.09 -14.81 28.99
C LEU B 448 10.16 -15.48 30.34
N LEU B 449 9.02 -15.51 31.03
CA LEU B 449 8.84 -16.26 32.27
C LEU B 449 9.32 -17.71 32.07
N LYS B 450 8.91 -18.31 30.96
CA LYS B 450 9.25 -19.71 30.66
C LYS B 450 10.71 -20.10 30.92
N ASN B 451 11.63 -19.14 30.78
CA ASN B 451 13.05 -19.42 31.05
C ASN B 451 13.77 -18.27 31.77
N LYS B 452 13.00 -17.31 32.30
CA LYS B 452 13.61 -16.23 33.08
C LYS B 452 12.78 -15.82 34.31
N GLY B 453 11.57 -16.38 34.40
CA GLY B 453 10.70 -16.17 35.57
C GLY B 453 10.57 -14.73 36.08
N ILE B 454 10.45 -13.78 35.15
CA ILE B 454 10.22 -12.38 35.48
C ILE B 454 8.72 -12.13 35.49
N PRO B 455 8.11 -12.03 36.69
CA PRO B 455 6.68 -11.76 36.81
C PRO B 455 6.26 -10.48 36.08
N HIS B 456 5.28 -10.59 35.19
CA HIS B 456 4.92 -9.48 34.30
C HIS B 456 3.41 -9.40 34.03
N GLN B 457 3.01 -8.42 33.24
CA GLN B 457 1.61 -8.24 32.91
C GLN B 457 1.37 -8.23 31.40
N VAL B 458 0.39 -9.04 30.96
CA VAL B 458 -0.05 -9.06 29.56
C VAL B 458 -1.10 -7.99 29.28
N LEU B 459 -0.69 -6.92 28.62
CA LEU B 459 -1.58 -5.81 28.37
C LEU B 459 -1.97 -5.79 26.91
N ASN B 460 -2.97 -6.62 26.62
CA ASN B 460 -3.44 -6.90 25.26
C ASN B 460 -4.22 -5.78 24.56
N ALA B 461 -4.74 -4.84 25.35
CA ALA B 461 -5.62 -3.81 24.82
C ALA B 461 -6.95 -4.42 24.37
N LYS B 462 -7.81 -4.72 25.35
CA LYS B 462 -9.20 -5.12 25.10
C LYS B 462 -10.14 -4.74 26.24
N ASN B 463 -9.68 -4.84 27.49
CA ASN B 463 -10.43 -4.31 28.63
C ASN B 463 -9.76 -3.03 29.15
N HIS B 464 -10.11 -1.87 28.58
CA HIS B 464 -9.41 -0.62 28.90
C HIS B 464 -9.40 -0.32 30.39
N GLU B 465 -10.60 -0.20 30.97
CA GLU B 465 -10.78 0.14 32.38
C GLU B 465 -9.72 -0.52 33.28
N ARG B 466 -9.74 -1.84 33.30
CA ARG B 466 -8.78 -2.63 34.07
C ARG B 466 -7.35 -2.27 33.70
N GLU B 467 -7.12 -2.15 32.39
CA GLU B 467 -5.79 -2.00 31.81
C GLU B 467 -5.19 -0.65 32.12
N ALA B 468 -6.06 0.33 32.28
CA ALA B 468 -5.63 1.67 32.61
C ALA B 468 -4.94 1.62 33.95
N GLN B 469 -5.54 0.90 34.88
CA GLN B 469 -4.99 0.71 36.22
C GLN B 469 -3.64 0.04 36.12
N ILE B 470 -3.61 -1.13 35.50
CA ILE B 470 -2.37 -1.85 35.24
C ILE B 470 -1.28 -0.88 34.76
N ILE B 471 -1.66 -0.04 33.78
CA ILE B 471 -0.78 1.00 33.22
C ILE B 471 -0.23 2.01 34.25
N GLU B 472 -1.02 2.32 35.27
CA GLU B 472 -0.53 3.21 36.33
C GLU B 472 0.68 2.62 37.02
N GLU B 473 0.49 1.42 37.59
CA GLU B 473 1.51 0.78 38.38
C GLU B 473 2.71 0.39 37.54
N ALA B 474 2.62 0.66 36.24
CA ALA B 474 3.71 0.36 35.32
C ALA B 474 4.95 1.21 35.58
N GLY B 475 4.79 2.30 36.33
CA GLY B 475 5.92 3.13 36.74
C GLY B 475 6.45 2.81 38.13
N GLN B 476 5.90 1.74 38.75
CA GLN B 476 6.25 1.34 40.12
C GLN B 476 7.45 0.39 40.18
N LYS B 477 7.82 0.00 41.38
CA LYS B 477 8.94 -0.91 41.64
C LYS B 477 8.92 -2.19 40.77
N GLY B 478 10.02 -2.42 40.06
CA GLY B 478 10.19 -3.63 39.25
C GLY B 478 9.00 -4.05 38.38
N ALA B 479 8.17 -3.08 38.02
CA ALA B 479 6.99 -3.32 37.18
C ALA B 479 7.42 -3.75 35.80
N VAL B 480 6.82 -4.84 35.31
CA VAL B 480 7.12 -5.32 33.97
C VAL B 480 5.82 -5.56 33.20
N THR B 481 5.62 -4.78 32.15
CA THR B 481 4.36 -4.77 31.45
C THR B 481 4.60 -4.90 29.95
N ILE B 482 3.75 -5.68 29.30
CA ILE B 482 3.74 -5.76 27.84
C ILE B 482 2.47 -5.13 27.32
N ALA B 483 2.62 -4.18 26.43
CA ALA B 483 1.50 -3.42 25.93
C ALA B 483 1.48 -3.38 24.42
N THR B 484 0.32 -3.71 23.86
CA THR B 484 0.04 -3.52 22.43
C THR B 484 -0.08 -2.04 22.07
N ASN B 485 0.35 -1.70 20.86
CA ASN B 485 0.25 -0.34 20.32
C ASN B 485 -0.75 0.58 21.02
N MET B 486 -1.92 0.04 21.31
CA MET B 486 -3.04 0.79 21.86
C MET B 486 -3.11 0.71 23.37
N ALA B 487 -2.66 -0.42 23.93
CA ALA B 487 -2.92 -0.78 25.32
C ALA B 487 -2.92 0.42 26.24
N GLY B 488 -4.11 0.74 26.76
CA GLY B 488 -4.31 1.93 27.60
C GLY B 488 -3.70 3.22 27.05
N ARG B 489 -4.18 3.67 25.89
CA ARG B 489 -3.89 5.02 25.45
C ARG B 489 -4.59 5.95 26.43
N GLY B 490 -3.96 7.08 26.76
CA GLY B 490 -4.57 8.11 27.58
C GLY B 490 -4.58 7.84 29.09
N THR B 491 -3.61 7.06 29.56
CA THR B 491 -3.37 6.88 31.00
C THR B 491 -1.89 7.02 31.30
N ASP B 492 -1.58 7.92 32.24
CA ASP B 492 -0.21 8.23 32.65
C ASP B 492 0.51 7.15 33.46
N ILE B 493 1.74 6.88 33.03
CA ILE B 493 2.60 5.95 33.71
C ILE B 493 3.52 6.78 34.59
N LYS B 494 2.98 7.18 35.73
CA LYS B 494 3.70 7.96 36.72
C LYS B 494 4.70 7.05 37.42
N LEU B 495 5.70 7.65 38.05
CA LEU B 495 6.84 6.90 38.58
C LEU B 495 6.65 6.52 40.05
N GLY B 496 7.06 5.31 40.40
CA GLY B 496 6.97 4.81 41.77
C GLY B 496 7.90 5.59 42.68
N GLU B 497 7.75 5.41 44.00
CA GLU B 497 8.55 6.19 44.96
C GLU B 497 9.94 5.58 45.14
N GLY B 498 10.93 6.23 44.54
CA GLY B 498 12.29 5.70 44.48
C GLY B 498 12.63 5.26 43.07
N VAL B 499 11.71 5.52 42.14
CA VAL B 499 11.88 5.09 40.74
C VAL B 499 12.76 6.04 39.94
N LYS B 500 12.55 7.34 40.12
CA LYS B 500 13.40 8.35 39.44
C LYS B 500 14.88 8.09 39.70
N GLU B 501 15.19 7.65 40.92
CA GLU B 501 16.55 7.25 41.28
C GLU B 501 16.98 5.88 40.71
N LEU B 502 16.36 5.48 39.59
CA LEU B 502 16.70 4.22 38.94
C LEU B 502 16.91 4.37 37.43
N GLY B 503 16.56 5.53 36.90
CA GLY B 503 16.60 5.79 35.45
C GLY B 503 15.19 6.04 34.91
N GLY B 504 14.20 5.47 35.62
CA GLY B 504 12.81 5.71 35.31
C GLY B 504 12.21 4.57 34.50
N LEU B 505 11.28 4.92 33.61
CA LEU B 505 10.61 3.93 32.75
C LEU B 505 11.47 3.52 31.57
N ALA B 506 11.72 2.21 31.51
CA ALA B 506 12.40 1.57 30.39
C ALA B 506 11.38 1.25 29.32
N VAL B 507 11.55 1.85 28.14
CA VAL B 507 10.69 1.55 27.01
C VAL B 507 11.46 0.67 26.04
N VAL B 508 10.92 -0.52 25.78
CA VAL B 508 11.56 -1.41 24.83
C VAL B 508 10.63 -1.53 23.64
N GLY B 509 11.21 -1.45 22.45
CA GLY B 509 10.44 -1.50 21.21
C GLY B 509 10.79 -2.70 20.36
N THR B 510 9.94 -3.73 20.41
CA THR B 510 10.13 -4.95 19.64
C THR B 510 9.95 -4.81 18.12
N GLU B 511 9.37 -3.70 17.65
CA GLU B 511 9.29 -3.34 16.21
C GLU B 511 8.67 -1.97 15.93
N ARG B 512 9.10 -1.29 14.88
CA ARG B 512 8.52 0.01 14.53
C ARG B 512 7.18 -0.23 13.86
N HIS B 513 6.29 0.75 13.95
CA HIS B 513 4.90 0.57 13.57
C HIS B 513 4.62 0.83 12.11
N GLU B 514 3.40 1.29 11.83
CA GLU B 514 2.98 1.73 10.51
C GLU B 514 3.18 3.24 10.32
N SER B 515 3.57 3.94 11.37
CA SER B 515 3.53 5.39 11.36
C SER B 515 4.44 5.88 12.45
N ARG B 516 5.40 6.76 12.11
CA ARG B 516 6.35 7.25 13.14
C ARG B 516 5.56 7.85 14.27
N ARG B 517 4.39 8.41 13.93
CA ARG B 517 3.47 8.92 14.91
C ARG B 517 3.27 7.93 16.03
N ILE B 518 3.26 6.64 15.69
CA ILE B 518 3.01 5.61 16.70
C ILE B 518 4.30 5.32 17.47
N ASP B 519 5.43 5.31 16.77
CA ASP B 519 6.73 5.10 17.42
C ASP B 519 7.01 6.11 18.55
N ASN B 520 6.80 7.40 18.27
CA ASN B 520 6.94 8.47 19.28
C ASN B 520 5.86 8.38 20.35
N GLN B 521 4.73 7.79 19.99
CA GLN B 521 3.63 7.61 20.90
C GLN B 521 4.03 6.65 22.01
N LEU B 522 4.65 5.55 21.59
CA LEU B 522 5.28 4.60 22.49
C LEU B 522 6.34 5.29 23.36
N ARG B 523 7.34 5.92 22.74
CA ARG B 523 8.42 6.58 23.51
C ARG B 523 7.93 7.64 24.48
N GLY B 524 6.81 8.29 24.13
CA GLY B 524 6.25 9.38 24.92
C GLY B 524 5.44 8.95 26.13
N ARG B 525 5.52 7.68 26.47
CA ARG B 525 4.92 7.16 27.70
C ARG B 525 5.90 7.42 28.83
N SER B 526 7.17 7.49 28.43
CA SER B 526 8.29 7.67 29.33
C SER B 526 8.94 9.02 29.14
N GLY B 527 9.35 9.63 30.24
CA GLY B 527 10.00 10.94 30.19
C GLY B 527 9.02 12.06 30.32
N ARG B 528 7.96 11.87 31.11
CA ARG B 528 6.90 12.83 31.35
C ARG B 528 7.32 13.76 32.49
N GLN B 529 6.87 15.01 32.48
CA GLN B 529 7.14 15.94 33.57
C GLN B 529 8.63 16.06 33.93
N GLY B 530 9.48 16.16 32.94
CA GLY B 530 10.90 16.31 33.17
C GLY B 530 11.60 15.13 33.89
N ASP B 531 10.89 13.98 33.97
CA ASP B 531 11.43 12.77 34.56
C ASP B 531 12.44 12.17 33.61
N PRO B 532 13.49 11.52 34.15
CA PRO B 532 14.42 10.91 33.23
C PRO B 532 13.88 9.57 32.70
N GLY B 533 14.41 9.13 31.57
CA GLY B 533 13.98 7.88 30.99
C GLY B 533 14.80 7.41 29.81
N ILE B 534 14.41 6.26 29.31
CA ILE B 534 15.09 5.60 28.22
C ILE B 534 14.00 5.03 27.29
N THR B 535 14.24 5.10 25.98
CA THR B 535 13.48 4.29 25.01
C THR B 535 14.47 3.65 24.07
N GLN B 536 14.23 2.38 23.73
CA GLN B 536 15.11 1.65 22.83
C GLN B 536 14.33 0.81 21.85
N PHE B 537 14.68 0.92 20.58
CA PHE B 537 14.03 0.06 19.60
C PHE B 537 14.80 -1.24 19.31
N TYR B 538 14.08 -2.27 18.87
CA TYR B 538 14.69 -3.53 18.49
C TYR B 538 14.04 -3.98 17.21
N LEU B 539 14.84 -4.25 16.21
CA LEU B 539 14.33 -4.73 14.94
C LEU B 539 15.20 -5.91 14.56
N SER B 540 14.69 -6.71 13.64
CA SER B 540 15.47 -7.77 13.03
C SER B 540 15.21 -7.73 11.55
N MET B 541 16.10 -8.35 10.78
CA MET B 541 15.97 -8.33 9.33
C MET B 541 14.80 -9.18 8.83
N GLU B 542 14.17 -9.91 9.73
CA GLU B 542 12.94 -10.64 9.41
C GLU B 542 11.73 -9.77 9.72
N ASP B 543 11.97 -8.60 10.30
CA ASP B 543 10.87 -7.69 10.68
C ASP B 543 10.00 -7.32 9.50
N GLU B 544 8.69 -7.51 9.71
CA GLU B 544 7.63 -7.17 8.77
C GLU B 544 8.05 -6.11 7.73
N LEU B 545 8.30 -4.89 8.19
CA LEU B 545 8.55 -3.76 7.29
C LEU B 545 9.94 -3.80 6.64
N MET B 546 10.87 -4.56 7.24
CA MET B 546 12.21 -4.74 6.68
C MET B 546 12.10 -5.49 5.35
N ARG B 547 11.23 -6.50 5.33
CA ARG B 547 10.91 -7.21 4.12
C ARG B 547 10.16 -6.29 3.15
N ARG B 548 10.86 -5.21 2.76
CA ARG B 548 10.30 -4.24 1.84
C ARG B 548 11.38 -3.61 0.94
N PHE B 549 10.86 -2.92 -0.08
CA PHE B 549 11.53 -2.50 -1.31
C PHE B 549 12.60 -1.38 -1.17
N GLY B 550 13.40 -1.24 -2.23
CA GLY B 550 14.44 -0.20 -2.31
C GLY B 550 15.59 -0.37 -1.33
N ALA B 551 15.26 -0.83 -0.10
CA ALA B 551 16.23 -0.84 1.00
C ALA B 551 16.88 -2.20 1.30
N GLU B 552 16.75 -3.19 0.40
CA GLU B 552 17.42 -4.50 0.62
C GLU B 552 18.95 -4.40 0.34
N ARG B 553 19.50 -3.21 0.60
CA ARG B 553 20.89 -2.87 0.32
C ARG B 553 21.70 -2.83 1.61
N THR B 554 21.10 -2.20 2.64
CA THR B 554 21.66 -2.14 3.97
C THR B 554 21.59 -3.52 4.61
N MET B 555 20.43 -4.15 4.47
CA MET B 555 20.25 -5.54 4.86
C MET B 555 21.32 -6.42 4.23
N ALA B 556 21.50 -6.28 2.92
CA ALA B 556 22.47 -7.05 2.12
C ALA B 556 23.92 -6.79 2.57
N MET B 557 24.21 -5.53 2.92
CA MET B 557 25.49 -5.17 3.52
C MET B 557 25.65 -5.92 4.84
N LEU B 558 24.64 -5.81 5.71
CA LEU B 558 24.64 -6.51 6.99
C LEU B 558 24.79 -8.03 6.82
N ASP B 559 24.11 -8.57 5.80
CA ASP B 559 24.23 -10.00 5.44
C ASP B 559 25.67 -10.43 5.13
N ARG B 560 26.46 -9.48 4.62
CA ARG B 560 27.82 -9.74 4.14
C ARG B 560 28.91 -9.11 5.04
N PHE B 561 30.02 -9.82 5.20
CA PHE B 561 31.13 -9.38 6.07
C PHE B 561 30.71 -9.25 7.54
N GLY B 562 30.48 -10.39 8.19
CA GLY B 562 30.37 -10.52 9.65
C GLY B 562 29.08 -10.08 10.36
N MET B 563 28.21 -11.04 10.68
CA MET B 563 26.94 -10.75 11.37
C MET B 563 26.36 -11.93 12.16
N ASP B 564 26.67 -11.98 13.47
CA ASP B 564 26.07 -12.95 14.41
C ASP B 564 25.30 -12.28 15.54
N ASP B 565 24.14 -12.86 15.87
CA ASP B 565 23.22 -12.31 16.88
C ASP B 565 23.84 -12.19 18.28
N SER B 566 25.14 -12.50 18.35
CA SER B 566 26.00 -12.13 19.47
C SER B 566 26.03 -10.60 19.66
N THR B 567 25.90 -9.87 18.54
CA THR B 567 25.83 -8.39 18.53
C THR B 567 24.86 -7.91 17.43
N PRO B 568 24.03 -6.90 17.75
CA PRO B 568 23.16 -6.31 16.73
C PRO B 568 23.96 -5.33 15.88
N ILE B 569 23.25 -4.57 15.06
CA ILE B 569 23.86 -3.53 14.26
C ILE B 569 23.26 -2.19 14.64
N GLN B 570 24.14 -1.23 14.91
CA GLN B 570 23.73 0.16 15.07
C GLN B 570 24.53 1.02 14.10
N SER B 571 24.02 1.07 12.87
CA SER B 571 24.56 1.90 11.80
C SER B 571 23.47 2.89 11.40
N LYS B 572 23.72 4.17 11.64
CA LYS B 572 22.76 5.22 11.34
C LYS B 572 22.15 5.05 9.95
N MET B 573 22.86 4.32 9.09
CA MET B 573 22.40 4.02 7.74
C MET B 573 21.15 3.11 7.68
N VAL B 574 21.12 2.08 8.55
CA VAL B 574 19.97 1.18 8.67
C VAL B 574 18.79 1.98 9.19
N SER B 575 18.97 2.56 10.36
CA SER B 575 18.14 3.63 10.88
C SER B 575 17.45 4.39 9.74
N ARG B 576 18.24 4.88 8.80
CA ARG B 576 17.71 5.63 7.64
C ARG B 576 16.94 4.78 6.65
N ALA B 577 17.46 3.59 6.30
CA ALA B 577 16.82 2.74 5.28
C ALA B 577 15.43 2.30 5.69
N VAL B 578 15.24 2.18 7.00
CA VAL B 578 13.96 1.81 7.60
C VAL B 578 12.91 2.91 7.40
N GLU B 579 13.23 4.11 7.88
CA GLU B 579 12.30 5.24 7.86
C GLU B 579 11.72 5.50 6.46
N SER B 580 12.47 5.11 5.43
CA SER B 580 12.06 5.27 4.05
C SER B 580 10.97 4.27 3.69
N SER B 581 11.19 3.01 4.07
CA SER B 581 10.21 1.96 3.82
C SER B 581 8.95 2.30 4.55
N GLN B 582 9.13 2.97 5.67
CA GLN B 582 8.01 3.36 6.45
C GLN B 582 7.20 4.46 5.78
N LYS B 583 7.80 5.62 5.55
CA LYS B 583 7.05 6.70 4.93
C LYS B 583 6.34 6.16 3.70
N ARG B 584 6.92 5.12 3.11
CA ARG B 584 6.30 4.45 2.00
C ARG B 584 4.99 3.79 2.44
N VAL B 585 5.04 2.89 3.43
CA VAL B 585 3.82 2.33 3.96
C VAL B 585 2.84 3.45 4.25
N GLU B 586 3.25 4.42 5.06
CA GLU B 586 2.44 5.61 5.33
C GLU B 586 1.80 6.14 4.04
N GLY B 587 2.62 6.45 3.03
CA GLY B 587 2.06 6.91 1.75
C GLY B 587 0.85 6.09 1.28
N ASN B 588 1.07 4.79 1.12
CA ASN B 588 0.02 3.86 0.73
C ASN B 588 -1.19 4.03 1.63
N ASN B 589 -0.89 4.11 2.91
CA ASN B 589 -1.86 4.15 4.00
C ASN B 589 -2.63 5.48 3.96
N PHE B 590 -1.97 6.56 3.52
CA PHE B 590 -2.65 7.83 3.25
C PHE B 590 -3.58 7.73 2.05
N ASP B 591 -3.08 7.18 0.93
CA ASP B 591 -3.88 7.05 -0.28
C ASP B 591 -5.20 6.35 -0.05
N SER B 592 -5.18 5.27 0.75
CA SER B 592 -6.36 4.46 1.09
C SER B 592 -7.56 5.29 1.57
N ARG B 593 -7.39 5.91 2.72
CA ARG B 593 -8.39 6.85 3.22
C ARG B 593 -8.66 7.97 2.22
N LYS B 594 -7.61 8.55 1.64
CA LYS B 594 -7.82 9.59 0.63
C LYS B 594 -8.87 9.07 -0.33
N GLN B 595 -8.81 7.78 -0.62
CA GLN B 595 -9.74 7.10 -1.54
C GLN B 595 -11.14 6.79 -0.99
N LEU B 596 -11.23 6.47 0.30
CA LEU B 596 -12.52 6.35 0.94
C LEU B 596 -13.17 7.70 0.79
N LEU B 597 -12.51 8.74 1.30
CA LEU B 597 -13.07 10.08 1.30
C LEU B 597 -13.72 10.47 -0.03
N GLN B 598 -13.06 10.13 -1.12
CA GLN B 598 -13.62 10.43 -2.43
C GLN B 598 -14.90 9.66 -2.76
N TYR B 599 -14.96 8.36 -2.46
CA TYR B 599 -16.19 7.61 -2.71
C TYR B 599 -17.30 8.09 -1.79
N ASP B 600 -16.90 8.64 -0.64
CA ASP B 600 -17.84 9.17 0.32
C ASP B 600 -18.25 10.52 -0.12
N ASP B 601 -17.29 11.29 -0.64
CA ASP B 601 -17.65 12.56 -1.25
C ASP B 601 -18.84 12.37 -2.16
N VAL B 602 -18.80 11.39 -3.07
CA VAL B 602 -19.98 11.11 -3.92
C VAL B 602 -21.30 10.93 -3.14
N LEU B 603 -21.24 10.16 -2.06
CA LEU B 603 -22.40 9.94 -1.19
C LEU B 603 -22.84 11.23 -0.49
N ARG B 604 -21.87 12.03 -0.07
CA ARG B 604 -22.15 13.24 0.64
C ARG B 604 -23.16 14.09 -0.14
N GLN B 605 -22.98 14.16 -1.45
CA GLN B 605 -23.92 14.88 -2.28
C GLN B 605 -25.33 14.24 -2.29
N GLN B 606 -25.44 13.06 -2.87
CA GLN B 606 -26.61 12.22 -2.66
C GLN B 606 -27.29 12.39 -1.28
N ARG B 607 -26.54 12.24 -0.18
CA ARG B 607 -27.06 12.56 1.16
C ARG B 607 -27.73 13.92 1.22
N GLU B 608 -26.96 14.97 0.96
CA GLU B 608 -27.50 16.33 0.99
C GLU B 608 -28.94 16.39 0.44
N VAL B 609 -29.13 15.84 -0.75
CA VAL B 609 -30.42 15.95 -1.41
C VAL B 609 -31.51 15.23 -0.66
N ILE B 610 -31.28 13.94 -0.41
CA ILE B 610 -32.30 13.08 0.17
C ILE B 610 -32.60 13.52 1.57
N TYR B 611 -31.53 13.81 2.32
CA TYR B 611 -31.66 14.16 3.70
C TYR B 611 -32.64 15.31 3.83
N LYS B 612 -32.56 16.31 2.95
CA LYS B 612 -33.60 17.35 2.86
C LYS B 612 -34.92 16.76 2.35
N GLN B 613 -34.95 16.33 1.06
CA GLN B 613 -36.18 15.74 0.50
C GLN B 613 -36.97 15.03 1.63
N ARG B 614 -36.30 14.20 2.44
CA ARG B 614 -37.00 13.43 3.46
C ARG B 614 -37.60 14.32 4.53
N PHE B 615 -36.82 15.28 5.06
CA PHE B 615 -37.30 16.23 6.08
C PHE B 615 -38.34 17.17 5.49
N GLU B 616 -38.27 17.32 4.17
CA GLU B 616 -39.25 18.07 3.42
C GLU B 616 -40.59 17.34 3.56
N VAL B 617 -40.55 16.06 3.30
CA VAL B 617 -41.79 15.27 3.37
C VAL B 617 -42.32 15.12 4.78
N ILE B 618 -41.50 15.36 5.85
CA ILE B 618 -41.89 14.95 7.24
C ILE B 618 -43.18 15.45 7.81
N ASP B 619 -43.52 16.67 7.48
CA ASP B 619 -44.77 17.31 7.87
C ASP B 619 -45.12 18.47 6.91
N SER B 620 -46.10 18.35 6.04
CA SER B 620 -46.49 19.55 5.31
C SER B 620 -47.89 19.87 5.86
N GLU B 621 -48.22 21.12 6.19
CA GLU B 621 -49.56 21.36 6.78
C GLU B 621 -50.61 21.99 5.87
N ASN B 622 -50.23 23.04 5.15
CA ASN B 622 -51.16 23.77 4.25
C ASN B 622 -51.60 23.05 2.88
N LEU B 623 -52.96 22.91 2.64
CA LEU B 623 -53.58 22.37 1.39
C LEU B 623 -53.28 20.95 1.07
N ARG B 624 -52.72 20.47 2.19
CA ARG B 624 -52.21 19.16 2.58
C ARG B 624 -50.77 18.90 2.13
N GLU B 625 -50.19 19.95 1.50
CA GLU B 625 -48.75 20.03 1.15
C GLU B 625 -47.99 18.83 0.62
N ILE B 626 -48.65 17.90 0.01
CA ILE B 626 -47.94 16.82 -0.62
C ILE B 626 -48.42 16.78 -2.04
N VAL B 627 -49.73 16.84 -2.20
CA VAL B 627 -50.31 16.74 -3.56
C VAL B 627 -49.35 17.24 -4.64
N GLU B 628 -48.88 18.44 -4.46
CA GLU B 628 -47.97 19.12 -5.35
C GLU B 628 -46.79 18.23 -5.77
N ASN B 629 -46.02 17.82 -4.77
CA ASN B 629 -44.87 16.95 -5.02
C ASN B 629 -45.29 15.72 -5.75
N MET B 630 -46.35 15.19 -5.21
CA MET B 630 -47.00 13.99 -5.71
C MET B 630 -47.56 14.19 -7.08
N ILE B 631 -48.14 15.38 -7.35
CA ILE B 631 -48.63 15.68 -8.69
C ILE B 631 -47.40 15.76 -9.61
N LYS B 632 -46.33 16.40 -9.14
CA LYS B 632 -45.08 16.51 -9.92
C LYS B 632 -44.54 15.11 -10.18
N SER B 633 -44.29 14.32 -9.12
CA SER B 633 -43.98 12.89 -9.24
C SER B 633 -44.88 12.21 -10.31
N SER B 634 -46.20 12.43 -10.31
CA SER B 634 -47.07 11.84 -11.35
C SER B 634 -46.73 12.34 -12.77
N LEU B 635 -46.52 13.65 -12.90
CA LEU B 635 -46.24 14.25 -14.20
C LEU B 635 -44.95 13.72 -14.81
N GLU B 636 -44.01 13.31 -13.97
CA GLU B 636 -42.71 12.78 -14.41
C GLU B 636 -42.86 11.47 -15.12
N ARG B 637 -43.46 10.52 -14.42
CA ARG B 637 -43.85 9.25 -14.99
C ARG B 637 -44.51 9.52 -16.32
N ALA B 638 -45.73 10.06 -16.31
CA ALA B 638 -46.44 10.21 -17.57
C ALA B 638 -45.48 10.73 -18.66
N ILE B 639 -44.77 11.84 -18.39
CA ILE B 639 -43.78 12.42 -19.35
C ILE B 639 -42.86 11.33 -19.89
N ALA B 640 -42.10 10.67 -19.00
CA ALA B 640 -41.15 9.64 -19.41
C ALA B 640 -41.88 8.61 -20.27
N ALA B 641 -43.11 8.30 -19.90
CA ALA B 641 -43.89 7.25 -20.56
C ALA B 641 -44.21 7.52 -22.02
N TYR B 642 -44.30 8.79 -22.44
CA TYR B 642 -44.55 9.02 -23.86
C TYR B 642 -43.27 9.09 -24.62
N THR B 643 -42.24 9.68 -24.03
CA THR B 643 -40.95 9.79 -24.70
C THR B 643 -40.59 8.55 -25.54
N PRO B 644 -40.96 7.33 -25.09
CA PRO B 644 -40.97 6.15 -25.96
C PRO B 644 -42.04 6.16 -27.05
N ARG B 645 -43.27 6.27 -26.64
CA ARG B 645 -44.40 6.21 -27.58
C ARG B 645 -44.51 7.44 -28.54
N GLU B 646 -43.59 8.39 -28.37
CA GLU B 646 -43.56 9.60 -29.16
C GLU B 646 -42.17 9.68 -29.73
N GLU B 647 -41.98 8.82 -30.77
CA GLU B 647 -40.71 8.63 -31.49
C GLU B 647 -40.41 9.58 -32.66
N LEU B 648 -39.13 9.42 -33.19
CA LEU B 648 -38.62 10.21 -34.35
C LEU B 648 -39.42 9.91 -35.62
N PRO B 649 -39.97 8.67 -35.71
CA PRO B 649 -40.92 8.40 -36.84
C PRO B 649 -42.29 8.79 -36.31
N GLU B 650 -42.89 9.84 -36.78
CA GLU B 650 -44.14 10.26 -36.24
C GLU B 650 -45.34 9.24 -36.06
N GLU B 651 -45.42 8.07 -36.67
CA GLU B 651 -46.63 7.25 -36.37
C GLU B 651 -46.35 6.19 -35.29
N TRP B 652 -47.26 6.06 -34.33
CA TRP B 652 -47.05 5.21 -33.13
C TRP B 652 -47.96 4.02 -32.83
N LYS B 653 -47.32 3.06 -32.18
CA LYS B 653 -48.00 1.88 -31.65
C LYS B 653 -48.49 2.32 -30.27
N LEU B 654 -49.45 3.23 -30.30
CA LEU B 654 -49.97 3.90 -29.11
C LEU B 654 -50.55 2.91 -28.13
N ASP B 655 -51.53 2.10 -28.57
CA ASP B 655 -52.19 1.08 -27.73
C ASP B 655 -51.44 0.54 -26.51
N GLY B 656 -50.14 0.27 -26.67
CA GLY B 656 -49.30 -0.08 -25.56
C GLY B 656 -49.32 1.01 -24.52
N LEU B 657 -49.32 2.27 -24.98
CA LEU B 657 -49.35 3.39 -24.05
C LEU B 657 -50.71 3.49 -23.40
N VAL B 658 -51.73 3.56 -24.24
CA VAL B 658 -53.10 3.64 -23.74
C VAL B 658 -53.23 2.55 -22.71
N ASP B 659 -52.75 1.38 -23.09
CA ASP B 659 -52.72 0.21 -22.25
C ASP B 659 -52.05 0.50 -20.91
N LEU B 660 -50.77 0.87 -20.93
CA LEU B 660 -50.01 1.22 -19.72
C LEU B 660 -50.72 2.21 -18.80
N ILE B 661 -51.06 3.38 -19.34
CA ILE B 661 -51.75 4.42 -18.58
C ILE B 661 -52.92 3.77 -17.83
N ASN B 662 -53.75 3.02 -18.55
CA ASN B 662 -54.88 2.34 -17.97
C ASN B 662 -54.58 1.43 -16.78
N THR B 663 -53.32 1.04 -16.64
CA THR B 663 -52.94 0.12 -15.57
C THR B 663 -51.81 0.66 -14.68
N THR B 664 -51.70 1.97 -14.57
CA THR B 664 -50.71 2.56 -13.68
C THR B 664 -51.27 3.85 -13.10
N TYR B 665 -52.21 4.46 -13.82
CA TYR B 665 -52.70 5.76 -13.43
C TYR B 665 -54.22 5.77 -13.40
N LEU B 666 -54.80 5.70 -14.58
CA LEU B 666 -56.23 5.58 -14.69
C LEU B 666 -56.54 4.11 -14.47
N ASP B 667 -57.80 3.75 -14.72
CA ASP B 667 -58.39 2.46 -14.41
C ASP B 667 -58.93 1.92 -15.73
N GLU B 668 -59.21 0.62 -15.80
CA GLU B 668 -59.59 -0.01 -17.08
C GLU B 668 -60.56 0.75 -17.97
N GLY B 669 -60.32 0.68 -19.28
CA GLY B 669 -61.18 1.29 -20.28
C GLY B 669 -61.28 2.81 -20.21
N ALA B 670 -60.44 3.42 -19.39
CA ALA B 670 -60.48 4.87 -19.24
C ALA B 670 -60.02 5.59 -20.50
N LEU B 671 -58.89 5.15 -21.06
CA LEU B 671 -58.36 5.77 -22.26
C LEU B 671 -58.41 4.86 -23.47
N GLU B 672 -58.74 5.46 -24.61
CA GLU B 672 -58.63 4.81 -25.91
C GLU B 672 -57.63 5.56 -26.77
N LYS B 673 -57.00 4.87 -27.72
CA LYS B 673 -56.09 5.54 -28.64
C LYS B 673 -56.89 6.51 -29.50
N SER B 674 -58.16 6.18 -29.72
CA SER B 674 -59.15 7.12 -30.22
C SER B 674 -58.93 8.54 -29.65
N ASP B 675 -58.77 8.64 -28.32
CA ASP B 675 -58.57 9.93 -27.62
C ASP B 675 -57.21 10.54 -27.87
N ILE B 676 -56.26 9.69 -28.22
CA ILE B 676 -54.87 10.12 -28.19
C ILE B 676 -54.11 10.06 -29.51
N PHE B 677 -54.74 9.48 -30.54
CA PHE B 677 -54.10 9.33 -31.83
C PHE B 677 -53.86 10.66 -32.53
N GLY B 678 -52.60 10.96 -32.82
CA GLY B 678 -52.26 12.11 -33.66
C GLY B 678 -52.28 13.46 -32.96
N LYS B 679 -52.30 13.45 -31.64
CA LYS B 679 -52.04 14.65 -30.87
C LYS B 679 -50.53 14.68 -30.68
N GLU B 680 -49.95 15.82 -30.34
CA GLU B 680 -48.54 15.80 -29.98
C GLU B 680 -48.30 15.56 -28.48
N PRO B 681 -47.16 14.91 -28.14
CA PRO B 681 -46.82 14.55 -26.77
C PRO B 681 -47.40 15.48 -25.71
N ASP B 682 -47.20 16.78 -25.83
CA ASP B 682 -47.64 17.70 -24.79
C ASP B 682 -49.14 17.61 -24.56
N GLU B 683 -49.92 17.82 -25.62
CA GLU B 683 -51.38 17.71 -25.51
C GLU B 683 -51.79 16.28 -25.22
N MET B 684 -50.96 15.31 -25.60
CA MET B 684 -51.17 13.95 -25.15
C MET B 684 -50.97 13.91 -23.65
N LEU B 685 -49.94 14.60 -23.17
CA LEU B 685 -49.62 14.60 -21.75
C LEU B 685 -50.74 15.29 -20.98
N GLU B 686 -51.27 16.38 -21.55
CA GLU B 686 -52.25 17.19 -20.87
C GLU B 686 -53.60 16.51 -20.71
N LEU B 687 -54.04 15.90 -21.80
CA LEU B 687 -55.26 15.11 -21.84
C LEU B 687 -55.27 14.06 -20.74
N ILE B 688 -54.13 13.37 -20.59
CA ILE B 688 -53.93 12.29 -19.61
C ILE B 688 -53.81 12.88 -18.20
N MET B 689 -52.99 13.92 -18.07
CA MET B 689 -52.85 14.60 -16.81
C MET B 689 -54.21 15.03 -16.21
N ASP B 690 -55.05 15.67 -17.04
CA ASP B 690 -56.41 16.07 -16.65
C ASP B 690 -57.14 14.90 -16.03
N ARG B 691 -57.27 13.81 -16.77
CA ARG B 691 -58.09 12.67 -16.35
C ARG B 691 -57.58 12.19 -15.02
N ILE B 692 -56.26 12.17 -14.90
CA ILE B 692 -55.62 11.76 -13.67
C ILE B 692 -56.05 12.71 -12.55
N ILE B 693 -55.85 14.01 -12.75
CA ILE B 693 -56.25 14.98 -11.73
C ILE B 693 -57.72 14.86 -11.33
N THR B 694 -58.62 14.76 -12.32
CA THR B 694 -60.03 14.58 -12.06
C THR B 694 -60.17 13.40 -11.13
N LYS B 695 -59.55 12.29 -11.50
CA LYS B 695 -59.60 11.10 -10.68
C LYS B 695 -59.08 11.39 -9.29
N TYR B 696 -57.88 11.98 -9.24
CA TYR B 696 -57.24 12.38 -8.00
C TYR B 696 -58.26 13.02 -7.07
N ASN B 697 -58.95 14.03 -7.58
CA ASN B 697 -59.98 14.76 -6.84
C ASN B 697 -61.10 13.81 -6.36
N GLU B 698 -61.56 12.95 -7.23
CA GLU B 698 -62.56 12.04 -6.78
C GLU B 698 -62.00 11.29 -5.54
N LYS B 699 -60.77 10.80 -5.60
CA LYS B 699 -60.26 10.01 -4.46
C LYS B 699 -60.33 10.79 -3.12
N GLU B 700 -59.83 12.00 -3.16
CA GLU B 700 -59.88 12.91 -2.01
C GLU B 700 -61.30 12.85 -1.44
N GLU B 701 -62.27 13.20 -2.35
CA GLU B 701 -63.74 13.32 -2.08
C GLU B 701 -64.37 12.12 -1.37
N GLN B 702 -64.05 10.86 -1.74
CA GLN B 702 -64.68 9.71 -1.07
C GLN B 702 -63.98 9.51 0.22
N PHE B 703 -62.70 9.60 0.21
CA PHE B 703 -62.11 9.50 1.51
C PHE B 703 -61.00 10.57 1.56
N GLY B 704 -61.13 11.70 2.31
CA GLY B 704 -60.13 12.79 2.16
C GLY B 704 -59.49 13.68 3.29
N LYS B 705 -59.54 13.48 4.56
CA LYS B 705 -58.73 14.36 5.38
C LYS B 705 -57.56 13.45 5.83
N GLU B 706 -57.73 12.20 5.34
CA GLU B 706 -56.93 10.99 5.52
C GLU B 706 -55.93 10.74 4.39
N GLN B 707 -56.23 11.23 3.18
CA GLN B 707 -55.42 11.14 1.94
C GLN B 707 -53.97 11.62 2.15
N MET B 708 -53.81 12.65 3.02
CA MET B 708 -52.50 13.17 3.42
C MET B 708 -51.78 12.08 4.20
N ARG B 709 -52.63 11.24 4.81
CA ARG B 709 -52.16 10.08 5.54
C ARG B 709 -51.66 9.10 4.49
N GLU B 710 -52.42 8.93 3.42
CA GLU B 710 -51.95 7.93 2.41
C GLU B 710 -50.84 8.50 1.52
N PHE B 711 -50.86 9.79 1.42
CA PHE B 711 -49.95 10.66 0.75
C PHE B 711 -48.53 10.57 1.23
N GLU B 712 -48.46 10.44 2.54
CA GLU B 712 -47.25 10.44 3.33
C GLU B 712 -46.73 9.08 3.65
N LYS B 713 -47.66 8.18 3.80
CA LYS B 713 -47.25 6.84 4.09
C LYS B 713 -46.67 6.22 2.82
N VAL B 714 -47.23 6.61 1.67
CA VAL B 714 -46.73 6.17 0.37
C VAL B 714 -45.39 6.80 -0.02
N ILE B 715 -45.28 8.12 0.17
CA ILE B 715 -44.09 8.93 -0.16
C ILE B 715 -42.93 8.52 0.69
N VAL B 716 -43.12 8.67 1.97
CA VAL B 716 -42.07 8.36 2.92
C VAL B 716 -41.73 6.90 2.97
N LEU B 717 -42.65 6.14 2.53
CA LEU B 717 -42.48 4.71 2.51
C LEU B 717 -41.47 4.34 1.47
N ARG B 718 -41.60 4.84 0.28
CA ARG B 718 -40.57 4.26 -0.59
C ARG B 718 -39.36 5.21 -0.80
N ALA B 719 -39.35 6.45 -0.28
CA ALA B 719 -38.15 7.28 -0.45
C ALA B 719 -37.16 6.87 0.62
N VAL B 720 -37.70 6.38 1.70
CA VAL B 720 -36.86 5.93 2.75
C VAL B 720 -36.37 4.54 2.47
N ASP B 721 -37.33 3.67 2.24
CA ASP B 721 -37.00 2.22 2.10
C ASP B 721 -36.60 1.67 0.73
N SER B 722 -37.24 2.14 -0.35
CA SER B 722 -36.97 1.73 -1.72
C SER B 722 -35.78 2.38 -2.34
N LYS B 723 -35.82 3.64 -2.49
CA LYS B 723 -34.70 4.20 -3.20
C LYS B 723 -33.40 4.37 -2.42
N TRP B 724 -33.52 5.03 -1.29
CA TRP B 724 -32.37 5.45 -0.49
C TRP B 724 -31.58 4.30 0.22
N MET B 725 -32.21 3.61 1.17
CA MET B 725 -31.52 2.53 1.89
C MET B 725 -30.92 1.49 0.91
N ASP B 726 -31.71 1.11 -0.11
CA ASP B 726 -31.31 0.16 -1.14
C ASP B 726 -30.16 0.73 -1.95
N HIS B 727 -30.15 2.04 -2.17
CA HIS B 727 -29.14 2.72 -2.93
C HIS B 727 -27.90 2.75 -2.10
N ILE B 728 -28.06 3.11 -0.83
CA ILE B 728 -26.92 3.06 0.07
C ILE B 728 -26.24 1.68 -0.02
N ASP B 729 -27.04 0.62 0.01
CA ASP B 729 -26.55 -0.76 -0.05
C ASP B 729 -25.83 -1.10 -1.36
N ALA B 730 -26.46 -0.76 -2.47
CA ALA B 730 -25.90 -0.91 -3.82
C ALA B 730 -24.57 -0.17 -3.91
N MET B 731 -24.63 1.09 -3.49
CA MET B 731 -23.49 1.99 -3.53
C MET B 731 -22.28 1.47 -2.71
N ASP B 732 -22.57 0.98 -1.50
CA ASP B 732 -21.60 0.35 -0.60
C ASP B 732 -20.98 -0.83 -1.31
N GLN B 733 -21.80 -1.55 -2.06
CA GLN B 733 -21.31 -2.73 -2.74
C GLN B 733 -20.48 -2.38 -3.96
N LEU B 734 -21.00 -1.47 -4.80
CA LEU B 734 -20.23 -0.96 -5.91
C LEU B 734 -18.83 -0.59 -5.39
N ARG B 735 -18.86 0.31 -4.40
CA ARG B 735 -17.74 0.78 -3.59
C ARG B 735 -16.73 -0.32 -3.34
N GLN B 736 -17.23 -1.49 -3.00
CA GLN B 736 -16.32 -2.60 -2.73
C GLN B 736 -15.87 -3.31 -4.00
N GLY B 737 -16.80 -3.96 -4.68
CA GLY B 737 -16.50 -4.84 -5.81
C GLY B 737 -15.97 -4.22 -7.11
N ILE B 738 -16.00 -2.90 -7.23
CA ILE B 738 -15.50 -2.22 -8.44
C ILE B 738 -14.01 -2.52 -8.71
N HIS B 739 -13.27 -2.84 -7.65
CA HIS B 739 -11.84 -3.11 -7.72
C HIS B 739 -11.59 -4.44 -8.36
N LEU B 740 -12.59 -5.33 -8.28
CA LEU B 740 -12.36 -6.67 -8.83
C LEU B 740 -12.70 -6.77 -10.27
N ARG B 741 -12.76 -5.60 -10.88
CA ARG B 741 -13.24 -5.51 -12.24
C ARG B 741 -12.34 -5.24 -13.37
N ALA B 742 -12.79 -5.87 -14.41
CA ALA B 742 -12.12 -5.72 -15.68
C ALA B 742 -11.59 -4.30 -15.86
N TYR B 743 -10.26 -4.25 -16.08
CA TYR B 743 -9.36 -3.12 -16.40
C TYR B 743 -9.47 -1.74 -15.69
N ALA B 744 -10.05 -1.73 -14.50
CA ALA B 744 -10.19 -0.53 -13.72
C ALA B 744 -8.85 0.08 -13.34
N GLN B 745 -8.69 1.40 -13.39
CA GLN B 745 -7.45 2.00 -12.90
C GLN B 745 -7.44 1.74 -11.41
N THR B 746 -6.24 1.60 -10.82
CA THR B 746 -6.09 1.18 -9.41
C THR B 746 -7.00 1.97 -8.46
N ASN B 747 -7.40 3.17 -8.91
CA ASN B 747 -8.42 3.96 -8.24
C ASN B 747 -9.56 4.31 -9.20
N PRO B 748 -10.58 3.43 -9.29
CA PRO B 748 -11.75 3.57 -10.16
C PRO B 748 -12.72 4.72 -9.84
N LEU B 749 -12.27 5.75 -9.12
CA LEU B 749 -13.11 6.91 -8.80
C LEU B 749 -13.94 7.40 -10.00
N ARG B 750 -13.32 7.43 -11.18
CA ARG B 750 -14.00 7.87 -12.39
C ARG B 750 -15.21 6.99 -12.71
N GLU B 751 -14.99 5.71 -12.94
CA GLU B 751 -16.11 4.82 -13.19
C GLU B 751 -17.13 4.89 -12.02
N TYR B 752 -16.61 4.88 -10.80
CA TYR B 752 -17.49 4.81 -9.63
C TYR B 752 -18.48 5.96 -9.59
N GLN B 753 -18.03 7.12 -10.05
CA GLN B 753 -18.88 8.31 -10.13
C GLN B 753 -20.08 8.16 -11.07
N MET B 754 -19.77 8.17 -12.37
CA MET B 754 -20.78 8.04 -13.42
C MET B 754 -21.79 6.96 -13.10
N GLU B 755 -21.30 5.82 -12.62
CA GLU B 755 -22.19 4.75 -12.25
C GLU B 755 -23.00 5.28 -11.08
N GLY B 756 -22.31 5.69 -10.02
CA GLY B 756 -22.94 6.17 -8.78
C GLY B 756 -24.01 7.23 -8.99
N PHE B 757 -23.81 8.11 -9.95
CA PHE B 757 -24.85 9.11 -10.22
C PHE B 757 -25.97 8.70 -11.17
N ALA B 758 -25.69 7.81 -12.11
CA ALA B 758 -26.77 7.20 -12.87
C ALA B 758 -27.70 6.51 -11.86
N MET B 759 -27.11 5.61 -11.06
CA MET B 759 -27.85 4.93 -10.01
C MET B 759 -28.75 5.91 -9.24
N PHE B 760 -28.21 7.07 -8.86
CA PHE B 760 -29.00 8.08 -8.13
C PHE B 760 -30.22 8.55 -8.92
N GLU B 761 -30.02 8.83 -10.22
CA GLU B 761 -31.12 9.35 -11.03
C GLU B 761 -32.25 8.34 -11.17
N HIS B 762 -31.96 7.09 -11.59
CA HIS B 762 -33.01 6.06 -11.69
C HIS B 762 -33.75 5.88 -10.36
N MET B 763 -33.04 6.12 -9.28
CA MET B 763 -33.60 5.96 -7.97
C MET B 763 -34.73 6.95 -7.81
N ILE B 764 -34.41 8.24 -7.93
CA ILE B 764 -35.37 9.33 -7.89
C ILE B 764 -36.56 8.92 -8.76
N GLU B 765 -36.27 8.65 -10.03
CA GLU B 765 -37.22 8.15 -11.01
C GLU B 765 -38.12 7.07 -10.50
N SER B 766 -37.52 6.09 -9.80
CA SER B 766 -38.26 4.94 -9.33
C SER B 766 -39.17 5.28 -8.19
N ILE B 767 -38.82 6.27 -7.37
CA ILE B 767 -39.76 6.75 -6.33
C ILE B 767 -41.02 7.29 -6.96
N GLU B 768 -40.81 8.09 -8.00
CA GLU B 768 -41.92 8.67 -8.75
C GLU B 768 -42.86 7.58 -9.27
N ASP B 769 -42.33 6.48 -9.84
CA ASP B 769 -43.22 5.45 -10.40
C ASP B 769 -44.20 5.05 -9.34
N GLU B 770 -43.66 4.77 -8.17
CA GLU B 770 -44.40 4.16 -7.12
C GLU B 770 -45.36 5.17 -6.55
N VAL B 771 -44.81 6.26 -6.03
CA VAL B 771 -45.62 7.31 -5.49
C VAL B 771 -46.79 7.51 -6.45
N ALA B 772 -46.47 7.66 -7.75
CA ALA B 772 -47.45 7.93 -8.80
C ALA B 772 -48.42 6.78 -9.01
N LYS B 773 -47.86 5.57 -9.19
CA LYS B 773 -48.69 4.39 -9.42
C LYS B 773 -49.54 4.18 -8.19
N PHE B 774 -48.86 4.03 -7.06
CA PHE B 774 -49.48 3.64 -5.81
C PHE B 774 -50.58 4.61 -5.34
N VAL B 775 -50.32 5.91 -5.43
CA VAL B 775 -51.38 6.88 -5.08
C VAL B 775 -52.57 6.78 -6.02
N MET B 776 -52.32 6.51 -7.30
CA MET B 776 -53.42 6.48 -8.25
C MET B 776 -54.40 5.36 -8.01
N LYS B 777 -53.92 4.19 -7.60
CA LYS B 777 -54.88 3.26 -7.03
C LYS B 777 -54.31 2.18 -6.13
N ALA B 778 -54.17 2.54 -4.85
CA ALA B 778 -53.86 1.59 -3.81
C ALA B 778 -54.92 1.86 -2.79
N GLU B 779 -55.94 1.04 -2.80
CA GLU B 779 -57.11 1.28 -1.96
C GLU B 779 -56.87 0.99 -0.48
N ILE B 780 -57.68 1.61 0.36
CA ILE B 780 -57.66 1.32 1.79
C ILE B 780 -58.94 0.54 2.16
PB ADP C . 5.10 -29.41 -10.41
O1B ADP C . 6.21 -28.41 -10.14
O2B ADP C . 4.75 -30.26 -9.21
O3B ADP C . 3.90 -28.87 -11.16
PA ADP C . 6.95 -31.46 -11.20
O1A ADP C . 7.48 -31.16 -9.82
O2A ADP C . 7.91 -31.45 -12.37
O3A ADP C . 5.75 -30.42 -11.50
O5' ADP C . 6.18 -32.89 -11.18
C5' ADP C . 5.48 -33.35 -10.01
C4' ADP C . 6.02 -34.71 -9.48
O4' ADP C . 5.26 -35.79 -10.08
C3' ADP C . 7.52 -34.91 -9.76
O3' ADP C . 8.31 -35.11 -8.51
C2' ADP C . 7.56 -36.16 -10.68
O2' ADP C . 8.44 -37.18 -10.13
C1' ADP C . 6.12 -36.66 -10.84
N9 ADP C . 5.71 -36.67 -12.29
C8 ADP C . 5.45 -35.58 -13.06
N7 ADP C . 5.12 -35.95 -14.32
C5 ADP C . 5.15 -37.31 -14.39
C6 ADP C . 4.90 -38.36 -15.43
N6 ADP C . 4.56 -38.03 -16.67
N1 ADP C . 5.04 -39.67 -15.07
C2 ADP C . 5.41 -40.03 -13.81
N3 ADP C . 5.65 -39.14 -12.82
C4 ADP C . 5.53 -37.78 -13.03
#